data_6O3U
#
_entry.id   6O3U
#
_cell.length_a   276.200
_cell.length_b   276.200
_cell.length_c   276.200
_cell.angle_alpha   90.00
_cell.angle_beta   90.00
_cell.angle_gamma   90.00
#
_symmetry.space_group_name_H-M   'I 21 3'
#
loop_
_entity.id
_entity.type
_entity.pdbx_description
1 polymer 'PGZL1.H4K3 light chain'
2 polymer 'PGZL1.H4K3 heavy chain'
3 non-polymer GLYCEROL
4 non-polymer 'SULFATE ION'
5 non-polymer '(2R)-3-(phosphonooxy)propane-1,2-diyl dihexanoate'
6 water water
#
loop_
_entity_poly.entity_id
_entity_poly.type
_entity_poly.pdbx_seq_one_letter_code
_entity_poly.pdbx_strand_id
1 'polypeptide(L)'
;EIVLTQSPGTFALSPGERATLSCRASQSVSGGALAWYQQKAGQAPRLLIYGTSGRATGVPGRFSGSGSETDFSLTISRLE
PEDFAVYYCQQYGTSQSTFGQGTRLETRRTVAAPSVFIFPPSDEQLKSGTASVVCLLNNFYPREAKVQWKVDNALQSGNS
QESVTEQDSKDSTYSLSSTLTLSKADYEKHKVYACEVTHQGLSSPVTKSFNRGEC
;
L,A,C,E
2 'polypeptide(L)'
;KVQLVQSGAELKKPWSSVRVSCKASGGSFSSYAFNWVRQAPGQRLEWLGGIVPLVSSTNYAQRFRGRVTISADRSTSTVY
LEMTGLTSADTAVYFCAREGEGWFGRPLRAFEFWGQGTLVTVSTASTKGPSVFPLAPSSKSTSGGTAALGCLVKDYFPEP
VTVSWNSGALTSGVHTFPAVLQSSGLYSLSSVVTVPSSSLGTQTYICNVNHKPSNTKVDKKVEPKSC
;
H,B,D,F
#
loop_
_chem_comp.id
_chem_comp.type
_chem_comp.name
_chem_comp.formula
44E non-polymer '(2R)-3-(phosphonooxy)propane-1,2-diyl dihexanoate' 'C15 H29 O8 P'
GOL non-polymer GLYCEROL 'C3 H8 O3'
SO4 non-polymer 'SULFATE ION' 'O4 S -2'
#
# COMPACT_ATOMS: atom_id res chain seq x y z
N GLU A 1 -11.70 -30.06 -1.93
CA GLU A 1 -10.46 -30.46 -1.25
C GLU A 1 -9.33 -30.65 -2.25
N ILE A 2 -8.14 -30.20 -1.86
CA ILE A 2 -6.93 -30.40 -2.66
C ILE A 2 -6.25 -31.68 -2.19
N VAL A 3 -5.90 -32.55 -3.14
CA VAL A 3 -5.22 -33.81 -2.85
C VAL A 3 -3.79 -33.68 -3.34
N LEU A 4 -2.83 -33.83 -2.44
CA LEU A 4 -1.41 -33.82 -2.79
C LEU A 4 -0.94 -35.25 -3.04
N THR A 5 -0.25 -35.45 -4.16
CA THR A 5 0.29 -36.75 -4.52
C THR A 5 1.79 -36.61 -4.74
N GLN A 6 2.58 -37.38 -3.99
CA GLN A 6 4.02 -37.30 -4.04
C GLN A 6 4.60 -38.44 -4.87
N SER A 7 5.77 -38.17 -5.46
CA SER A 7 6.44 -39.14 -6.30
C SER A 7 7.95 -38.96 -6.15
N PRO A 8 8.71 -40.08 -6.14
CA PRO A 8 8.16 -41.44 -6.21
C PRO A 8 7.70 -41.96 -4.87
N GLY A 9 7.27 -43.23 -4.82
CA GLY A 9 6.86 -43.80 -3.55
C GLY A 9 8.04 -44.05 -2.63
N THR A 10 9.08 -44.70 -3.15
CA THR A 10 10.31 -44.94 -2.40
C THR A 10 11.50 -44.71 -3.31
N PHE A 11 12.44 -43.90 -2.86
CA PHE A 11 13.64 -43.57 -3.61
C PHE A 11 14.84 -44.27 -2.98
N ALA A 12 15.70 -44.84 -3.83
CA ALA A 12 16.91 -45.53 -3.40
C ALA A 12 18.11 -44.80 -3.99
N LEU A 13 18.79 -44.01 -3.18
CA LEU A 13 19.93 -43.22 -3.61
C LEU A 13 21.10 -43.41 -2.65
N SER A 14 22.27 -42.91 -3.06
CA SER A 14 23.48 -42.98 -2.28
C SER A 14 23.89 -41.57 -1.83
N PRO A 15 24.59 -41.46 -0.69
CA PRO A 15 25.02 -40.13 -0.23
C PRO A 15 25.93 -39.46 -1.26
N GLY A 16 25.78 -38.15 -1.38
CA GLY A 16 26.50 -37.38 -2.38
C GLY A 16 25.78 -37.20 -3.70
N GLU A 17 24.63 -37.82 -3.87
CA GLU A 17 23.81 -37.66 -5.06
C GLU A 17 22.75 -36.59 -4.85
N ARG A 18 22.12 -36.19 -5.95
CA ARG A 18 21.07 -35.19 -5.93
C ARG A 18 19.71 -35.87 -5.93
N ALA A 19 18.82 -35.43 -5.06
CA ALA A 19 17.50 -36.03 -4.90
C ALA A 19 16.43 -35.01 -5.25
N THR A 20 15.48 -35.41 -6.08
CA THR A 20 14.37 -34.54 -6.49
C THR A 20 13.06 -35.26 -6.21
N LEU A 21 12.26 -34.70 -5.32
CA LEU A 21 10.96 -35.26 -4.93
C LEU A 21 9.87 -34.34 -5.45
N SER A 22 8.87 -34.91 -6.12
CA SER A 22 7.81 -34.13 -6.74
C SER A 22 6.51 -34.26 -5.97
N CYS A 23 5.73 -33.18 -5.97
CA CYS A 23 4.46 -33.10 -5.26
C CYS A 23 3.47 -32.38 -6.17
N ARG A 24 2.44 -33.09 -6.62
CA ARG A 24 1.46 -32.54 -7.53
C ARG A 24 0.10 -32.39 -6.84
N ALA A 25 -0.56 -31.27 -7.10
CA ALA A 25 -1.83 -30.94 -6.48
C ALA A 25 -2.99 -31.17 -7.45
N SER A 26 -4.14 -31.53 -6.88
CA SER A 26 -5.33 -31.79 -7.68
C SER A 26 -5.85 -30.52 -8.36
N GLN A 27 -5.55 -29.35 -7.81
CA GLN A 27 -5.89 -28.09 -8.45
C GLN A 27 -4.86 -27.05 -8.04
N SER A 28 -5.05 -25.83 -8.53
CA SER A 28 -4.06 -24.77 -8.33
C SER A 28 -3.90 -24.46 -6.85
N VAL A 29 -2.64 -24.45 -6.40
CA VAL A 29 -2.32 -24.05 -5.03
C VAL A 29 -2.18 -22.53 -4.98
N SER A 30 -2.76 -21.91 -3.96
CA SER A 30 -2.74 -20.46 -3.84
C SER A 30 -1.30 -19.94 -3.73
N GLY A 31 -1.19 -18.61 -3.80
CA GLY A 31 0.07 -17.90 -3.90
C GLY A 31 1.28 -18.47 -3.19
N GLY A 32 1.84 -19.55 -3.76
CA GLY A 32 3.04 -20.16 -3.23
C GLY A 32 2.95 -20.58 -1.77
N ALA A 33 1.87 -21.28 -1.41
CA ALA A 33 1.67 -21.72 -0.03
C ALA A 33 1.90 -23.22 0.07
N LEU A 34 3.16 -23.59 -0.11
CA LEU A 34 3.60 -24.99 -0.10
C LEU A 34 4.65 -25.16 0.99
N ALA A 35 4.61 -26.30 1.68
CA ALA A 35 5.57 -26.60 2.73
C ALA A 35 6.14 -27.99 2.53
N TRP A 36 7.37 -28.19 3.00
CA TRP A 36 8.07 -29.47 2.93
C TRP A 36 8.61 -29.79 4.31
N TYR A 37 8.29 -30.99 4.80
CA TYR A 37 8.72 -31.49 6.10
C TYR A 37 9.54 -32.77 5.93
N GLN A 38 10.48 -32.96 6.84
CA GLN A 38 11.25 -34.18 6.98
C GLN A 38 10.84 -34.89 8.26
N GLN A 39 10.73 -36.21 8.19
CA GLN A 39 10.35 -37.00 9.36
C GLN A 39 11.18 -38.27 9.39
N LYS A 40 11.82 -38.52 10.53
CA LYS A 40 12.53 -39.76 10.80
C LYS A 40 11.72 -40.60 11.77
N ALA A 41 11.92 -41.92 11.70
CA ALA A 41 11.08 -42.84 12.45
C ALA A 41 11.14 -42.56 13.95
N GLY A 42 9.96 -42.53 14.57
CA GLY A 42 9.86 -42.31 16.00
C GLY A 42 9.86 -40.85 16.43
N GLN A 43 10.03 -39.93 15.50
CA GLN A 43 10.13 -38.50 15.82
C GLN A 43 8.98 -37.74 15.17
N ALA A 44 8.92 -36.45 15.47
CA ALA A 44 7.96 -35.53 14.88
C ALA A 44 8.53 -34.93 13.60
N PRO A 45 7.68 -34.44 12.70
CA PRO A 45 8.19 -33.81 11.48
C PRO A 45 9.03 -32.59 11.77
N ARG A 46 9.98 -32.31 10.87
CA ARG A 46 10.87 -31.17 10.95
C ARG A 46 10.64 -30.29 9.73
N LEU A 47 10.26 -29.05 9.94
CA LEU A 47 9.97 -28.14 8.83
C LEU A 47 11.24 -27.85 8.04
N LEU A 48 11.22 -28.17 6.75
CA LEU A 48 12.33 -27.87 5.86
C LEU A 48 12.09 -26.63 5.02
N ILE A 49 10.95 -26.57 4.32
CA ILE A 49 10.66 -25.47 3.41
C ILE A 49 9.28 -24.90 3.74
N TYR A 50 9.19 -23.58 3.81
CA TYR A 50 7.92 -22.89 4.00
C TYR A 50 7.67 -21.95 2.82
N GLY A 51 6.43 -21.94 2.35
CA GLY A 51 6.07 -21.08 1.24
C GLY A 51 6.82 -21.40 -0.04
N THR A 52 6.67 -22.64 -0.53
CA THR A 52 7.24 -23.10 -1.78
C THR A 52 8.77 -23.08 -1.79
N SER A 53 9.37 -21.90 -1.56
CA SER A 53 10.81 -21.74 -1.72
C SER A 53 11.55 -21.29 -0.46
N GLY A 54 10.84 -20.93 0.61
CA GLY A 54 11.50 -20.40 1.79
C GLY A 54 12.17 -21.48 2.62
N ARG A 55 13.45 -21.27 2.94
CA ARG A 55 14.19 -22.21 3.77
C ARG A 55 13.93 -21.89 5.24
N ALA A 56 13.56 -22.92 6.01
CA ALA A 56 13.27 -22.73 7.42
C ALA A 56 14.54 -22.39 8.18
N THR A 57 14.35 -21.85 9.39
CA THR A 57 15.48 -21.47 10.23
C THR A 57 16.31 -22.69 10.60
N GLY A 58 17.62 -22.59 10.36
CA GLY A 58 18.54 -23.67 10.66
C GLY A 58 18.62 -24.76 9.63
N VAL A 59 17.69 -24.82 8.69
CA VAL A 59 17.72 -25.84 7.64
C VAL A 59 18.95 -25.61 6.76
N PRO A 60 19.73 -26.66 6.46
CA PRO A 60 20.91 -26.49 5.63
C PRO A 60 20.58 -25.94 4.25
N GLY A 61 21.59 -25.38 3.59
CA GLY A 61 21.39 -24.75 2.30
C GLY A 61 21.20 -25.72 1.16
N ARG A 62 21.56 -26.99 1.33
CA ARG A 62 21.42 -27.97 0.27
C ARG A 62 19.96 -28.32 -0.02
N PHE A 63 19.04 -27.96 0.88
CA PHE A 63 17.61 -28.16 0.65
C PHE A 63 17.05 -26.93 -0.07
N SER A 64 16.32 -27.16 -1.16
CA SER A 64 15.69 -26.08 -1.89
C SER A 64 14.29 -26.50 -2.33
N GLY A 65 13.38 -25.55 -2.34
CA GLY A 65 12.01 -25.79 -2.76
C GLY A 65 11.68 -24.96 -3.99
N SER A 66 10.97 -25.56 -4.94
CA SER A 66 10.60 -24.88 -6.16
C SER A 66 9.23 -25.37 -6.60
N GLY A 67 8.70 -24.72 -7.63
CA GLY A 67 7.44 -25.12 -8.22
C GLY A 67 6.37 -24.04 -8.11
N SER A 68 5.25 -24.32 -8.76
CA SER A 68 4.13 -23.39 -8.80
C SER A 68 2.88 -24.14 -9.24
N GLU A 69 1.73 -23.47 -9.09
CA GLU A 69 0.44 -23.96 -9.56
C GLU A 69 0.12 -25.34 -9.01
N THR A 70 0.42 -26.39 -9.79
CA THR A 70 0.06 -27.75 -9.42
C THR A 70 1.27 -28.68 -9.35
N ASP A 71 2.48 -28.16 -9.51
CA ASP A 71 3.68 -28.99 -9.52
C ASP A 71 4.75 -28.33 -8.67
N PHE A 72 5.21 -29.02 -7.64
CA PHE A 72 6.26 -28.51 -6.77
C PHE A 72 7.32 -29.59 -6.59
N SER A 73 8.51 -29.17 -6.16
CA SER A 73 9.64 -30.08 -6.03
C SER A 73 10.52 -29.67 -4.87
N LEU A 74 10.97 -30.66 -4.12
CA LEU A 74 12.01 -30.50 -3.11
C LEU A 74 13.30 -31.12 -3.64
N THR A 75 14.39 -30.36 -3.61
CA THR A 75 15.66 -30.80 -4.17
C THR A 75 16.73 -30.75 -3.09
N ILE A 76 17.34 -31.89 -2.83
CA ILE A 76 18.52 -31.99 -1.99
C ILE A 76 19.72 -32.12 -2.92
N SER A 77 20.56 -31.08 -2.96
CA SER A 77 21.62 -31.01 -3.97
C SER A 77 22.63 -32.12 -3.79
N ARG A 78 23.13 -32.30 -2.57
CA ARG A 78 24.16 -33.31 -2.28
C ARG A 78 23.72 -34.08 -1.04
N LEU A 79 23.27 -35.31 -1.23
CA LEU A 79 22.73 -36.11 -0.14
C LEU A 79 23.80 -36.42 0.89
N GLU A 80 23.45 -36.28 2.16
CA GLU A 80 24.27 -36.66 3.29
C GLU A 80 23.57 -37.76 4.08
N PRO A 81 24.32 -38.54 4.87
CA PRO A 81 23.71 -39.71 5.53
C PRO A 81 22.49 -39.38 6.39
N GLU A 82 22.47 -38.22 7.05
CA GLU A 82 21.33 -37.87 7.89
C GLU A 82 20.14 -37.33 7.10
N ASP A 83 20.23 -37.29 5.77
CA ASP A 83 19.13 -36.80 4.94
C ASP A 83 18.16 -37.90 4.52
N PHE A 84 18.48 -39.16 4.80
CA PHE A 84 17.63 -40.28 4.38
C PHE A 84 16.51 -40.46 5.39
N ALA A 85 15.30 -40.07 5.00
CA ALA A 85 14.13 -40.15 5.86
C ALA A 85 12.89 -40.06 4.98
N VAL A 86 11.74 -39.83 5.60
CA VAL A 86 10.48 -39.65 4.88
C VAL A 86 10.23 -38.17 4.70
N TYR A 87 9.73 -37.78 3.54
CA TYR A 87 9.50 -36.38 3.22
C TYR A 87 8.04 -36.17 2.84
N TYR A 88 7.43 -35.14 3.42
CA TYR A 88 6.03 -34.82 3.18
C TYR A 88 5.91 -33.42 2.60
N CYS A 89 4.99 -33.25 1.66
CA CYS A 89 4.60 -31.93 1.22
C CYS A 89 3.23 -31.58 1.79
N GLN A 90 2.99 -30.28 1.95
CA GLN A 90 1.76 -29.78 2.53
C GLN A 90 1.28 -28.56 1.77
N GLN A 91 -0.03 -28.49 1.55
CA GLN A 91 -0.66 -27.30 1.00
C GLN A 91 -1.42 -26.59 2.11
N TYR A 92 -1.10 -25.31 2.30
CA TYR A 92 -1.78 -24.41 3.25
C TYR A 92 -2.74 -23.54 2.44
N GLY A 93 -3.93 -24.08 2.18
CA GLY A 93 -4.93 -23.32 1.47
C GLY A 93 -5.55 -22.22 2.30
N THR A 94 -6.86 -22.29 2.49
CA THR A 94 -7.57 -21.35 3.35
C THR A 94 -8.71 -22.09 4.01
N SER A 95 -8.73 -22.08 5.35
CA SER A 95 -9.66 -22.87 6.17
C SER A 95 -9.54 -24.36 5.92
N GLN A 96 -8.47 -24.80 5.27
CA GLN A 96 -8.18 -26.20 5.03
C GLN A 96 -6.73 -26.34 4.61
N SER A 97 -6.11 -27.44 5.02
CA SER A 97 -4.71 -27.70 4.71
C SER A 97 -4.49 -29.20 4.68
N THR A 98 -3.78 -29.68 3.66
CA THR A 98 -3.61 -31.13 3.49
C THR A 98 -2.15 -31.48 3.26
N PHE A 99 -1.86 -32.78 3.34
CA PHE A 99 -0.52 -33.31 3.15
C PHE A 99 -0.51 -34.35 2.04
N GLY A 100 0.70 -34.62 1.52
CA GLY A 100 0.89 -35.73 0.60
C GLY A 100 1.17 -37.02 1.33
N GLN A 101 1.13 -38.13 0.59
CA GLN A 101 1.31 -39.44 1.21
C GLN A 101 2.75 -39.67 1.66
N GLY A 102 3.70 -38.93 1.10
CA GLY A 102 5.07 -39.01 1.55
C GLY A 102 5.95 -39.81 0.62
N THR A 103 7.23 -39.47 0.60
CA THR A 103 8.25 -40.17 -0.16
C THR A 103 9.36 -40.60 0.80
N ARG A 104 9.78 -41.85 0.71
CA ARG A 104 10.79 -42.40 1.61
C ARG A 104 12.11 -42.52 0.85
N LEU A 105 13.13 -41.80 1.33
CA LEU A 105 14.47 -41.84 0.77
C LEU A 105 15.29 -42.85 1.58
N GLU A 106 15.67 -43.95 0.95
CA GLU A 106 16.45 -44.99 1.60
C GLU A 106 17.87 -44.98 1.07
N THR A 107 18.81 -45.38 1.92
CA THR A 107 20.19 -45.52 1.50
C THR A 107 20.34 -46.75 0.61
N ARG A 108 20.97 -46.55 -0.55
CA ARG A 108 21.21 -47.64 -1.49
C ARG A 108 22.51 -48.35 -1.13
N ARG A 109 22.50 -49.68 -1.23
CA ARG A 109 23.68 -50.48 -0.90
C ARG A 109 23.71 -51.71 -1.79
N THR A 110 24.76 -52.50 -1.63
CA THR A 110 24.90 -53.76 -2.35
C THR A 110 23.82 -54.74 -1.89
N VAL A 111 23.31 -55.54 -2.84
CA VAL A 111 22.33 -56.56 -2.51
C VAL A 111 22.89 -57.48 -1.44
N ALA A 112 22.07 -57.78 -0.43
CA ALA A 112 22.48 -58.63 0.68
C ALA A 112 21.43 -59.72 0.89
N ALA A 113 21.89 -60.97 0.94
CA ALA A 113 21.00 -62.08 1.19
C ALA A 113 20.62 -62.15 2.66
N PRO A 114 19.39 -62.57 2.97
CA PRO A 114 18.96 -62.63 4.36
C PRO A 114 19.52 -63.86 5.07
N SER A 115 19.87 -63.68 6.34
CA SER A 115 20.25 -64.78 7.21
C SER A 115 18.96 -65.33 7.84
N VAL A 116 18.60 -66.56 7.50
CA VAL A 116 17.31 -67.12 7.87
C VAL A 116 17.47 -68.00 9.11
N PHE A 117 16.62 -67.77 10.10
CA PHE A 117 16.56 -68.59 11.31
C PHE A 117 15.11 -68.97 11.56
N ILE A 118 14.91 -70.09 12.24
CA ILE A 118 13.57 -70.56 12.58
C ILE A 118 13.54 -70.93 14.05
N PHE A 119 12.50 -70.48 14.75
CA PHE A 119 12.32 -70.71 16.18
C PHE A 119 11.03 -71.46 16.41
N PRO A 120 11.06 -72.65 17.01
CA PRO A 120 9.83 -73.37 17.34
C PRO A 120 9.15 -72.74 18.54
N PRO A 121 7.87 -73.04 18.76
CA PRO A 121 7.20 -72.50 19.95
C PRO A 121 7.78 -73.11 21.22
N SER A 122 8.04 -72.25 22.20
CA SER A 122 8.63 -72.70 23.45
C SER A 122 7.66 -73.60 24.21
N ASP A 123 8.22 -74.47 25.07
CA ASP A 123 7.38 -75.32 25.91
C ASP A 123 6.53 -74.49 26.85
N GLU A 124 7.07 -73.37 27.33
CA GLU A 124 6.31 -72.48 28.21
C GLU A 124 5.09 -71.91 27.51
N GLN A 125 5.19 -71.66 26.20
CA GLN A 125 4.03 -71.21 25.44
C GLN A 125 3.06 -72.35 25.18
N LEU A 126 3.58 -73.53 24.82
CA LEU A 126 2.70 -74.67 24.57
C LEU A 126 1.92 -75.06 25.81
N LYS A 127 2.45 -74.76 27.00
CA LYS A 127 1.70 -75.00 28.23
C LYS A 127 0.54 -74.02 28.40
N SER A 128 0.31 -73.13 27.44
CA SER A 128 -0.77 -72.16 27.50
C SER A 128 -1.83 -72.37 26.42
N GLY A 129 -1.64 -73.33 25.52
CA GLY A 129 -2.65 -73.70 24.55
C GLY A 129 -2.51 -73.11 23.17
N THR A 130 -1.42 -72.39 22.88
CA THR A 130 -1.19 -71.82 21.56
C THR A 130 0.25 -72.09 21.15
N ALA A 131 0.53 -71.95 19.86
CA ALA A 131 1.86 -72.19 19.33
C ALA A 131 2.21 -71.09 18.33
N SER A 132 3.39 -70.48 18.51
CA SER A 132 3.88 -69.44 17.62
C SER A 132 5.23 -69.89 17.08
N VAL A 133 5.29 -70.16 15.77
CA VAL A 133 6.54 -70.47 15.09
C VAL A 133 7.06 -69.20 14.44
N VAL A 134 8.36 -68.92 14.59
CA VAL A 134 8.93 -67.65 14.15
C VAL A 134 9.97 -67.93 13.06
N CYS A 135 9.96 -67.10 12.02
CA CYS A 135 10.96 -67.11 10.98
C CYS A 135 11.59 -65.72 10.93
N LEU A 136 12.91 -65.68 11.13
CA LEU A 136 13.67 -64.43 11.17
C LEU A 136 14.52 -64.32 9.91
N LEU A 137 14.40 -63.19 9.21
CA LEU A 137 15.21 -62.86 8.04
C LEU A 137 16.06 -61.67 8.46
N ASN A 138 17.31 -61.94 8.82
CA ASN A 138 18.19 -60.94 9.42
C ASN A 138 19.06 -60.29 8.35
N ASN A 139 19.08 -58.95 8.34
CA ASN A 139 19.98 -58.13 7.54
C ASN A 139 20.01 -58.51 6.07
N PHE A 140 19.11 -57.94 5.28
CA PHE A 140 19.08 -58.16 3.85
C PHE A 140 18.76 -56.86 3.14
N TYR A 141 18.91 -56.88 1.81
CA TYR A 141 18.64 -55.72 0.96
C TYR A 141 18.50 -56.22 -0.47
N PRO A 142 17.49 -55.75 -1.23
CA PRO A 142 16.51 -54.72 -0.86
C PRO A 142 15.40 -55.20 0.07
N ARG A 143 14.40 -54.35 0.26
CA ARG A 143 13.35 -54.61 1.25
C ARG A 143 12.45 -55.76 0.83
N GLU A 144 12.23 -55.94 -0.48
CA GLU A 144 11.28 -56.94 -0.95
C GLU A 144 11.78 -58.34 -0.67
N ALA A 145 10.95 -59.14 0.01
CA ALA A 145 11.25 -60.53 0.30
C ALA A 145 9.94 -61.29 0.42
N LYS A 146 10.02 -62.61 0.25
CA LYS A 146 8.83 -63.45 0.30
C LYS A 146 9.05 -64.59 1.28
N VAL A 147 8.11 -64.78 2.20
CA VAL A 147 8.15 -65.83 3.20
C VAL A 147 6.92 -66.72 3.02
N GLN A 148 7.14 -68.03 2.93
CA GLN A 148 6.06 -68.99 2.78
C GLN A 148 6.19 -70.07 3.86
N TRP A 149 5.10 -70.30 4.59
CA TRP A 149 5.07 -71.30 5.64
C TRP A 149 4.58 -72.64 5.10
N LYS A 150 5.18 -73.73 5.56
CA LYS A 150 4.79 -75.07 5.15
C LYS A 150 4.72 -75.97 6.37
N VAL A 151 3.55 -76.57 6.58
CA VAL A 151 3.32 -77.52 7.67
C VAL A 151 3.12 -78.88 7.03
N ASP A 152 4.07 -79.79 7.22
CA ASP A 152 4.11 -81.08 6.54
C ASP A 152 4.04 -80.89 5.02
N ASN A 153 4.79 -79.89 4.54
CA ASN A 153 4.86 -79.54 3.12
C ASN A 153 3.46 -79.21 2.58
N ALA A 154 2.84 -78.21 3.21
CA ALA A 154 1.54 -77.71 2.80
C ALA A 154 1.54 -76.19 2.99
N LEU A 155 1.39 -75.45 1.90
CA LEU A 155 1.50 -74.00 1.97
C LEU A 155 0.34 -73.41 2.77
N GLN A 156 0.67 -72.50 3.69
CA GLN A 156 -0.31 -71.86 4.54
C GLN A 156 -0.79 -70.55 3.92
N SER A 157 -1.90 -70.03 4.45
CA SER A 157 -2.46 -68.77 3.96
C SER A 157 -3.40 -68.22 5.02
N GLY A 158 -3.09 -67.02 5.54
CA GLY A 158 -3.93 -66.32 6.48
C GLY A 158 -3.47 -66.41 7.92
N ASN A 159 -2.85 -67.52 8.31
CA ASN A 159 -2.43 -67.75 9.69
C ASN A 159 -0.99 -67.31 9.95
N SER A 160 -0.54 -66.24 9.29
CA SER A 160 0.82 -65.76 9.48
C SER A 160 0.85 -64.24 9.34
N GLN A 161 1.55 -63.59 10.25
CA GLN A 161 1.70 -62.13 10.22
C GLN A 161 3.19 -61.77 10.31
N GLU A 162 3.60 -60.78 9.55
CA GLU A 162 5.01 -60.40 9.52
C GLU A 162 5.16 -58.90 9.74
N SER A 163 6.39 -58.51 10.08
CA SER A 163 6.74 -57.11 10.28
C SER A 163 8.21 -56.90 9.90
N VAL A 164 8.50 -55.72 9.35
CA VAL A 164 9.82 -55.36 8.85
C VAL A 164 10.33 -54.15 9.61
N THR A 165 11.60 -54.21 10.02
CA THR A 165 12.21 -53.09 10.72
C THR A 165 12.53 -51.95 9.75
N GLU A 166 12.81 -50.78 10.32
CA GLU A 166 13.33 -49.68 9.53
C GLU A 166 14.71 -50.02 8.99
N GLN A 167 15.14 -49.26 7.98
CA GLN A 167 16.46 -49.47 7.43
C GLN A 167 17.53 -49.15 8.47
N ASP A 168 18.45 -50.09 8.69
CA ASP A 168 19.46 -49.92 9.70
C ASP A 168 20.36 -48.73 9.37
N SER A 169 20.61 -47.89 10.38
CA SER A 169 21.36 -46.66 10.16
C SER A 169 22.84 -46.89 9.94
N LYS A 170 23.33 -48.13 10.07
CA LYS A 170 24.74 -48.43 9.89
C LYS A 170 25.02 -49.20 8.60
N ASP A 171 24.39 -50.36 8.41
CA ASP A 171 24.66 -51.18 7.23
C ASP A 171 23.59 -51.06 6.16
N SER A 172 22.54 -50.25 6.39
CA SER A 172 21.52 -49.94 5.39
C SER A 172 20.73 -51.16 4.95
N THR A 173 20.48 -52.10 5.87
CA THR A 173 19.78 -53.33 5.56
C THR A 173 18.42 -53.36 6.27
N TYR A 174 17.66 -54.42 6.00
CA TYR A 174 16.35 -54.62 6.59
C TYR A 174 16.30 -55.99 7.26
N SER A 175 15.26 -56.19 8.08
CA SER A 175 15.06 -57.46 8.76
C SER A 175 13.56 -57.71 8.88
N LEU A 176 13.17 -58.97 8.69
CA LEU A 176 11.77 -59.37 8.67
C LEU A 176 11.52 -60.43 9.73
N SER A 177 10.37 -60.34 10.39
CA SER A 177 9.95 -61.34 11.36
C SER A 177 8.56 -61.82 10.98
N SER A 178 8.43 -63.13 10.74
CA SER A 178 7.16 -63.74 10.37
C SER A 178 6.75 -64.71 11.47
N THR A 179 5.51 -64.62 11.92
CA THR A 179 4.98 -65.45 12.99
C THR A 179 3.79 -66.23 12.45
N LEU A 180 3.88 -67.55 12.55
CA LEU A 180 2.79 -68.47 12.22
C LEU A 180 2.14 -68.93 13.51
N THR A 181 0.84 -68.66 13.66
CA THR A 181 0.11 -68.98 14.87
C THR A 181 -0.80 -70.17 14.62
N LEU A 182 -0.70 -71.17 15.49
CA LEU A 182 -1.52 -72.38 15.41
C LEU A 182 -2.06 -72.72 16.79
N SER A 183 -3.13 -73.49 16.79
CA SER A 183 -3.63 -74.07 18.03
C SER A 183 -2.66 -75.16 18.50
N LYS A 184 -2.65 -75.39 19.81
CA LYS A 184 -1.81 -76.44 20.37
C LYS A 184 -2.14 -77.79 19.74
N ALA A 185 -3.42 -78.06 19.50
CA ALA A 185 -3.82 -79.29 18.84
C ALA A 185 -3.27 -79.34 17.41
N ASP A 186 -3.39 -78.24 16.67
CA ASP A 186 -2.87 -78.21 15.31
C ASP A 186 -1.35 -78.30 15.28
N TYR A 187 -0.68 -77.84 16.34
CA TYR A 187 0.77 -77.97 16.39
C TYR A 187 1.20 -79.41 16.69
N GLU A 188 0.55 -80.05 17.67
CA GLU A 188 0.84 -81.46 17.95
C GLU A 188 0.35 -82.38 16.84
N LYS A 189 -0.48 -81.88 15.92
CA LYS A 189 -1.02 -82.72 14.85
C LYS A 189 0.07 -83.13 13.87
N HIS A 190 0.86 -82.18 13.39
CA HIS A 190 1.82 -82.42 12.33
C HIS A 190 3.22 -82.60 12.90
N LYS A 191 4.23 -82.60 12.02
CA LYS A 191 5.59 -82.94 12.41
C LYS A 191 6.61 -81.94 11.87
N VAL A 192 6.55 -81.65 10.58
CA VAL A 192 7.55 -80.80 9.91
C VAL A 192 7.00 -79.38 9.82
N TYR A 193 7.82 -78.40 10.17
CA TYR A 193 7.45 -76.99 10.06
C TYR A 193 8.61 -76.25 9.40
N ALA A 194 8.33 -75.59 8.28
CA ALA A 194 9.37 -74.96 7.49
C ALA A 194 8.94 -73.58 7.04
N CYS A 195 9.92 -72.70 6.89
CA CYS A 195 9.71 -71.38 6.31
CA CYS A 195 9.73 -71.36 6.34
C CYS A 195 10.68 -71.21 5.16
N GLU A 196 10.12 -70.91 3.98
CA GLU A 196 10.87 -70.77 2.73
C GLU A 196 10.96 -69.30 2.37
N VAL A 197 12.18 -68.84 2.11
CA VAL A 197 12.47 -67.44 1.86
C VAL A 197 12.94 -67.28 0.42
N THR A 198 12.34 -66.33 -0.29
CA THR A 198 12.76 -65.93 -1.63
C THR A 198 13.16 -64.46 -1.60
N HIS A 199 14.37 -64.18 -2.09
CA HIS A 199 14.92 -62.84 -2.07
C HIS A 199 15.85 -62.67 -3.26
N GLN A 200 16.09 -61.41 -3.62
CA GLN A 200 16.93 -61.11 -4.78
C GLN A 200 18.34 -61.66 -4.60
N GLY A 201 18.87 -61.61 -3.38
CA GLY A 201 20.19 -62.11 -3.09
C GLY A 201 20.32 -63.61 -2.98
N LEU A 202 19.30 -64.37 -3.38
CA LEU A 202 19.31 -65.81 -3.30
C LEU A 202 19.06 -66.39 -4.68
N SER A 203 19.99 -67.19 -5.18
CA SER A 203 19.79 -67.86 -6.45
C SER A 203 18.71 -68.94 -6.35
N SER A 204 18.57 -69.55 -5.19
CA SER A 204 17.55 -70.54 -4.91
C SER A 204 16.89 -70.22 -3.58
N PRO A 205 15.59 -70.49 -3.45
CA PRO A 205 14.91 -70.22 -2.18
C PRO A 205 15.54 -70.99 -1.02
N VAL A 206 15.63 -70.35 0.13
CA VAL A 206 16.27 -70.93 1.31
C VAL A 206 15.17 -71.39 2.26
N THR A 207 15.15 -72.69 2.56
CA THR A 207 14.14 -73.28 3.44
C THR A 207 14.80 -73.62 4.77
N LYS A 208 14.25 -73.09 5.85
CA LYS A 208 14.67 -73.44 7.20
C LYS A 208 13.52 -74.19 7.88
N SER A 209 13.79 -75.42 8.31
CA SER A 209 12.76 -76.31 8.80
C SER A 209 13.17 -76.92 10.14
N PHE A 210 12.19 -77.56 10.78
CA PHE A 210 12.45 -78.32 11.99
C PHE A 210 11.34 -79.35 12.18
N ASN A 211 11.66 -80.43 12.88
CA ASN A 211 10.71 -81.45 13.24
C ASN A 211 10.22 -81.22 14.67
N ARG A 212 8.93 -81.45 14.89
CA ARG A 212 8.34 -81.21 16.20
C ARG A 212 8.90 -82.19 17.23
N GLY A 213 9.35 -81.65 18.37
CA GLY A 213 9.83 -82.47 19.46
C GLY A 213 11.14 -83.17 19.20
N GLU A 214 12.19 -82.40 18.93
CA GLU A 214 13.53 -82.94 18.73
C GLU A 214 14.60 -81.96 19.19
N LYS B 1 14.57 -21.10 23.22
CA LYS B 1 14.05 -22.11 22.31
C LYS B 1 12.61 -22.45 22.64
N VAL B 2 11.78 -22.58 21.61
CA VAL B 2 10.37 -22.86 21.80
C VAL B 2 10.19 -24.37 21.98
N GLN B 3 9.60 -24.77 23.10
CA GLN B 3 9.39 -26.18 23.43
C GLN B 3 7.90 -26.45 23.58
N LEU B 4 7.47 -27.61 23.08
CA LEU B 4 6.08 -28.06 23.18
C LEU B 4 6.07 -29.41 23.87
N VAL B 5 5.42 -29.49 25.03
CA VAL B 5 5.35 -30.71 25.83
C VAL B 5 3.89 -31.12 25.92
N GLN B 6 3.57 -32.30 25.40
CA GLN B 6 2.19 -32.76 25.34
C GLN B 6 1.85 -33.65 26.53
N SER B 7 0.57 -34.00 26.63
CA SER B 7 0.11 -34.87 27.70
C SER B 7 0.47 -36.32 27.39
N GLY B 8 0.27 -37.18 28.39
CA GLY B 8 0.61 -38.58 28.23
C GLY B 8 -0.34 -39.31 27.31
N ALA B 9 0.11 -40.48 26.86
CA ALA B 9 -0.70 -41.32 25.98
C ALA B 9 -1.96 -41.78 26.70
N GLU B 10 -3.01 -42.03 25.93
CA GLU B 10 -4.32 -42.37 26.47
C GLU B 10 -4.92 -43.55 25.72
N LEU B 11 -5.78 -44.28 26.42
CA LEU B 11 -6.56 -45.38 25.84
C LEU B 11 -8.02 -45.14 26.18
N LYS B 12 -8.84 -44.88 25.17
CA LYS B 12 -10.25 -44.58 25.36
C LYS B 12 -11.11 -45.64 24.68
N LYS B 13 -12.30 -45.86 25.24
CA LYS B 13 -13.26 -46.76 24.63
C LYS B 13 -14.00 -46.03 23.50
N PRO B 14 -14.51 -46.77 22.51
CA PRO B 14 -15.27 -46.12 21.43
C PRO B 14 -16.44 -45.31 21.95
N TRP B 15 -16.77 -44.25 21.20
CA TRP B 15 -17.88 -43.34 21.48
C TRP B 15 -17.69 -42.60 22.80
N SER B 16 -16.46 -42.45 23.27
CA SER B 16 -16.14 -41.61 24.40
C SER B 16 -15.43 -40.35 23.91
N SER B 17 -14.65 -39.72 24.79
CA SER B 17 -13.96 -38.50 24.45
C SER B 17 -12.52 -38.55 24.94
N VAL B 18 -11.67 -37.74 24.32
CA VAL B 18 -10.26 -37.63 24.69
C VAL B 18 -9.90 -36.16 24.78
N ARG B 19 -8.97 -35.85 25.68
CA ARG B 19 -8.53 -34.47 25.89
C ARG B 19 -7.01 -34.47 25.98
N VAL B 20 -6.36 -33.85 25.00
CA VAL B 20 -4.90 -33.81 24.91
C VAL B 20 -4.45 -32.36 25.09
N SER B 21 -3.40 -32.17 25.90
CA SER B 21 -2.89 -30.84 26.19
C SER B 21 -1.55 -30.63 25.49
N CYS B 22 -1.10 -29.37 25.50
CA CYS B 22 0.15 -28.99 24.83
C CYS B 22 0.64 -27.71 25.51
N LYS B 23 1.65 -27.84 26.37
CA LYS B 23 2.21 -26.71 27.09
C LYS B 23 3.39 -26.14 26.31
N ALA B 24 3.37 -24.82 26.10
CA ALA B 24 4.40 -24.13 25.34
C ALA B 24 5.36 -23.41 26.27
N SER B 25 6.65 -23.47 25.93
CA SER B 25 7.70 -22.85 26.72
C SER B 25 8.64 -22.09 25.82
N GLY B 26 9.26 -21.04 26.36
CA GLY B 26 10.23 -20.28 25.61
C GLY B 26 9.66 -19.07 24.91
N GLY B 27 9.46 -19.17 23.60
CA GLY B 27 8.99 -18.05 22.81
C GLY B 27 7.56 -17.64 23.16
N SER B 28 7.10 -16.61 22.44
CA SER B 28 5.76 -16.11 22.66
C SER B 28 4.72 -17.16 22.33
N PHE B 29 3.61 -17.14 23.07
CA PHE B 29 2.56 -18.14 22.95
C PHE B 29 1.27 -17.57 22.37
N SER B 30 0.83 -16.41 22.87
CA SER B 30 -0.52 -15.94 22.56
C SER B 30 -0.68 -15.51 21.10
N SER B 31 0.41 -15.12 20.43
CA SER B 31 0.30 -14.47 19.13
C SER B 31 0.60 -15.39 17.96
N TYR B 32 0.78 -16.69 18.20
CA TYR B 32 1.04 -17.64 17.13
C TYR B 32 -0.06 -18.70 17.11
N ALA B 33 -0.16 -19.40 15.98
CA ALA B 33 -1.22 -20.38 15.78
C ALA B 33 -0.71 -21.77 16.16
N PHE B 34 -1.34 -22.38 17.16
CA PHE B 34 -1.05 -23.75 17.57
C PHE B 34 -2.04 -24.68 16.89
N ASN B 35 -1.53 -25.70 16.22
CA ASN B 35 -2.35 -26.62 15.45
C ASN B 35 -2.21 -28.04 15.99
N TRP B 36 -3.14 -28.90 15.58
CA TRP B 36 -3.12 -30.32 15.94
C TRP B 36 -3.09 -31.15 14.66
N VAL B 37 -2.07 -31.99 14.53
CA VAL B 37 -1.90 -32.87 13.38
C VAL B 37 -1.78 -34.30 13.92
N ARG B 38 -2.62 -35.19 13.42
CA ARG B 38 -2.59 -36.60 13.82
C ARG B 38 -2.03 -37.45 12.69
N GLN B 39 -1.37 -38.53 13.08
CA GLN B 39 -0.75 -39.45 12.12
C GLN B 39 -1.08 -40.88 12.54
N ALA B 40 -1.95 -41.54 11.78
CA ALA B 40 -2.27 -42.93 12.05
C ALA B 40 -1.05 -43.80 11.78
N PRO B 41 -0.96 -44.96 12.44
CA PRO B 41 0.18 -45.86 12.20
C PRO B 41 0.29 -46.25 10.74
N GLY B 42 1.40 -45.85 10.12
CA GLY B 42 1.65 -46.19 8.73
C GLY B 42 0.86 -45.40 7.71
N GLN B 43 0.21 -44.31 8.11
CA GLN B 43 -0.57 -43.48 7.21
C GLN B 43 -0.05 -42.05 7.23
N ARG B 44 -0.70 -41.17 6.48
CA ARG B 44 -0.19 -39.82 6.26
C ARG B 44 -0.67 -38.86 7.35
N LEU B 45 -0.06 -37.68 7.36
CA LEU B 45 -0.42 -36.63 8.30
C LEU B 45 -1.79 -36.05 7.96
N GLU B 46 -2.50 -35.62 9.00
CA GLU B 46 -3.87 -35.13 8.85
C GLU B 46 -4.07 -33.96 9.80
N TRP B 47 -4.32 -32.78 9.24
CA TRP B 47 -4.52 -31.58 10.04
C TRP B 47 -5.95 -31.53 10.56
N LEU B 48 -6.11 -31.46 11.89
CA LEU B 48 -7.42 -31.40 12.51
C LEU B 48 -7.91 -29.96 12.65
N GLY B 49 -7.10 -29.11 13.26
CA GLY B 49 -7.49 -27.73 13.45
C GLY B 49 -6.37 -26.93 14.09
N GLY B 50 -6.72 -25.75 14.58
CA GLY B 50 -5.76 -24.90 15.26
C GLY B 50 -6.44 -23.73 15.93
N ILE B 51 -5.65 -22.96 16.67
CA ILE B 51 -6.16 -21.81 17.40
C ILE B 51 -5.04 -20.78 17.56
N VAL B 52 -5.43 -19.51 17.54
CA VAL B 52 -4.57 -18.39 17.89
C VAL B 52 -5.04 -17.85 19.24
N PRO B 53 -4.28 -18.05 20.32
CA PRO B 53 -4.83 -17.78 21.66
C PRO B 53 -5.17 -16.33 21.93
N LEU B 54 -4.51 -15.37 21.26
CA LEU B 54 -4.72 -13.97 21.57
C LEU B 54 -6.19 -13.57 21.40
N VAL B 55 -6.78 -13.97 20.29
CA VAL B 55 -8.18 -13.68 20.00
C VAL B 55 -9.04 -14.93 20.06
N SER B 56 -8.49 -16.05 20.51
CA SER B 56 -9.21 -17.31 20.59
C SER B 56 -9.77 -17.71 19.23
N SER B 57 -9.01 -17.37 18.18
CA SER B 57 -9.42 -17.60 16.80
C SER B 57 -9.19 -19.06 16.45
N THR B 58 -10.25 -19.87 16.47
CA THR B 58 -10.16 -21.27 16.12
C THR B 58 -10.44 -21.49 14.65
N ASN B 59 -9.93 -22.60 14.13
CA ASN B 59 -10.11 -22.95 12.72
C ASN B 59 -9.97 -24.46 12.60
N TYR B 60 -11.05 -25.13 12.17
CA TYR B 60 -11.10 -26.58 12.13
C TYR B 60 -11.21 -27.07 10.69
N ALA B 61 -10.82 -28.33 10.49
CA ALA B 61 -10.99 -28.99 9.21
C ALA B 61 -12.40 -29.53 9.08
N GLN B 62 -12.90 -29.56 7.83
CA GLN B 62 -14.29 -29.97 7.61
C GLN B 62 -14.54 -31.43 7.99
N ARG B 63 -13.50 -32.26 7.93
CA ARG B 63 -13.68 -33.67 8.31
C ARG B 63 -13.93 -33.83 9.80
N PHE B 64 -13.53 -32.85 10.62
CA PHE B 64 -13.66 -32.94 12.07
C PHE B 64 -14.51 -31.83 12.65
N ARG B 65 -15.29 -31.15 11.83
CA ARG B 65 -16.19 -30.10 12.33
C ARG B 65 -17.28 -30.73 13.19
N GLY B 66 -17.50 -30.17 14.37
CA GLY B 66 -18.44 -30.71 15.32
C GLY B 66 -17.92 -31.85 16.17
N ARG B 67 -16.81 -32.47 15.78
CA ARG B 67 -16.17 -33.51 16.57
C ARG B 67 -14.98 -33.02 17.36
N VAL B 68 -14.36 -31.92 16.94
CA VAL B 68 -13.10 -31.44 17.49
C VAL B 68 -13.29 -30.04 18.04
N THR B 69 -12.82 -29.81 19.26
CA THR B 69 -12.85 -28.50 19.90
C THR B 69 -11.45 -28.18 20.40
N ILE B 70 -10.89 -27.07 19.95
CA ILE B 70 -9.54 -26.66 20.31
C ILE B 70 -9.63 -25.35 21.08
N SER B 71 -9.02 -25.33 22.27
CA SER B 71 -9.04 -24.17 23.15
C SER B 71 -7.60 -23.84 23.57
N ALA B 72 -7.46 -22.74 24.30
CA ALA B 72 -6.16 -22.28 24.75
C ALA B 72 -6.29 -21.60 26.11
N ASP B 73 -5.31 -21.84 26.97
CA ASP B 73 -5.23 -21.22 28.29
C ASP B 73 -4.00 -20.32 28.28
N ARG B 74 -4.21 -19.02 28.08
CA ARG B 74 -3.09 -18.10 27.92
C ARG B 74 -2.29 -17.94 29.20
N SER B 75 -2.94 -18.07 30.35
CA SER B 75 -2.22 -17.92 31.62
C SER B 75 -1.19 -19.02 31.83
N THR B 76 -1.47 -20.24 31.38
CA THR B 76 -0.54 -21.35 31.49
C THR B 76 0.16 -21.68 30.18
N SER B 77 -0.12 -20.93 29.11
CA SER B 77 0.47 -21.16 27.80
C SER B 77 0.26 -22.60 27.34
N THR B 78 -0.99 -23.06 27.47
CA THR B 78 -1.37 -24.43 27.13
C THR B 78 -2.47 -24.41 26.08
N VAL B 79 -2.37 -25.35 25.15
CA VAL B 79 -3.38 -25.55 24.11
C VAL B 79 -3.97 -26.94 24.28
N TYR B 80 -5.30 -27.03 24.19
CA TYR B 80 -6.02 -28.28 24.43
C TYR B 80 -6.73 -28.73 23.15
N LEU B 81 -6.79 -30.05 22.97
CA LEU B 81 -7.58 -30.68 21.93
C LEU B 81 -8.56 -31.64 22.59
N GLU B 82 -9.84 -31.53 22.23
CA GLU B 82 -10.87 -32.42 22.76
C GLU B 82 -11.68 -32.96 21.59
N MET B 83 -11.74 -34.29 21.48
CA MET B 83 -12.43 -34.97 20.38
C MET B 83 -13.48 -35.90 20.95
N THR B 84 -14.67 -35.88 20.36
CA THR B 84 -15.78 -36.74 20.76
C THR B 84 -16.08 -37.75 19.67
N GLY B 85 -16.97 -38.69 20.00
CA GLY B 85 -17.37 -39.71 19.02
C GLY B 85 -16.23 -40.55 18.53
N LEU B 86 -15.33 -40.97 19.43
CA LEU B 86 -14.14 -41.70 19.03
C LEU B 86 -14.49 -43.09 18.50
N THR B 87 -13.75 -43.52 17.48
CA THR B 87 -13.84 -44.87 16.95
C THR B 87 -12.43 -45.39 16.71
N SER B 88 -12.33 -46.65 16.30
CA SER B 88 -11.03 -47.24 16.03
C SER B 88 -10.28 -46.52 14.93
N ALA B 89 -10.98 -45.80 14.06
CA ALA B 89 -10.35 -44.99 13.02
C ALA B 89 -9.59 -43.80 13.59
N ASP B 90 -9.83 -43.44 14.85
CA ASP B 90 -9.16 -42.31 15.47
C ASP B 90 -7.91 -42.70 16.23
N THR B 91 -7.54 -43.98 16.24
CA THR B 91 -6.29 -44.42 16.84
C THR B 91 -5.12 -43.85 16.05
N ALA B 92 -4.34 -42.98 16.67
CA ALA B 92 -3.24 -42.31 15.99
C ALA B 92 -2.38 -41.61 17.02
N VAL B 93 -1.27 -41.04 16.55
CA VAL B 93 -0.42 -40.17 17.34
C VAL B 93 -0.79 -38.73 17.02
N TYR B 94 -1.08 -37.95 18.05
CA TYR B 94 -1.57 -36.58 17.89
C TYR B 94 -0.46 -35.60 18.23
N PHE B 95 -0.07 -34.80 17.24
CA PHE B 95 0.98 -33.80 17.40
C PHE B 95 0.38 -32.42 17.58
N CYS B 96 1.05 -31.59 18.37
CA CYS B 96 0.72 -30.19 18.49
CA CYS B 96 0.73 -30.18 18.52
C CYS B 96 1.87 -29.37 17.91
N ALA B 97 1.56 -28.62 16.86
CA ALA B 97 2.57 -27.90 16.08
C ALA B 97 2.23 -26.43 16.03
N ARG B 98 3.22 -25.58 16.33
CA ARG B 98 3.09 -24.14 16.26
C ARG B 98 3.78 -23.63 15.00
N GLU B 99 3.21 -22.57 14.41
CA GLU B 99 3.78 -22.03 13.18
C GLU B 99 5.10 -21.31 13.46
N GLY B 100 5.88 -21.13 12.39
CA GLY B 100 7.23 -20.67 12.55
C GLY B 100 7.36 -19.16 12.71
N GLU B 101 8.49 -18.76 13.29
CA GLU B 101 8.87 -17.35 13.39
C GLU B 101 9.73 -16.97 12.20
N GLY B 102 9.34 -15.92 11.50
CA GLY B 102 10.10 -15.41 10.38
C GLY B 102 10.92 -14.19 10.76
N TRP B 103 10.96 -13.22 9.86
CA TRP B 103 11.68 -11.99 10.10
C TRP B 103 11.03 -11.20 11.23
N PHE B 104 11.76 -11.07 12.35
CA PHE B 104 11.29 -10.34 13.53
C PHE B 104 10.05 -10.99 14.14
N GLY B 105 9.92 -12.32 13.98
CA GLY B 105 8.79 -13.04 14.51
C GLY B 105 7.58 -13.09 13.61
N ARG B 106 7.72 -12.71 12.35
CA ARG B 106 6.66 -12.84 11.36
C ARG B 106 6.15 -14.28 11.33
N PRO B 107 4.87 -14.51 11.62
CA PRO B 107 4.33 -15.88 11.56
C PRO B 107 4.49 -16.46 10.15
N LEU B 108 4.76 -17.77 10.11
CA LEU B 108 5.17 -18.44 8.89
C LEU B 108 4.21 -19.52 8.42
N ARG B 109 2.99 -19.58 8.98
CA ARG B 109 2.01 -20.60 8.60
C ARG B 109 2.53 -22.02 8.80
N ALA B 110 3.64 -22.35 8.15
CA ALA B 110 4.22 -23.69 8.25
C ALA B 110 4.57 -24.03 9.69
N PHE B 111 4.42 -25.30 10.04
CA PHE B 111 4.60 -25.79 11.40
C PHE B 111 6.09 -26.01 11.64
N GLU B 112 6.72 -25.11 12.39
CA GLU B 112 8.15 -25.24 12.64
C GLU B 112 8.46 -25.97 13.94
N PHE B 113 7.65 -25.75 14.97
CA PHE B 113 7.88 -26.33 16.29
C PHE B 113 6.82 -27.38 16.59
N TRP B 114 7.26 -28.56 17.03
CA TRP B 114 6.39 -29.70 17.23
C TRP B 114 6.52 -30.25 18.64
N GLY B 115 5.45 -30.88 19.12
CA GLY B 115 5.49 -31.62 20.36
C GLY B 115 5.95 -33.05 20.14
N GLN B 116 6.05 -33.78 21.25
CA GLN B 116 6.52 -35.16 21.18
C GLN B 116 5.46 -36.12 20.68
N GLY B 117 4.21 -35.70 20.60
CA GLY B 117 3.18 -36.62 20.15
C GLY B 117 2.56 -37.38 21.29
N THR B 118 1.25 -37.62 21.16
CA THR B 118 0.48 -38.36 22.16
C THR B 118 -0.27 -39.47 21.45
N LEU B 119 -0.01 -40.71 21.83
CA LEU B 119 -0.70 -41.85 21.26
C LEU B 119 -2.07 -41.99 21.89
N VAL B 120 -3.12 -41.81 21.09
CA VAL B 120 -4.49 -42.01 21.52
C VAL B 120 -5.01 -43.28 20.86
N THR B 121 -5.33 -44.28 21.67
CA THR B 121 -5.80 -45.58 21.19
C THR B 121 -7.27 -45.73 21.53
N VAL B 122 -8.09 -45.97 20.52
CA VAL B 122 -9.52 -46.18 20.69
C VAL B 122 -9.82 -47.64 20.39
N SER B 123 -10.25 -48.38 21.41
CA SER B 123 -10.53 -49.79 21.27
C SER B 123 -11.31 -50.28 22.49
N THR B 124 -12.14 -51.30 22.26
CA THR B 124 -12.86 -51.95 23.36
C THR B 124 -11.99 -52.95 24.10
N ALA B 125 -10.81 -53.27 23.59
CA ALA B 125 -9.95 -54.26 24.23
C ALA B 125 -9.44 -53.75 25.58
N SER B 126 -9.41 -54.62 26.56
CA SER B 126 -8.95 -54.26 27.90
C SER B 126 -7.44 -54.28 27.96
N THR B 127 -6.90 -53.56 28.95
CA THR B 127 -5.46 -53.50 29.13
C THR B 127 -4.94 -54.84 29.66
N LYS B 128 -3.98 -55.42 28.95
CA LYS B 128 -3.43 -56.72 29.32
C LYS B 128 -1.91 -56.67 29.21
N GLY B 129 -1.25 -57.30 30.18
CA GLY B 129 0.19 -57.42 30.15
C GLY B 129 0.64 -58.51 29.20
N PRO B 130 1.88 -58.42 28.74
CA PRO B 130 2.39 -59.39 27.77
C PRO B 130 2.94 -60.65 28.40
N SER B 131 2.87 -61.73 27.61
CA SER B 131 3.56 -62.97 27.93
C SER B 131 4.85 -63.04 27.14
N VAL B 132 5.96 -63.25 27.83
CA VAL B 132 7.29 -63.23 27.24
C VAL B 132 7.78 -64.67 27.10
N PHE B 133 7.95 -65.11 25.86
CA PHE B 133 8.40 -66.45 25.52
C PHE B 133 9.78 -66.42 24.87
N PRO B 134 10.67 -67.35 25.22
CA PRO B 134 12.04 -67.31 24.69
C PRO B 134 12.10 -67.88 23.28
N LEU B 135 12.81 -67.17 22.41
CA LEU B 135 13.13 -67.67 21.07
C LEU B 135 14.53 -68.25 21.17
N ALA B 136 14.61 -69.53 21.55
CA ALA B 136 15.89 -70.12 21.91
C ALA B 136 16.75 -70.32 20.66
N PRO B 137 18.07 -70.14 20.77
CA PRO B 137 18.93 -70.30 19.59
C PRO B 137 19.00 -71.75 19.16
N SER B 138 19.30 -71.93 17.88
CA SER B 138 19.39 -73.26 17.31
C SER B 138 20.60 -74.00 17.86
N SER B 139 20.57 -75.33 17.75
CA SER B 139 21.66 -76.17 18.22
C SER B 139 22.92 -76.02 17.37
N LYS B 140 22.83 -75.38 16.22
CA LYS B 140 23.97 -75.23 15.32
C LYS B 140 24.97 -74.21 15.89
N GLY B 145 30.03 -69.85 13.65
CA GLY B 145 29.37 -68.73 13.02
C GLY B 145 28.67 -67.82 14.01
N THR B 146 27.45 -67.42 13.67
CA THR B 146 26.65 -66.51 14.49
C THR B 146 25.30 -67.16 14.79
N ALA B 147 24.89 -67.08 16.06
CA ALA B 147 23.62 -67.63 16.51
C ALA B 147 22.64 -66.51 16.82
N ALA B 148 21.37 -66.71 16.47
CA ALA B 148 20.33 -65.73 16.68
C ALA B 148 19.35 -66.24 17.74
N LEU B 149 19.08 -65.41 18.74
CA LEU B 149 18.13 -65.69 19.81
C LEU B 149 17.22 -64.48 19.97
N GLY B 150 16.25 -64.59 20.87
CA GLY B 150 15.37 -63.46 21.11
C GLY B 150 14.22 -63.83 22.02
N CYS B 151 13.29 -62.88 22.14
CA CYS B 151 12.10 -63.04 22.96
CA CYS B 151 12.10 -63.03 22.97
C CYS B 151 10.86 -62.66 22.15
N LEU B 152 9.77 -63.39 22.38
CA LEU B 152 8.49 -63.13 21.74
C LEU B 152 7.56 -62.49 22.76
N VAL B 153 7.21 -61.23 22.54
CA VAL B 153 6.31 -60.49 23.42
C VAL B 153 4.92 -60.56 22.80
N LYS B 154 4.04 -61.37 23.39
CA LYS B 154 2.76 -61.71 22.78
C LYS B 154 1.60 -61.32 23.68
N ASP B 155 0.50 -60.90 23.05
CA ASP B 155 -0.79 -60.72 23.69
C ASP B 155 -0.74 -59.64 24.78
N TYR B 156 -0.47 -58.42 24.35
CA TYR B 156 -0.48 -57.27 25.24
C TYR B 156 -1.30 -56.15 24.60
N PHE B 157 -1.75 -55.24 25.45
CA PHE B 157 -2.55 -54.11 25.00
C PHE B 157 -2.59 -53.08 26.11
N PRO B 158 -2.42 -51.79 25.80
CA PRO B 158 -2.13 -51.30 24.45
C PRO B 158 -0.63 -51.13 24.22
N GLU B 159 -0.30 -50.41 23.16
CA GLU B 159 1.07 -49.98 22.97
C GLU B 159 1.44 -48.94 24.03
N PRO B 160 2.74 -48.80 24.35
CA PRO B 160 3.85 -49.60 23.82
C PRO B 160 4.49 -50.53 24.83
N VAL B 161 5.37 -51.41 24.33
CA VAL B 161 6.29 -52.16 25.18
C VAL B 161 7.70 -51.72 24.81
N THR B 162 8.61 -51.81 25.78
CA THR B 162 10.01 -51.48 25.57
C THR B 162 10.84 -52.73 25.86
N VAL B 163 11.74 -53.06 24.94
CA VAL B 163 12.57 -54.25 25.05
C VAL B 163 14.03 -53.83 25.02
N SER B 164 14.75 -54.16 26.09
CA SER B 164 16.20 -54.03 26.15
C SER B 164 16.81 -55.40 26.36
N TRP B 165 18.12 -55.50 26.18
CA TRP B 165 18.84 -56.76 26.31
C TRP B 165 19.99 -56.60 27.29
N ASN B 166 20.06 -57.52 28.25
CA ASN B 166 21.05 -57.47 29.33
C ASN B 166 21.04 -56.11 30.01
N SER B 167 19.83 -55.60 30.25
CA SER B 167 19.61 -54.32 30.93
C SER B 167 20.25 -53.15 30.18
N GLY B 168 20.40 -53.29 28.86
CA GLY B 168 20.98 -52.25 28.04
C GLY B 168 22.43 -52.47 27.65
N ALA B 169 23.12 -53.42 28.28
CA ALA B 169 24.53 -53.64 27.97
C ALA B 169 24.71 -54.23 26.58
N LEU B 170 23.71 -54.93 26.07
CA LEU B 170 23.76 -55.55 24.75
C LEU B 170 22.89 -54.72 23.80
N THR B 171 23.54 -54.07 22.83
CA THR B 171 22.83 -53.20 21.89
C THR B 171 23.16 -53.57 20.45
N SER B 172 24.37 -54.06 20.20
N SER B 172 24.37 -54.06 20.20
CA SER B 172 24.79 -54.40 18.85
CA SER B 172 24.79 -54.38 18.85
C SER B 172 24.06 -55.65 18.36
C SER B 172 24.09 -55.65 18.35
N GLY B 173 23.60 -55.59 17.12
CA GLY B 173 22.93 -56.73 16.52
C GLY B 173 21.51 -56.98 16.99
N VAL B 174 20.96 -56.09 17.80
CA VAL B 174 19.60 -56.27 18.31
C VAL B 174 18.62 -55.76 17.26
N HIS B 175 17.49 -56.46 17.12
CA HIS B 175 16.41 -56.05 16.23
C HIS B 175 15.09 -56.25 16.95
N THR B 176 14.48 -55.16 17.40
CA THR B 176 13.14 -55.19 17.98
C THR B 176 12.16 -54.79 16.88
N PHE B 177 11.39 -55.76 16.40
CA PHE B 177 10.52 -55.56 15.26
C PHE B 177 9.29 -54.73 15.64
N PRO B 178 8.73 -54.00 14.69
CA PRO B 178 7.46 -53.31 14.94
C PRO B 178 6.36 -54.31 15.29
N ALA B 179 5.56 -53.96 16.29
CA ALA B 179 4.48 -54.83 16.72
C ALA B 179 3.38 -54.86 15.66
N VAL B 180 2.68 -55.99 15.60
CA VAL B 180 1.54 -56.15 14.71
C VAL B 180 0.29 -56.37 15.56
N LEU B 181 -0.84 -55.95 15.02
CA LEU B 181 -2.13 -56.14 15.68
C LEU B 181 -2.68 -57.50 15.27
N GLN B 182 -2.84 -58.40 16.25
CA GLN B 182 -3.27 -59.76 15.99
C GLN B 182 -4.72 -59.77 15.48
N SER B 183 -5.21 -60.97 15.17
CA SER B 183 -6.62 -61.11 14.81
C SER B 183 -7.52 -60.71 15.96
N SER B 184 -7.09 -60.98 17.19
CA SER B 184 -7.77 -60.47 18.38
C SER B 184 -7.43 -58.99 18.55
N GLY B 185 -7.83 -58.40 19.67
CA GLY B 185 -7.49 -57.02 19.90
C GLY B 185 -6.12 -56.77 20.48
N LEU B 186 -5.25 -57.78 20.49
CA LEU B 186 -3.98 -57.72 21.21
C LEU B 186 -2.81 -57.53 20.23
N TYR B 187 -1.73 -56.99 20.77
CA TYR B 187 -0.50 -56.78 20.01
C TYR B 187 0.48 -57.91 20.26
N SER B 188 1.49 -57.98 19.40
CA SER B 188 2.56 -58.95 19.54
C SER B 188 3.76 -58.49 18.72
N LEU B 189 4.95 -58.57 19.31
CA LEU B 189 6.19 -58.29 18.60
C LEU B 189 7.24 -59.30 19.03
N SER B 190 8.37 -59.28 18.31
CA SER B 190 9.50 -60.13 18.62
C SER B 190 10.77 -59.28 18.59
N SER B 191 11.68 -59.58 19.51
CA SER B 191 12.95 -58.86 19.62
C SER B 191 14.07 -59.89 19.58
N VAL B 192 14.87 -59.87 18.52
CA VAL B 192 15.92 -60.84 18.32
C VAL B 192 17.27 -60.15 18.41
N VAL B 193 18.32 -60.96 18.55
CA VAL B 193 19.69 -60.46 18.60
C VAL B 193 20.62 -61.58 18.14
N THR B 194 21.57 -61.23 17.28
CA THR B 194 22.57 -62.17 16.80
C THR B 194 23.85 -62.03 17.61
N VAL B 195 24.35 -63.13 18.12
CA VAL B 195 25.51 -63.14 19.01
C VAL B 195 26.47 -64.23 18.53
N PRO B 196 27.74 -64.16 18.95
CA PRO B 196 28.69 -65.23 18.61
C PRO B 196 28.22 -66.57 19.14
N SER B 197 28.39 -67.60 18.32
CA SER B 197 28.00 -68.95 18.72
C SER B 197 28.83 -69.46 19.90
N SER B 198 30.05 -68.92 20.06
CA SER B 198 30.92 -69.39 21.14
C SER B 198 30.53 -68.82 22.49
N SER B 199 29.86 -67.67 22.52
CA SER B 199 29.49 -67.03 23.77
C SER B 199 28.22 -67.61 24.39
N LEU B 200 27.56 -68.55 23.70
CA LEU B 200 26.29 -69.08 24.21
C LEU B 200 26.46 -69.81 25.53
N GLY B 201 27.66 -70.29 25.85
CA GLY B 201 27.87 -71.04 27.06
C GLY B 201 28.40 -70.22 28.22
N THR B 202 29.01 -69.08 27.92
CA THR B 202 29.64 -68.23 28.94
C THR B 202 29.01 -66.85 29.06
N GLN B 203 28.04 -66.51 28.22
CA GLN B 203 27.38 -65.21 28.27
C GLN B 203 25.88 -65.41 28.53
N THR B 204 25.36 -64.69 29.52
CA THR B 204 23.95 -64.75 29.85
C THR B 204 23.18 -63.70 29.04
N TYR B 205 22.10 -64.12 28.40
CA TYR B 205 21.28 -63.23 27.57
C TYR B 205 19.89 -63.13 28.19
N ILE B 206 19.55 -61.93 28.65
CA ILE B 206 18.28 -61.67 29.32
C ILE B 206 17.57 -60.55 28.56
N CYS B 207 16.29 -60.77 28.26
CA CYS B 207 15.48 -59.78 27.57
CA CYS B 207 15.45 -59.80 27.56
C CYS B 207 14.56 -59.10 28.58
N ASN B 208 14.64 -57.77 28.62
CA ASN B 208 13.90 -56.97 29.60
C ASN B 208 12.70 -56.33 28.90
N VAL B 209 11.50 -56.76 29.25
CA VAL B 209 10.27 -56.26 28.67
C VAL B 209 9.55 -55.39 29.69
N ASN B 210 9.13 -54.20 29.27
CA ASN B 210 8.40 -53.27 30.13
C ASN B 210 7.14 -52.84 29.40
N HIS B 211 5.99 -53.10 30.01
CA HIS B 211 4.69 -52.67 29.49
C HIS B 211 4.04 -51.84 30.59
N LYS B 212 4.31 -50.54 30.57
CA LYS B 212 3.84 -49.66 31.65
C LYS B 212 2.31 -49.56 31.75
N PRO B 213 1.52 -49.65 30.67
CA PRO B 213 0.06 -49.64 30.85
C PRO B 213 -0.46 -50.69 31.80
N SER B 214 0.24 -51.82 31.95
CA SER B 214 -0.17 -52.87 32.89
C SER B 214 0.77 -52.99 34.08
N ASN B 215 1.71 -52.05 34.22
CA ASN B 215 2.72 -52.09 35.29
C ASN B 215 3.46 -53.43 35.29
N THR B 216 3.88 -53.85 34.10
CA THR B 216 4.46 -55.17 33.89
C THR B 216 5.94 -55.02 33.52
N LYS B 217 6.81 -55.46 34.42
CA LYS B 217 8.23 -55.61 34.15
C LYS B 217 8.55 -57.11 34.17
N VAL B 218 9.10 -57.61 33.06
CA VAL B 218 9.42 -59.02 32.93
C VAL B 218 10.83 -59.16 32.37
N ASP B 219 11.69 -59.86 33.10
CA ASP B 219 13.02 -60.23 32.63
C ASP B 219 12.99 -61.72 32.31
N LYS B 220 13.20 -62.05 31.04
CA LYS B 220 13.16 -63.44 30.58
C LYS B 220 14.56 -63.88 30.16
N LYS B 221 15.06 -64.93 30.80
CA LYS B 221 16.38 -65.47 30.51
C LYS B 221 16.27 -66.45 29.35
N VAL B 222 16.99 -66.17 28.26
CA VAL B 222 16.98 -67.02 27.08
C VAL B 222 18.19 -67.95 27.12
N GLU B 223 17.93 -69.24 26.99
CA GLU B 223 18.95 -70.28 27.02
C GLU B 223 18.78 -71.19 25.82
N PRO B 224 19.84 -71.88 25.40
CA PRO B 224 19.72 -72.80 24.26
C PRO B 224 18.80 -73.97 24.57
N LYS B 225 18.32 -74.60 23.50
CA LYS B 225 17.43 -75.76 23.62
C LYS B 225 18.17 -76.98 24.15
N GLU C 1 -0.32 6.57 -11.93
CA GLU C 1 -1.57 5.82 -11.93
C GLU C 1 -1.53 4.69 -12.95
N ILE C 2 -1.68 3.45 -12.47
CA ILE C 2 -1.64 2.28 -13.34
C ILE C 2 -3.02 2.07 -13.95
N VAL C 3 -3.07 1.95 -15.28
CA VAL C 3 -4.31 1.74 -16.00
C VAL C 3 -4.39 0.27 -16.42
N LEU C 4 -5.48 -0.39 -16.07
CA LEU C 4 -5.73 -1.77 -16.46
C LEU C 4 -6.70 -1.80 -17.63
N THR C 5 -6.36 -2.58 -18.65
CA THR C 5 -7.20 -2.73 -19.84
C THR C 5 -7.51 -4.20 -20.02
N GLN C 6 -8.80 -4.52 -20.09
CA GLN C 6 -9.25 -5.90 -20.20
C GLN C 6 -9.60 -6.25 -21.64
N SER C 7 -9.43 -7.52 -21.99
CA SER C 7 -9.67 -8.00 -23.33
C SER C 7 -10.29 -9.40 -23.26
N PRO C 8 -11.31 -9.68 -24.10
CA PRO C 8 -11.89 -8.70 -25.02
C PRO C 8 -12.97 -7.86 -24.35
N GLY C 9 -13.70 -7.08 -25.13
CA GLY C 9 -14.77 -6.27 -24.56
C GLY C 9 -15.97 -7.12 -24.19
N THR C 10 -16.40 -8.01 -25.09
CA THR C 10 -17.54 -8.88 -24.84
C THR C 10 -17.29 -10.22 -25.50
N PHE C 11 -17.38 -11.29 -24.71
CA PHE C 11 -17.26 -12.64 -25.20
C PHE C 11 -18.65 -13.28 -25.32
N ALA C 12 -18.77 -14.19 -26.28
CA ALA C 12 -20.00 -14.96 -26.47
C ALA C 12 -19.61 -16.43 -26.51
N LEU C 13 -19.81 -17.13 -25.40
CA LEU C 13 -19.41 -18.52 -25.26
C LEU C 13 -20.61 -19.36 -24.83
N SER C 14 -20.40 -20.67 -24.75
CA SER C 14 -21.43 -21.61 -24.38
C SER C 14 -20.92 -22.48 -23.24
N PRO C 15 -21.82 -23.04 -22.42
CA PRO C 15 -21.38 -23.88 -21.30
C PRO C 15 -20.54 -25.05 -21.78
N GLY C 16 -19.50 -25.37 -21.01
CA GLY C 16 -18.55 -26.40 -21.34
C GLY C 16 -17.27 -25.89 -21.97
N GLU C 17 -17.33 -24.72 -22.63
CA GLU C 17 -16.18 -24.17 -23.30
C GLU C 17 -15.22 -23.52 -22.30
N ARG C 18 -14.01 -23.24 -22.78
CA ARG C 18 -12.96 -22.62 -21.97
C ARG C 18 -12.95 -21.12 -22.22
N ALA C 19 -13.00 -20.35 -21.13
CA ALA C 19 -13.01 -18.89 -21.21
C ALA C 19 -11.69 -18.36 -20.69
N THR C 20 -11.06 -17.49 -21.47
CA THR C 20 -9.80 -16.86 -21.08
C THR C 20 -9.93 -15.35 -21.24
N LEU C 21 -9.83 -14.62 -20.14
CA LEU C 21 -9.95 -13.17 -20.13
C LEU C 21 -8.60 -12.58 -19.74
N SER C 22 -8.15 -11.56 -20.47
CA SER C 22 -6.85 -10.98 -20.23
C SER C 22 -6.97 -9.58 -19.63
N CYS C 23 -5.97 -9.22 -18.83
CA CYS C 23 -5.90 -7.93 -18.16
C CYS C 23 -4.47 -7.44 -18.28
N ARG C 24 -4.26 -6.35 -19.01
CA ARG C 24 -2.94 -5.80 -19.26
C ARG C 24 -2.77 -4.50 -18.50
N ALA C 25 -1.61 -4.34 -17.86
CA ALA C 25 -1.31 -3.18 -17.03
C ALA C 25 -0.39 -2.22 -17.76
N SER C 26 -0.55 -0.92 -17.47
CA SER C 26 0.31 0.08 -18.08
C SER C 26 1.71 0.05 -17.49
N GLN C 27 1.83 -0.28 -16.21
CA GLN C 27 3.12 -0.41 -15.53
C GLN C 27 3.18 -1.79 -14.88
N SER C 28 4.32 -2.09 -14.25
CA SER C 28 4.47 -3.35 -13.54
C SER C 28 3.55 -3.40 -12.33
N VAL C 29 2.96 -4.55 -12.09
CA VAL C 29 2.09 -4.78 -10.94
C VAL C 29 2.95 -5.41 -9.85
N SER C 30 3.13 -4.68 -8.75
CA SER C 30 4.10 -5.05 -7.74
C SER C 30 3.73 -6.36 -7.05
N GLY C 31 4.62 -7.35 -7.17
CA GLY C 31 4.55 -8.58 -6.40
C GLY C 31 3.22 -9.31 -6.40
N GLY C 32 2.70 -9.62 -7.60
CA GLY C 32 1.51 -10.42 -7.73
C GLY C 32 0.32 -9.90 -6.95
N ALA C 33 -0.01 -8.63 -7.16
CA ALA C 33 -1.11 -7.99 -6.42
C ALA C 33 -2.28 -7.70 -7.36
N LEU C 34 -2.82 -8.79 -7.90
CA LEU C 34 -3.90 -8.77 -8.86
C LEU C 34 -5.09 -9.51 -8.27
N ALA C 35 -6.29 -9.05 -8.62
CA ALA C 35 -7.52 -9.64 -8.15
C ALA C 35 -8.52 -9.67 -9.28
N TRP C 36 -9.39 -10.68 -9.27
CA TRP C 36 -10.44 -10.86 -10.25
C TRP C 36 -11.78 -10.99 -9.53
N TYR C 37 -12.74 -10.16 -9.92
CA TYR C 37 -14.09 -10.15 -9.37
C TYR C 37 -15.11 -10.49 -10.44
N GLN C 38 -16.16 -11.18 -10.01
CA GLN C 38 -17.33 -11.44 -10.84
C GLN C 38 -18.47 -10.53 -10.38
N GLN C 39 -19.26 -10.04 -11.34
CA GLN C 39 -20.40 -9.19 -11.02
C GLN C 39 -21.54 -9.50 -11.98
N LYS C 40 -22.65 -9.98 -11.43
CA LYS C 40 -23.89 -10.14 -12.17
C LYS C 40 -24.74 -8.88 -12.03
N ALA C 41 -25.63 -8.67 -13.00
CA ALA C 41 -26.40 -7.44 -13.05
C ALA C 41 -27.24 -7.26 -11.79
N GLY C 42 -27.11 -6.10 -11.17
CA GLY C 42 -27.90 -5.75 -10.00
C GLY C 42 -27.28 -6.12 -8.67
N GLN C 43 -26.11 -6.75 -8.67
CA GLN C 43 -25.49 -7.24 -7.45
C GLN C 43 -24.14 -6.56 -7.24
N ALA C 44 -23.55 -6.80 -6.08
CA ALA C 44 -22.21 -6.35 -5.78
C ALA C 44 -21.19 -7.32 -6.37
N PRO C 45 -19.96 -6.86 -6.62
CA PRO C 45 -18.93 -7.77 -7.13
C PRO C 45 -18.63 -8.90 -6.16
N ARG C 46 -18.29 -10.05 -6.72
CA ARG C 46 -17.94 -11.24 -5.95
C ARG C 46 -16.48 -11.56 -6.18
N LEU C 47 -15.70 -11.61 -5.11
CA LEU C 47 -14.27 -11.87 -5.23
C LEU C 47 -14.04 -13.29 -5.71
N LEU C 48 -13.32 -13.43 -6.83
CA LEU C 48 -12.97 -14.73 -7.38
C LEU C 48 -11.52 -15.11 -7.11
N ILE C 49 -10.59 -14.21 -7.46
CA ILE C 49 -9.16 -14.50 -7.35
C ILE C 49 -8.49 -13.35 -6.62
N TYR C 50 -7.62 -13.68 -5.67
CA TYR C 50 -6.75 -12.71 -5.02
C TYR C 50 -5.29 -13.10 -5.27
N GLY C 51 -4.39 -12.14 -5.07
CA GLY C 51 -2.97 -12.37 -5.24
C GLY C 51 -2.59 -13.05 -6.55
N THR C 52 -3.14 -12.55 -7.67
CA THR C 52 -2.87 -13.07 -9.01
C THR C 52 -3.39 -14.49 -9.23
N SER C 53 -3.06 -15.41 -8.32
CA SER C 53 -3.45 -16.80 -8.53
C SER C 53 -4.09 -17.44 -7.30
N GLY C 54 -4.51 -16.66 -6.32
CA GLY C 54 -5.12 -17.25 -5.13
C GLY C 54 -6.63 -17.41 -5.25
N ARG C 55 -7.12 -18.62 -5.02
CA ARG C 55 -8.54 -18.90 -5.13
C ARG C 55 -9.24 -18.53 -3.81
N ALA C 56 -10.22 -17.64 -3.89
CA ALA C 56 -10.92 -17.20 -2.70
C ALA C 56 -11.79 -18.32 -2.13
N THR C 57 -12.10 -18.21 -0.85
CA THR C 57 -12.88 -19.23 -0.15
C THR C 57 -14.24 -19.40 -0.80
N GLY C 58 -14.53 -20.61 -1.28
CA GLY C 58 -15.79 -20.93 -1.92
C GLY C 58 -15.76 -20.86 -3.43
N VAL C 59 -14.71 -20.31 -4.02
CA VAL C 59 -14.65 -20.19 -5.49
C VAL C 59 -14.41 -21.58 -6.09
N PRO C 60 -15.19 -21.99 -7.10
CA PRO C 60 -14.97 -23.30 -7.72
C PRO C 60 -13.59 -23.39 -8.35
N GLY C 61 -13.11 -24.63 -8.48
CA GLY C 61 -11.78 -24.88 -9.01
C GLY C 61 -11.62 -24.54 -10.48
N ARG C 62 -12.72 -24.40 -11.22
CA ARG C 62 -12.62 -24.05 -12.63
C ARG C 62 -12.06 -22.65 -12.83
N PHE C 63 -12.22 -21.77 -11.85
CA PHE C 63 -11.61 -20.44 -11.91
C PHE C 63 -10.14 -20.54 -11.54
N SER C 64 -9.27 -19.95 -12.36
CA SER C 64 -7.85 -19.92 -12.05
C SER C 64 -7.23 -18.64 -12.60
N GLY C 65 -6.42 -17.99 -11.78
CA GLY C 65 -5.71 -16.79 -12.18
C GLY C 65 -4.26 -17.10 -12.50
N SER C 66 -3.70 -16.34 -13.45
CA SER C 66 -2.30 -16.51 -13.84
C SER C 66 -1.78 -15.18 -14.36
N GLY C 67 -0.47 -15.11 -14.53
CA GLY C 67 0.18 -13.96 -15.13
C GLY C 67 1.16 -13.31 -14.18
N SER C 68 1.83 -12.28 -14.71
CA SER C 68 2.84 -11.54 -13.95
C SER C 68 3.13 -10.23 -14.67
N GLU C 69 3.88 -9.37 -13.98
CA GLU C 69 4.38 -8.11 -14.52
C GLU C 69 3.24 -7.24 -15.06
N THR C 70 3.00 -7.32 -16.37
CA THR C 70 2.01 -6.46 -17.03
C THR C 70 0.95 -7.25 -17.78
N ASP C 71 0.93 -8.58 -17.65
CA ASP C 71 -0.05 -9.41 -18.34
C ASP C 71 -0.61 -10.44 -17.39
N PHE C 72 -1.93 -10.42 -17.18
CA PHE C 72 -2.60 -11.37 -16.31
C PHE C 72 -3.79 -11.95 -17.03
N SER C 73 -4.29 -13.08 -16.53
N SER C 73 -4.27 -13.09 -16.54
CA SER C 73 -5.36 -13.80 -17.19
CA SER C 73 -5.37 -13.79 -17.19
C SER C 73 -6.19 -14.54 -16.17
C SER C 73 -6.19 -14.54 -16.16
N LEU C 74 -7.50 -14.60 -16.42
CA LEU C 74 -8.45 -15.39 -15.64
C LEU C 74 -9.04 -16.43 -16.56
N THR C 75 -8.95 -17.70 -16.16
CA THR C 75 -9.37 -18.82 -16.99
C THR C 75 -10.46 -19.59 -16.26
N ILE C 76 -11.60 -19.74 -16.93
CA ILE C 76 -12.67 -20.63 -16.51
C ILE C 76 -12.56 -21.86 -17.40
N SER C 77 -12.20 -23.00 -16.80
CA SER C 77 -11.89 -24.20 -17.60
C SER C 77 -13.15 -24.77 -18.23
N ARG C 78 -14.19 -24.98 -17.44
CA ARG C 78 -15.44 -25.60 -17.90
C ARG C 78 -16.59 -24.68 -17.55
N LEU C 79 -17.07 -23.92 -18.54
CA LEU C 79 -18.09 -22.91 -18.29
C LEU C 79 -19.40 -23.53 -17.84
N GLU C 80 -20.10 -22.83 -16.96
CA GLU C 80 -21.38 -23.22 -16.41
C GLU C 80 -22.35 -22.06 -16.57
N PRO C 81 -23.66 -22.31 -16.53
CA PRO C 81 -24.62 -21.22 -16.76
C PRO C 81 -24.45 -20.03 -15.82
N GLU C 82 -24.20 -20.28 -14.54
CA GLU C 82 -24.09 -19.17 -13.58
C GLU C 82 -22.76 -18.43 -13.67
N ASP C 83 -21.91 -18.77 -14.63
CA ASP C 83 -20.63 -18.08 -14.82
C ASP C 83 -20.72 -16.92 -15.80
N PHE C 84 -21.85 -16.75 -16.48
CA PHE C 84 -22.00 -15.68 -17.46
C PHE C 84 -22.35 -14.39 -16.73
N ALA C 85 -21.37 -13.50 -16.63
CA ALA C 85 -21.54 -12.22 -15.95
C ALA C 85 -20.46 -11.27 -16.47
N VAL C 86 -20.20 -10.19 -15.73
CA VAL C 86 -19.10 -9.29 -16.05
C VAL C 86 -17.94 -9.63 -15.12
N TYR C 87 -16.73 -9.48 -15.64
CA TYR C 87 -15.53 -9.83 -14.89
C TYR C 87 -14.56 -8.65 -14.88
N TYR C 88 -14.16 -8.23 -13.69
CA TYR C 88 -13.27 -7.09 -13.52
C TYR C 88 -11.94 -7.54 -12.94
N CYS C 89 -10.85 -6.91 -13.38
CA CYS C 89 -9.55 -7.10 -12.77
C CYS C 89 -9.15 -5.83 -12.02
N GLN C 90 -8.38 -6.03 -10.95
CA GLN C 90 -8.00 -4.95 -10.06
C GLN C 90 -6.54 -5.13 -9.64
N GLN C 91 -5.80 -4.03 -9.62
CA GLN C 91 -4.45 -4.00 -9.08
C GLN C 91 -4.43 -3.09 -7.86
N TYR C 92 -3.66 -3.48 -6.85
CA TYR C 92 -3.51 -2.69 -5.63
C TYR C 92 -2.05 -2.64 -5.24
N GLY C 93 -1.60 -1.48 -4.76
CA GLY C 93 -0.21 -1.30 -4.39
C GLY C 93 0.05 -0.05 -3.58
N THR C 94 -0.06 -0.18 -2.25
CA THR C 94 0.27 0.89 -1.30
C THR C 94 -0.44 2.20 -1.63
N SER C 95 0.10 2.94 -2.61
CA SER C 95 -0.38 4.27 -2.95
C SER C 95 -1.88 4.27 -3.26
N GLN C 96 -2.27 3.68 -4.38
CA GLN C 96 -3.66 3.67 -4.82
C GLN C 96 -3.96 2.34 -5.51
N SER C 97 -5.17 2.24 -6.04
CA SER C 97 -5.67 1.01 -6.64
C SER C 97 -6.66 1.34 -7.75
N THR C 98 -6.63 0.56 -8.82
CA THR C 98 -7.50 0.79 -9.97
C THR C 98 -8.10 -0.53 -10.43
N PHE C 99 -9.19 -0.43 -11.18
CA PHE C 99 -9.89 -1.56 -11.79
C PHE C 99 -9.77 -1.48 -13.30
N GLY C 100 -10.17 -2.59 -13.95
CA GLY C 100 -10.32 -2.60 -15.40
C GLY C 100 -11.72 -2.22 -15.83
N GLN C 101 -11.89 -2.02 -17.14
CA GLN C 101 -13.20 -1.63 -17.65
C GLN C 101 -14.18 -2.79 -17.71
N GLY C 102 -13.72 -4.02 -17.58
CA GLY C 102 -14.60 -5.15 -17.48
C GLY C 102 -14.75 -5.91 -18.80
N THR C 103 -14.93 -7.22 -18.69
CA THR C 103 -15.23 -8.09 -19.82
C THR C 103 -16.54 -8.80 -19.53
N ARG C 104 -17.49 -8.70 -20.45
CA ARG C 104 -18.80 -9.30 -20.28
C ARG C 104 -18.84 -10.66 -20.97
N LEU C 105 -19.43 -11.63 -20.28
CA LEU C 105 -19.58 -12.99 -20.79
C LEU C 105 -21.06 -13.24 -21.05
N GLU C 106 -21.45 -13.25 -22.32
CA GLU C 106 -22.82 -13.53 -22.71
C GLU C 106 -22.94 -14.96 -23.22
N THR C 107 -24.12 -15.56 -23.02
CA THR C 107 -24.37 -16.91 -23.47
C THR C 107 -24.75 -16.88 -24.94
N ARG C 108 -23.97 -17.59 -25.77
CA ARG C 108 -24.23 -17.61 -27.20
C ARG C 108 -25.47 -18.44 -27.51
N ARG C 109 -26.29 -17.94 -28.42
CA ARG C 109 -27.48 -18.64 -28.89
C ARG C 109 -27.60 -18.44 -30.40
N THR C 110 -28.66 -19.00 -30.97
CA THR C 110 -28.92 -18.82 -32.39
C THR C 110 -29.39 -17.41 -32.67
N VAL C 111 -29.20 -16.97 -33.92
CA VAL C 111 -29.62 -15.64 -34.31
C VAL C 111 -31.13 -15.52 -34.22
N ALA C 112 -31.60 -14.44 -33.59
CA ALA C 112 -33.03 -14.22 -33.38
C ALA C 112 -33.38 -12.84 -33.90
N ALA C 113 -34.29 -12.79 -34.89
CA ALA C 113 -34.72 -11.51 -35.41
C ALA C 113 -35.66 -10.83 -34.42
N PRO C 114 -35.56 -9.51 -34.26
CA PRO C 114 -36.42 -8.82 -33.30
C PRO C 114 -37.86 -8.72 -33.78
N SER C 115 -38.79 -8.74 -32.83
CA SER C 115 -40.18 -8.43 -33.13
C SER C 115 -40.37 -6.93 -32.91
N VAL C 116 -40.73 -6.21 -33.97
CA VAL C 116 -40.76 -4.75 -33.94
C VAL C 116 -42.20 -4.29 -33.75
N PHE C 117 -42.40 -3.40 -32.78
CA PHE C 117 -43.69 -2.80 -32.51
C PHE C 117 -43.52 -1.29 -32.42
N ILE C 118 -44.54 -0.55 -32.86
CA ILE C 118 -44.51 0.90 -32.79
C ILE C 118 -45.73 1.37 -32.01
N PHE C 119 -45.53 2.39 -31.18
CA PHE C 119 -46.55 2.90 -30.27
C PHE C 119 -46.64 4.40 -30.46
N PRO C 120 -47.80 4.92 -30.87
CA PRO C 120 -47.97 6.37 -31.00
C PRO C 120 -48.10 7.02 -29.63
N PRO C 121 -47.95 8.34 -29.54
CA PRO C 121 -48.17 9.01 -28.26
C PRO C 121 -49.64 8.97 -27.87
N SER C 122 -49.89 8.78 -26.58
CA SER C 122 -51.24 8.73 -26.08
C SER C 122 -51.89 10.12 -26.14
N ASP C 123 -53.23 10.13 -26.21
CA ASP C 123 -53.96 11.38 -26.16
C ASP C 123 -53.77 12.07 -24.80
N GLU C 124 -53.66 11.27 -23.74
CA GLU C 124 -53.41 11.83 -22.41
C GLU C 124 -52.11 12.60 -22.37
N GLN C 125 -51.07 12.07 -23.02
CA GLN C 125 -49.78 12.78 -23.07
C GLN C 125 -49.85 13.98 -23.99
N LEU C 126 -50.59 13.86 -25.09
CA LEU C 126 -50.73 14.98 -26.02
C LEU C 126 -51.46 16.15 -25.38
N LYS C 127 -52.37 15.87 -24.44
CA LYS C 127 -53.04 16.94 -23.71
C LYS C 127 -52.11 17.73 -22.80
N SER C 128 -50.82 17.36 -22.71
CA SER C 128 -49.86 18.06 -21.88
C SER C 128 -48.79 18.80 -22.68
N GLY C 129 -48.72 18.60 -23.99
CA GLY C 129 -47.81 19.35 -24.83
C GLY C 129 -46.57 18.62 -25.31
N THR C 130 -46.54 17.28 -25.20
CA THR C 130 -45.40 16.51 -25.66
C THR C 130 -45.90 15.23 -26.32
N ALA C 131 -45.08 14.67 -27.20
CA ALA C 131 -45.41 13.45 -27.93
C ALA C 131 -44.23 12.50 -27.88
N SER C 132 -44.48 11.28 -27.40
CA SER C 132 -43.45 10.25 -27.32
C SER C 132 -43.87 9.06 -28.17
N VAL C 133 -43.09 8.76 -29.20
CA VAL C 133 -43.30 7.58 -30.03
C VAL C 133 -42.32 6.51 -29.58
N VAL C 134 -42.79 5.29 -29.42
CA VAL C 134 -41.96 4.21 -28.87
C VAL C 134 -41.82 3.10 -29.89
N CYS C 135 -40.57 2.71 -30.17
CA CYS C 135 -40.28 1.55 -31.00
C CYS C 135 -39.68 0.48 -30.10
N LEU C 136 -40.31 -0.70 -30.11
CA LEU C 136 -39.92 -1.82 -29.28
C LEU C 136 -39.37 -2.93 -30.16
N LEU C 137 -38.18 -3.41 -29.81
CA LEU C 137 -37.52 -4.53 -30.48
C LEU C 137 -37.46 -5.65 -29.46
N ASN C 138 -38.37 -6.62 -29.59
CA ASN C 138 -38.56 -7.65 -28.57
C ASN C 138 -37.81 -8.92 -28.95
N ASN C 139 -37.02 -9.41 -28.00
CA ASN C 139 -36.39 -10.73 -28.03
C ASN C 139 -35.58 -10.98 -29.29
N PHE C 140 -34.37 -10.42 -29.35
CA PHE C 140 -33.48 -10.60 -30.49
C PHE C 140 -32.09 -10.96 -30.00
N TYR C 141 -31.27 -11.45 -30.94
CA TYR C 141 -29.89 -11.81 -30.69
C TYR C 141 -29.17 -11.81 -32.02
N PRO C 142 -27.95 -11.25 -32.10
CA PRO C 142 -27.17 -10.67 -31.01
C PRO C 142 -27.64 -9.29 -30.55
N ARG C 143 -26.84 -8.65 -29.69
CA ARG C 143 -27.24 -7.39 -29.09
C ARG C 143 -27.26 -6.24 -30.09
N GLU C 144 -26.38 -6.27 -31.09
CA GLU C 144 -26.22 -5.15 -32.00
C GLU C 144 -27.47 -4.99 -32.86
N ALA C 145 -28.12 -3.83 -32.74
CA ALA C 145 -29.28 -3.48 -33.56
C ALA C 145 -29.23 -2.00 -33.87
N LYS C 146 -29.86 -1.61 -34.98
CA LYS C 146 -29.87 -0.20 -35.39
C LYS C 146 -31.31 0.23 -35.63
N VAL C 147 -31.71 1.33 -34.98
CA VAL C 147 -33.05 1.88 -35.07
C VAL C 147 -32.96 3.28 -35.64
N GLN C 148 -33.71 3.54 -36.71
CA GLN C 148 -33.77 4.85 -37.35
C GLN C 148 -35.21 5.35 -37.33
N TRP C 149 -35.40 6.61 -36.97
CA TRP C 149 -36.72 7.21 -36.96
C TRP C 149 -36.92 8.05 -38.22
N LYS C 150 -38.11 7.93 -38.81
CA LYS C 150 -38.46 8.69 -40.01
C LYS C 150 -39.82 9.33 -39.80
N VAL C 151 -39.87 10.65 -39.93
CA VAL C 151 -41.10 11.42 -39.83
C VAL C 151 -41.37 12.01 -41.20
N ASP C 152 -42.42 11.53 -41.86
CA ASP C 152 -42.71 11.86 -43.25
C ASP C 152 -41.51 11.56 -44.14
N ASN C 153 -40.95 10.36 -43.94
CA ASN C 153 -39.80 9.85 -44.68
C ASN C 153 -38.55 10.72 -44.50
N ALA C 154 -38.51 11.54 -43.46
CA ALA C 154 -37.34 12.35 -43.15
C ALA C 154 -36.62 11.72 -41.96
N LEU C 155 -35.34 11.41 -42.15
CA LEU C 155 -34.56 10.75 -41.11
C LEU C 155 -34.33 11.70 -39.95
N GLN C 156 -34.72 11.27 -38.75
CA GLN C 156 -34.54 12.08 -37.55
C GLN C 156 -33.12 11.93 -36.99
N SER C 157 -32.75 12.87 -36.13
CA SER C 157 -31.41 12.87 -35.55
C SER C 157 -31.42 13.67 -34.26
N GLY C 158 -30.91 13.07 -33.18
CA GLY C 158 -30.71 13.77 -31.93
C GLY C 158 -31.92 13.88 -31.03
N ASN C 159 -33.08 13.36 -31.44
CA ASN C 159 -34.30 13.47 -30.66
C ASN C 159 -34.85 12.11 -30.27
N SER C 160 -33.99 11.09 -30.16
CA SER C 160 -34.41 9.76 -29.77
C SER C 160 -33.41 9.18 -28.78
N GLN C 161 -33.93 8.45 -27.79
CA GLN C 161 -33.10 7.78 -26.79
C GLN C 161 -33.50 6.32 -26.70
N GLU C 162 -32.51 5.44 -26.62
CA GLU C 162 -32.76 4.01 -26.55
C GLU C 162 -32.14 3.42 -25.30
N SER C 163 -32.69 2.27 -24.89
CA SER C 163 -32.12 1.47 -23.81
C SER C 163 -32.32 0.00 -24.14
N VAL C 164 -31.50 -0.84 -23.52
CA VAL C 164 -31.49 -2.27 -23.80
C VAL C 164 -31.49 -3.03 -22.48
N THR C 165 -32.31 -4.07 -22.40
CA THR C 165 -32.38 -4.90 -21.20
C THR C 165 -31.13 -5.79 -21.12
N GLU C 166 -30.98 -6.44 -19.96
CA GLU C 166 -29.97 -7.46 -19.81
C GLU C 166 -30.35 -8.70 -20.63
N GLN C 167 -29.35 -9.52 -20.94
CA GLN C 167 -29.61 -10.75 -21.66
C GLN C 167 -30.52 -11.65 -20.84
N ASP C 168 -31.61 -12.10 -21.46
CA ASP C 168 -32.61 -12.89 -20.73
C ASP C 168 -32.00 -14.20 -20.24
N SER C 169 -32.31 -14.55 -18.99
CA SER C 169 -31.74 -15.75 -18.39
C SER C 169 -32.28 -17.03 -19.01
N LYS C 170 -33.44 -16.97 -19.68
CA LYS C 170 -34.05 -18.15 -20.28
C LYS C 170 -33.73 -18.27 -21.77
N ASP C 171 -34.15 -17.30 -22.58
CA ASP C 171 -34.00 -17.37 -24.02
C ASP C 171 -32.76 -16.65 -24.54
N SER C 172 -31.96 -16.05 -23.66
CA SER C 172 -30.67 -15.45 -24.03
C SER C 172 -30.81 -14.36 -25.09
N THR C 173 -31.97 -13.71 -25.14
CA THR C 173 -32.22 -12.64 -26.10
C THR C 173 -32.26 -11.30 -25.39
N TYR C 174 -31.96 -10.25 -26.14
CA TYR C 174 -32.03 -8.87 -25.66
C TYR C 174 -33.33 -8.22 -26.16
N SER C 175 -33.61 -7.05 -25.59
CA SER C 175 -34.76 -6.25 -26.00
C SER C 175 -34.40 -4.79 -25.93
N LEU C 176 -34.83 -4.04 -26.94
CA LEU C 176 -34.47 -2.63 -27.07
C LEU C 176 -35.72 -1.77 -27.09
N SER C 177 -35.64 -0.60 -26.46
CA SER C 177 -36.73 0.37 -26.47
C SER C 177 -36.16 1.71 -26.89
N SER C 178 -36.63 2.24 -28.02
CA SER C 178 -36.26 3.55 -28.49
C SER C 178 -37.46 4.49 -28.36
N THR C 179 -37.20 5.74 -28.00
CA THR C 179 -38.24 6.72 -27.77
C THR C 179 -37.88 7.99 -28.52
N LEU C 180 -38.73 8.37 -29.48
CA LEU C 180 -38.62 9.62 -30.21
C LEU C 180 -39.51 10.65 -29.53
N THR C 181 -38.93 11.77 -29.12
CA THR C 181 -39.63 12.81 -28.39
C THR C 181 -39.78 14.05 -29.27
N LEU C 182 -41.03 14.51 -29.42
CA LEU C 182 -41.34 15.67 -30.23
C LEU C 182 -42.29 16.58 -29.46
N SER C 183 -42.33 17.84 -29.88
CA SER C 183 -43.34 18.76 -29.36
C SER C 183 -44.70 18.39 -29.94
N LYS C 184 -45.76 18.80 -29.24
CA LYS C 184 -47.10 18.56 -29.73
C LYS C 184 -47.31 19.24 -31.08
N ALA C 185 -46.74 20.43 -31.26
CA ALA C 185 -46.87 21.14 -32.53
C ALA C 185 -46.18 20.38 -33.67
N ASP C 186 -44.95 19.94 -33.44
CA ASP C 186 -44.24 19.18 -34.47
C ASP C 186 -44.89 17.84 -34.73
N TYR C 187 -45.57 17.27 -33.73
CA TYR C 187 -46.29 16.03 -33.95
C TYR C 187 -47.52 16.25 -34.82
N GLU C 188 -48.29 17.30 -34.52
CA GLU C 188 -49.45 17.62 -35.35
C GLU C 188 -49.05 18.12 -36.74
N LYS C 189 -47.79 18.54 -36.91
CA LYS C 189 -47.35 19.03 -38.21
C LYS C 189 -47.31 17.92 -39.25
N HIS C 190 -46.74 16.77 -38.90
CA HIS C 190 -46.49 15.71 -39.85
C HIS C 190 -47.51 14.59 -39.70
N LYS C 191 -47.42 13.61 -40.61
CA LYS C 191 -48.42 12.55 -40.71
C LYS C 191 -47.84 11.17 -40.42
N VAL C 192 -46.84 10.73 -41.19
CA VAL C 192 -46.32 9.37 -41.11
C VAL C 192 -45.19 9.32 -40.09
N TYR C 193 -45.22 8.32 -39.22
CA TYR C 193 -44.16 8.11 -38.23
C TYR C 193 -43.74 6.65 -38.30
N ALA C 194 -42.47 6.41 -38.61
CA ALA C 194 -41.96 5.07 -38.84
C ALA C 194 -40.65 4.86 -38.12
N CYS C 195 -40.44 3.63 -37.67
CA CYS C 195 -39.15 3.21 -37.11
CA CYS C 195 -39.17 3.19 -37.08
C CYS C 195 -38.65 2.01 -37.90
N GLU C 196 -37.43 2.15 -38.43
CA GLU C 196 -36.79 1.16 -39.28
C GLU C 196 -35.69 0.47 -38.48
N VAL C 197 -35.76 -0.85 -38.41
CA VAL C 197 -34.83 -1.67 -37.64
C VAL C 197 -33.98 -2.47 -38.60
N THR C 198 -32.66 -2.36 -38.44
CA THR C 198 -31.71 -3.23 -39.12
C THR C 198 -31.01 -4.09 -38.08
N HIS C 199 -30.90 -5.38 -38.37
CA HIS C 199 -30.37 -6.37 -37.45
C HIS C 199 -29.88 -7.55 -38.26
N GLN C 200 -29.00 -8.35 -37.65
CA GLN C 200 -28.39 -9.46 -38.38
C GLN C 200 -29.44 -10.51 -38.76
N GLY C 201 -30.42 -10.72 -37.90
CA GLY C 201 -31.49 -11.67 -38.20
C GLY C 201 -32.47 -11.20 -39.25
N LEU C 202 -32.39 -9.93 -39.65
CA LEU C 202 -33.27 -9.36 -40.67
C LEU C 202 -32.50 -9.26 -41.98
N SER C 203 -32.89 -10.05 -42.97
CA SER C 203 -32.24 -9.98 -44.28
C SER C 203 -32.51 -8.64 -44.96
N SER C 204 -33.62 -7.99 -44.62
CA SER C 204 -33.93 -6.65 -45.09
C SER C 204 -34.47 -5.85 -43.92
N PRO C 205 -34.19 -4.55 -43.87
CA PRO C 205 -34.64 -3.74 -42.73
C PRO C 205 -36.15 -3.74 -42.61
N VAL C 206 -36.64 -3.86 -41.38
CA VAL C 206 -38.06 -3.96 -41.09
C VAL C 206 -38.55 -2.61 -40.57
N THR C 207 -39.51 -2.02 -41.27
CA THR C 207 -40.05 -0.72 -40.90
C THR C 207 -41.47 -0.89 -40.36
N LYS C 208 -41.72 -0.32 -39.18
CA LYS C 208 -43.06 -0.28 -38.61
C LYS C 208 -43.50 1.17 -38.52
N SER C 209 -44.65 1.48 -39.09
CA SER C 209 -45.10 2.86 -39.23
C SER C 209 -46.56 3.00 -38.80
N PHE C 210 -46.97 4.26 -38.66
CA PHE C 210 -48.36 4.60 -38.42
C PHE C 210 -48.63 6.01 -38.91
N ASN C 211 -49.85 6.24 -39.37
CA ASN C 211 -50.31 7.57 -39.77
C ASN C 211 -51.05 8.21 -38.63
N ARG C 212 -50.69 9.46 -38.31
CA ARG C 212 -51.24 10.16 -37.15
C ARG C 212 -52.75 10.33 -37.25
N GLY C 213 -53.49 9.56 -36.46
CA GLY C 213 -54.94 9.69 -36.41
C GLY C 213 -55.69 8.72 -37.30
N GLU C 214 -55.36 7.43 -37.22
CA GLU C 214 -56.06 6.42 -38.01
C GLU C 214 -56.25 5.14 -37.20
N LYS D 1 -21.14 -15.90 9.30
CA LYS D 1 -20.92 -15.22 8.03
C LYS D 1 -20.88 -13.71 8.24
N VAL D 2 -19.99 -13.04 7.53
CA VAL D 2 -19.85 -11.59 7.64
C VAL D 2 -20.87 -10.92 6.73
N GLN D 3 -21.52 -9.88 7.23
CA GLN D 3 -22.54 -9.16 6.47
C GLN D 3 -22.33 -7.66 6.64
N LEU D 4 -22.35 -6.93 5.53
CA LEU D 4 -22.24 -5.48 5.53
C LEU D 4 -23.55 -4.89 5.04
N VAL D 5 -24.15 -4.03 5.85
CA VAL D 5 -25.42 -3.39 5.54
C VAL D 5 -25.20 -1.88 5.47
N GLN D 6 -25.45 -1.30 4.30
CA GLN D 6 -25.25 0.11 4.07
C GLN D 6 -26.52 0.90 4.33
N SER D 7 -26.38 2.23 4.35
CA SER D 7 -27.51 3.11 4.55
C SER D 7 -28.33 3.22 3.27
N GLY D 8 -29.46 3.91 3.37
CA GLY D 8 -30.35 4.05 2.24
C GLY D 8 -29.80 4.98 1.17
N ALA D 9 -30.43 4.92 0.01
CA ALA D 9 -30.06 5.77 -1.11
C ALA D 9 -30.37 7.23 -0.79
N GLU D 10 -29.59 8.13 -1.37
CA GLU D 10 -29.70 9.55 -1.07
C GLU D 10 -29.65 10.35 -2.36
N LEU D 11 -30.35 11.49 -2.34
CA LEU D 11 -30.33 12.47 -3.43
C LEU D 11 -29.87 13.80 -2.84
N LYS D 12 -28.75 14.31 -3.34
CA LYS D 12 -28.16 15.53 -2.83
C LYS D 12 -27.98 16.55 -3.96
N LYS D 13 -28.26 17.81 -3.65
CA LYS D 13 -28.00 18.88 -4.60
C LYS D 13 -26.50 19.04 -4.81
N PRO D 14 -26.09 19.65 -5.92
CA PRO D 14 -24.66 19.89 -6.13
C PRO D 14 -24.07 20.77 -5.04
N TRP D 15 -22.78 20.56 -4.78
CA TRP D 15 -22.00 21.33 -3.81
C TRP D 15 -22.49 21.14 -2.37
N SER D 16 -23.23 20.06 -2.12
CA SER D 16 -23.59 19.64 -0.78
C SER D 16 -22.71 18.47 -0.37
N SER D 17 -23.00 17.88 0.79
CA SER D 17 -22.23 16.76 1.29
C SER D 17 -23.12 15.53 1.45
N VAL D 18 -22.51 14.36 1.35
CA VAL D 18 -23.20 13.09 1.53
C VAL D 18 -22.41 12.26 2.54
N ARG D 19 -23.13 11.41 3.28
CA ARG D 19 -22.53 10.56 4.30
C ARG D 19 -23.21 9.21 4.27
N VAL D 20 -22.43 8.17 3.96
CA VAL D 20 -22.93 6.80 3.81
C VAL D 20 -22.31 5.93 4.88
N SER D 21 -23.13 5.10 5.51
CA SER D 21 -22.70 4.23 6.59
C SER D 21 -22.63 2.77 6.13
N CYS D 22 -21.95 1.95 6.92
CA CYS D 22 -21.71 0.55 6.57
C CYS D 22 -21.59 -0.23 7.88
N LYS D 23 -22.66 -0.91 8.27
CA LYS D 23 -22.70 -1.67 9.51
C LYS D 23 -22.23 -3.10 9.25
N ALA D 24 -21.21 -3.52 9.98
CA ALA D 24 -20.66 -4.87 9.85
C ALA D 24 -21.19 -5.75 10.98
N SER D 25 -21.63 -6.96 10.62
CA SER D 25 -22.11 -7.93 11.57
C SER D 25 -21.48 -9.29 11.25
N GLY D 26 -21.09 -10.01 12.30
CA GLY D 26 -20.43 -11.29 12.10
C GLY D 26 -18.97 -11.10 11.70
N GLY D 27 -18.09 -11.86 12.33
CA GLY D 27 -16.67 -11.74 12.08
C GLY D 27 -16.09 -10.50 12.72
N SER D 28 -14.77 -10.42 12.70
CA SER D 28 -14.06 -9.30 13.31
C SER D 28 -14.25 -8.03 12.47
N PHE D 29 -13.96 -6.89 13.10
CA PHE D 29 -14.22 -5.60 12.49
C PHE D 29 -13.00 -4.68 12.58
N SER D 30 -12.40 -4.61 13.76
CA SER D 30 -11.37 -3.60 13.99
C SER D 30 -10.09 -3.89 13.23
N SER D 31 -9.73 -5.17 13.09
CA SER D 31 -8.43 -5.55 12.57
C SER D 31 -8.43 -5.76 11.04
N TYR D 32 -9.49 -5.38 10.35
CA TYR D 32 -9.56 -5.52 8.91
C TYR D 32 -9.82 -4.17 8.25
N ALA D 33 -9.61 -4.11 6.95
CA ALA D 33 -9.71 -2.87 6.19
C ALA D 33 -11.07 -2.83 5.48
N PHE D 34 -11.83 -1.77 5.75
CA PHE D 34 -13.10 -1.51 5.06
C PHE D 34 -12.87 -0.43 4.02
N ASN D 35 -13.22 -0.73 2.77
CA ASN D 35 -12.97 0.17 1.66
C ASN D 35 -14.29 0.63 1.05
N TRP D 36 -14.22 1.74 0.33
CA TRP D 36 -15.36 2.31 -0.38
C TRP D 36 -15.06 2.33 -1.88
N VAL D 37 -15.87 1.63 -2.65
CA VAL D 37 -15.72 1.54 -4.09
C VAL D 37 -17.04 1.98 -4.72
N ARG D 38 -16.97 2.99 -5.58
CA ARG D 38 -18.15 3.48 -6.29
C ARG D 38 -18.14 2.98 -7.73
N GLN D 39 -19.34 2.95 -8.32
CA GLN D 39 -19.51 2.41 -9.67
C GLN D 39 -20.59 3.24 -10.38
N ALA D 40 -20.18 4.04 -11.36
CA ALA D 40 -21.11 4.86 -12.08
C ALA D 40 -21.97 4.01 -13.01
N PRO D 41 -23.19 4.45 -13.33
CA PRO D 41 -24.04 3.71 -14.27
C PRO D 41 -23.36 3.50 -15.62
N GLY D 42 -22.95 2.26 -15.90
CA GLY D 42 -22.34 1.91 -17.16
C GLY D 42 -20.85 2.13 -17.24
N GLN D 43 -20.20 2.54 -16.16
CA GLN D 43 -18.77 2.78 -16.14
C GLN D 43 -18.10 1.80 -15.16
N ARG D 44 -16.78 1.94 -15.03
CA ARG D 44 -15.99 0.95 -14.31
C ARG D 44 -15.92 1.27 -12.82
N LEU D 45 -15.57 0.25 -12.05
CA LEU D 45 -15.41 0.41 -10.60
C LEU D 45 -14.28 1.37 -10.30
N GLU D 46 -14.43 2.11 -9.19
CA GLU D 46 -13.45 3.12 -8.81
C GLU D 46 -13.29 3.10 -7.29
N TRP D 47 -12.05 2.94 -6.84
CA TRP D 47 -11.73 2.88 -5.42
C TRP D 47 -11.50 4.30 -4.90
N LEU D 48 -12.15 4.63 -3.79
CA LEU D 48 -12.04 5.94 -3.17
C LEU D 48 -11.12 5.96 -1.96
N GLY D 49 -11.20 4.94 -1.12
CA GLY D 49 -10.36 4.88 0.06
C GLY D 49 -10.82 3.78 0.99
N GLY D 50 -10.19 3.74 2.15
CA GLY D 50 -10.53 2.75 3.15
C GLY D 50 -9.97 3.13 4.51
N ILE D 51 -10.27 2.29 5.49
CA ILE D 51 -9.82 2.52 6.87
C ILE D 51 -9.71 1.17 7.58
N VAL D 52 -8.71 1.08 8.45
CA VAL D 52 -8.60 -0.03 9.41
C VAL D 52 -9.00 0.52 10.78
N PRO D 53 -10.14 0.13 11.33
CA PRO D 53 -10.67 0.84 12.51
C PRO D 53 -9.83 0.70 13.77
N LEU D 54 -8.91 -0.27 13.83
CA LEU D 54 -8.16 -0.50 15.06
C LEU D 54 -7.36 0.75 15.45
N VAL D 55 -6.56 1.27 14.53
CA VAL D 55 -5.82 2.49 14.75
C VAL D 55 -6.39 3.66 13.97
N SER D 56 -7.59 3.49 13.40
CA SER D 56 -8.23 4.52 12.58
C SER D 56 -7.33 4.93 11.41
N SER D 57 -6.61 3.95 10.86
CA SER D 57 -5.64 4.21 9.81
C SER D 57 -6.35 4.27 8.47
N THR D 58 -6.43 5.47 7.89
CA THR D 58 -7.10 5.69 6.63
C THR D 58 -6.10 5.67 5.47
N ASN D 59 -6.64 5.62 4.25
CA ASN D 59 -5.85 5.63 3.03
C ASN D 59 -6.78 5.98 1.90
N TYR D 60 -6.53 7.12 1.24
CA TYR D 60 -7.44 7.66 0.24
C TYR D 60 -6.81 7.65 -1.14
N ALA D 61 -7.66 7.59 -2.16
CA ALA D 61 -7.22 7.79 -3.53
C ALA D 61 -6.88 9.27 -3.76
N GLN D 62 -5.89 9.51 -4.63
CA GLN D 62 -5.43 10.87 -4.85
C GLN D 62 -6.49 11.74 -5.51
N ARG D 63 -7.40 11.13 -6.28
CA ARG D 63 -8.44 11.90 -6.94
C ARG D 63 -9.41 12.52 -5.93
N PHE D 64 -9.57 11.88 -4.77
CA PHE D 64 -10.56 12.30 -3.78
C PHE D 64 -9.92 12.85 -2.51
N ARG D 65 -8.64 13.21 -2.55
CA ARG D 65 -7.98 13.72 -1.35
C ARG D 65 -8.56 15.08 -0.98
N GLY D 66 -8.80 15.28 0.32
CA GLY D 66 -9.44 16.48 0.81
C GLY D 66 -10.92 16.58 0.53
N ARG D 67 -11.47 15.69 -0.31
CA ARG D 67 -12.89 15.68 -0.62
C ARG D 67 -13.61 14.49 0.01
N VAL D 68 -12.89 13.44 0.39
CA VAL D 68 -13.47 12.23 0.97
C VAL D 68 -12.85 12.02 2.35
N THR D 69 -13.70 11.75 3.34
CA THR D 69 -13.25 11.43 4.69
C THR D 69 -13.91 10.13 5.13
N ILE D 70 -13.10 9.14 5.47
CA ILE D 70 -13.57 7.83 5.88
C ILE D 70 -13.22 7.63 7.36
N SER D 71 -14.21 7.23 8.15
CA SER D 71 -14.04 7.07 9.59
C SER D 71 -14.68 5.76 10.01
N ALA D 72 -14.56 5.44 11.30
CA ALA D 72 -15.09 4.19 11.82
C ALA D 72 -15.51 4.38 13.27
N ASP D 73 -16.61 3.73 13.64
CA ASP D 73 -17.11 3.71 15.02
C ASP D 73 -17.00 2.27 15.52
N ARG D 74 -15.97 2.01 16.33
CA ARG D 74 -15.72 0.65 16.79
C ARG D 74 -16.83 0.12 17.68
N SER D 75 -17.48 1.01 18.44
CA SER D 75 -18.50 0.58 19.39
C SER D 75 -19.75 0.03 18.71
N THR D 76 -19.98 0.38 17.44
CA THR D 76 -21.11 -0.15 16.69
C THR D 76 -20.69 -0.90 15.43
N SER D 77 -19.39 -1.08 15.20
CA SER D 77 -18.88 -1.77 14.02
C SER D 77 -19.44 -1.14 12.74
N THR D 78 -19.29 0.18 12.63
CA THR D 78 -19.82 0.95 11.52
C THR D 78 -18.72 1.76 10.87
N VAL D 79 -18.74 1.82 9.54
CA VAL D 79 -17.76 2.57 8.76
C VAL D 79 -18.52 3.64 7.98
N TYR D 80 -18.00 4.86 8.00
CA TYR D 80 -18.67 6.01 7.38
C TYR D 80 -17.83 6.53 6.22
N LEU D 81 -18.52 7.01 5.18
CA LEU D 81 -17.91 7.71 4.06
C LEU D 81 -18.59 9.06 3.92
N GLU D 82 -17.82 10.13 3.98
CA GLU D 82 -18.34 11.49 3.85
C GLU D 82 -17.62 12.20 2.71
N MET D 83 -18.39 12.64 1.72
CA MET D 83 -17.86 13.33 0.56
C MET D 83 -18.47 14.72 0.45
N THR D 84 -17.63 15.70 0.14
CA THR D 84 -18.05 17.08 -0.06
C THR D 84 -17.82 17.47 -1.51
N GLY D 85 -18.15 18.73 -1.83
CA GLY D 85 -17.94 19.22 -3.19
C GLY D 85 -18.64 18.38 -4.24
N LEU D 86 -19.85 17.91 -3.93
CA LEU D 86 -20.55 16.98 -4.79
C LEU D 86 -20.99 17.66 -6.07
N THR D 87 -20.73 17.01 -7.20
CA THR D 87 -21.22 17.43 -8.51
C THR D 87 -21.93 16.24 -9.15
N SER D 88 -22.54 16.50 -10.32
CA SER D 88 -23.24 15.45 -11.03
C SER D 88 -22.33 14.30 -11.42
N ALA D 89 -21.01 14.53 -11.48
CA ALA D 89 -20.06 13.47 -11.78
C ALA D 89 -19.95 12.44 -10.67
N ASP D 90 -20.53 12.70 -9.50
CA ASP D 90 -20.47 11.79 -8.37
C ASP D 90 -21.71 10.90 -8.26
N THR D 91 -22.64 10.99 -9.21
CA THR D 91 -23.80 10.12 -9.21
C THR D 91 -23.37 8.70 -9.55
N ALA D 92 -23.49 7.80 -8.57
CA ALA D 92 -23.04 6.42 -8.73
C ALA D 92 -23.56 5.59 -7.57
N VAL D 93 -23.40 4.28 -7.69
CA VAL D 93 -23.65 3.34 -6.60
C VAL D 93 -22.36 3.23 -5.79
N TYR D 94 -22.49 3.33 -4.47
CA TYR D 94 -21.35 3.31 -3.56
C TYR D 94 -21.37 2.02 -2.75
N PHE D 95 -20.33 1.22 -2.88
CA PHE D 95 -20.20 -0.04 -2.17
C PHE D 95 -19.20 0.08 -1.03
N CYS D 96 -19.47 -0.61 0.07
CA CYS D 96 -18.50 -0.76 1.15
CA CYS D 96 -18.53 -0.76 1.17
C CYS D 96 -18.04 -2.20 1.15
N ALA D 97 -16.72 -2.38 1.01
CA ALA D 97 -16.14 -3.70 0.88
C ALA D 97 -15.03 -3.90 1.89
N ARG D 98 -15.09 -4.99 2.63
CA ARG D 98 -14.05 -5.37 3.58
C ARG D 98 -13.11 -6.37 2.91
N GLU D 99 -11.84 -6.33 3.33
CA GLU D 99 -10.85 -7.22 2.76
C GLU D 99 -11.14 -8.67 3.15
N GLY D 100 -10.41 -9.59 2.51
CA GLY D 100 -10.69 -10.99 2.67
C GLY D 100 -9.94 -11.64 3.82
N GLU D 101 -10.55 -12.68 4.38
CA GLU D 101 -9.91 -13.51 5.39
C GLU D 101 -9.19 -14.65 4.69
N GLY D 102 -7.92 -14.82 5.03
CA GLY D 102 -7.12 -15.92 4.55
C GLY D 102 -6.99 -17.03 5.56
N TRP D 103 -5.83 -17.69 5.57
CA TRP D 103 -5.57 -18.75 6.52
C TRP D 103 -5.51 -18.18 7.93
N PHE D 104 -6.39 -18.67 8.81
CA PHE D 104 -6.48 -18.24 10.21
C PHE D 104 -6.80 -16.75 10.34
N GLY D 105 -7.50 -16.19 9.35
CA GLY D 105 -7.91 -14.81 9.40
C GLY D 105 -6.90 -13.81 8.85
N ARG D 106 -5.83 -14.30 8.22
CA ARG D 106 -4.85 -13.40 7.62
C ARG D 106 -5.53 -12.49 6.61
N PRO D 107 -5.29 -11.18 6.65
CA PRO D 107 -5.96 -10.27 5.73
C PRO D 107 -5.52 -10.50 4.29
N LEU D 108 -6.47 -10.43 3.37
CA LEU D 108 -6.21 -10.65 1.96
C LEU D 108 -6.21 -9.36 1.14
N ARG D 109 -6.51 -8.22 1.75
CA ARG D 109 -6.47 -6.93 1.07
C ARG D 109 -7.47 -6.84 -0.09
N ALA D 110 -7.60 -7.90 -0.88
CA ALA D 110 -8.65 -7.97 -1.88
C ALA D 110 -10.02 -7.96 -1.21
N PHE D 111 -10.97 -7.27 -1.83
CA PHE D 111 -12.28 -7.05 -1.23
C PHE D 111 -13.14 -8.30 -1.40
N GLU D 112 -13.34 -9.04 -0.31
CA GLU D 112 -14.12 -10.27 -0.33
C GLU D 112 -15.58 -10.07 0.06
N PHE D 113 -15.85 -9.26 1.08
CA PHE D 113 -17.20 -9.04 1.57
C PHE D 113 -17.67 -7.66 1.16
N TRP D 114 -18.83 -7.59 0.52
CA TRP D 114 -19.37 -6.35 -0.02
C TRP D 114 -20.73 -6.03 0.61
N GLY D 115 -21.05 -4.74 0.61
CA GLY D 115 -22.38 -4.30 0.98
C GLY D 115 -23.34 -4.37 -0.20
N GLN D 116 -24.59 -4.02 0.07
CA GLN D 116 -25.60 -4.05 -0.98
C GLN D 116 -25.54 -2.85 -1.91
N GLY D 117 -24.71 -1.86 -1.60
CA GLY D 117 -24.61 -0.67 -2.42
C GLY D 117 -25.56 0.42 -1.99
N THR D 118 -25.15 1.67 -2.24
CA THR D 118 -25.97 2.83 -1.92
C THR D 118 -25.95 3.78 -3.11
N LEU D 119 -27.10 3.97 -3.74
CA LEU D 119 -27.19 4.88 -4.89
C LEU D 119 -27.21 6.32 -4.38
N VAL D 120 -26.23 7.11 -4.80
CA VAL D 120 -26.13 8.52 -4.46
C VAL D 120 -26.26 9.32 -5.75
N THR D 121 -27.33 10.09 -5.86
CA THR D 121 -27.59 10.90 -7.04
C THR D 121 -27.36 12.37 -6.69
N VAL D 122 -26.60 13.06 -7.55
CA VAL D 122 -26.33 14.48 -7.38
C VAL D 122 -26.92 15.21 -8.59
N SER D 123 -27.90 16.07 -8.34
CA SER D 123 -28.57 16.81 -9.41
C SER D 123 -29.39 17.94 -8.80
N THR D 124 -29.57 19.00 -9.58
CA THR D 124 -30.45 20.10 -9.20
C THR D 124 -31.92 19.80 -9.47
N ALA D 125 -32.22 18.65 -10.08
CA ALA D 125 -33.60 18.31 -10.39
C ALA D 125 -34.40 18.11 -9.10
N SER D 126 -35.63 18.60 -9.10
CA SER D 126 -36.52 18.41 -7.96
C SER D 126 -37.16 17.03 -8.01
N THR D 127 -37.42 16.47 -6.84
CA THR D 127 -38.06 15.17 -6.74
C THR D 127 -39.46 15.25 -7.33
N LYS D 128 -39.69 14.51 -8.41
CA LYS D 128 -40.95 14.57 -9.13
C LYS D 128 -41.51 13.17 -9.36
N GLY D 129 -42.83 13.04 -9.24
CA GLY D 129 -43.50 11.80 -9.52
C GLY D 129 -43.66 11.57 -11.01
N PRO D 130 -43.82 10.32 -11.42
CA PRO D 130 -43.88 10.01 -12.85
C PRO D 130 -45.27 10.18 -13.43
N SER D 131 -45.30 10.49 -14.72
CA SER D 131 -46.51 10.46 -15.52
C SER D 131 -46.55 9.13 -16.26
N VAL D 132 -47.61 8.36 -16.06
CA VAL D 132 -47.73 7.02 -16.63
C VAL D 132 -48.70 7.10 -17.79
N PHE D 133 -48.19 6.86 -19.00
CA PHE D 133 -49.01 6.86 -20.20
C PHE D 133 -49.11 5.46 -20.78
N PRO D 134 -50.23 5.11 -21.41
CA PRO D 134 -50.39 3.76 -21.96
C PRO D 134 -49.74 3.61 -23.33
N LEU D 135 -49.03 2.51 -23.51
CA LEU D 135 -48.53 2.09 -24.82
C LEU D 135 -49.51 1.04 -25.33
N ALA D 136 -50.61 1.53 -25.92
CA ALA D 136 -51.73 0.67 -26.28
C ALA D 136 -51.34 -0.35 -27.34
N PRO D 137 -51.90 -1.55 -27.28
CA PRO D 137 -51.56 -2.59 -28.27
C PRO D 137 -52.06 -2.23 -29.66
N SER D 138 -51.41 -2.84 -30.66
CA SER D 138 -51.71 -2.53 -32.04
C SER D 138 -53.14 -2.94 -32.40
N SER D 139 -53.68 -2.27 -33.41
CA SER D 139 -55.04 -2.55 -33.86
C SER D 139 -55.11 -3.89 -34.59
N GLY D 145 -49.84 -13.98 -33.63
CA GLY D 145 -50.85 -14.01 -32.60
C GLY D 145 -50.37 -13.47 -31.27
N THR D 146 -49.38 -12.58 -31.31
CA THR D 146 -48.79 -11.98 -30.12
C THR D 146 -48.85 -10.47 -30.25
N ALA D 147 -49.57 -9.82 -29.34
CA ALA D 147 -49.69 -8.37 -29.29
C ALA D 147 -48.87 -7.83 -28.12
N ALA D 148 -48.30 -6.64 -28.31
CA ALA D 148 -47.46 -6.01 -27.31
C ALA D 148 -48.13 -4.74 -26.78
N LEU D 149 -48.06 -4.56 -25.47
CA LEU D 149 -48.58 -3.37 -24.81
C LEU D 149 -47.62 -3.00 -23.69
N GLY D 150 -47.86 -1.84 -23.08
CA GLY D 150 -46.99 -1.42 -22.00
C GLY D 150 -47.35 -0.04 -21.49
N CYS D 151 -46.53 0.45 -20.58
CA CYS D 151 -46.68 1.77 -19.98
CA CYS D 151 -46.68 1.77 -19.97
C CYS D 151 -45.41 2.57 -20.14
N LEU D 152 -45.55 3.88 -20.33
CA LEU D 152 -44.43 4.80 -20.47
C LEU D 152 -44.33 5.61 -19.18
N VAL D 153 -43.34 5.28 -18.35
CA VAL D 153 -43.13 5.96 -17.07
C VAL D 153 -42.17 7.11 -17.35
N LYS D 154 -42.71 8.31 -17.53
CA LYS D 154 -41.97 9.45 -18.05
C LYS D 154 -41.95 10.59 -17.03
N ASP D 155 -40.81 11.29 -16.98
CA ASP D 155 -40.63 12.54 -16.24
C ASP D 155 -40.79 12.33 -14.73
N TYR D 156 -39.84 11.57 -14.18
CA TYR D 156 -39.76 11.37 -12.74
C TYR D 156 -38.32 11.53 -12.27
N PHE D 157 -38.16 11.72 -10.97
CA PHE D 157 -36.86 11.93 -10.37
C PHE D 157 -36.98 11.83 -8.85
N PRO D 158 -36.05 11.15 -8.17
CA PRO D 158 -34.93 10.44 -8.80
C PRO D 158 -35.24 8.98 -9.05
N GLU D 159 -34.19 8.17 -9.21
CA GLU D 159 -34.35 6.74 -9.26
C GLU D 159 -34.62 6.20 -7.85
N PRO D 160 -35.31 5.06 -7.73
CA PRO D 160 -35.90 4.28 -8.83
C PRO D 160 -37.42 4.27 -8.82
N VAL D 161 -38.00 3.60 -9.81
CA VAL D 161 -39.42 3.27 -9.81
C VAL D 161 -39.55 1.76 -9.99
N THR D 162 -40.59 1.20 -9.40
CA THR D 162 -40.93 -0.20 -9.56
C THR D 162 -42.17 -0.32 -10.42
N VAL D 163 -42.14 -1.23 -11.39
CA VAL D 163 -43.26 -1.44 -12.28
C VAL D 163 -43.64 -2.91 -12.25
N SER D 164 -44.86 -3.19 -11.82
CA SER D 164 -45.46 -4.52 -11.89
C SER D 164 -46.65 -4.47 -12.83
N TRP D 165 -47.23 -5.63 -13.09
CA TRP D 165 -48.37 -5.76 -13.99
C TRP D 165 -49.46 -6.59 -13.32
N ASN D 166 -50.66 -6.02 -13.23
CA ASN D 166 -51.80 -6.67 -12.58
C ASN D 166 -51.46 -7.04 -11.13
N SER D 167 -50.91 -6.07 -10.40
CA SER D 167 -50.53 -6.23 -9.00
C SER D 167 -49.53 -7.37 -8.81
N GLY D 168 -48.72 -7.64 -9.83
CA GLY D 168 -47.72 -8.67 -9.77
C GLY D 168 -48.16 -10.03 -10.24
N ALA D 169 -49.39 -10.16 -10.76
CA ALA D 169 -49.86 -11.46 -11.23
C ALA D 169 -49.31 -11.79 -12.61
N LEU D 170 -49.06 -10.78 -13.44
CA LEU D 170 -48.57 -10.97 -14.79
C LEU D 170 -47.06 -10.69 -14.80
N THR D 171 -46.27 -11.76 -14.98
CA THR D 171 -44.82 -11.64 -15.06
C THR D 171 -44.24 -12.19 -16.35
N SER D 172 -44.85 -13.23 -16.93
CA SER D 172 -44.30 -13.85 -18.13
C SER D 172 -44.40 -12.91 -19.32
N GLY D 173 -43.27 -12.69 -19.98
CA GLY D 173 -43.22 -11.84 -21.16
C GLY D 173 -43.05 -10.37 -20.90
N VAL D 174 -42.73 -9.98 -19.66
CA VAL D 174 -42.60 -8.57 -19.30
C VAL D 174 -41.16 -8.14 -19.50
N HIS D 175 -40.99 -6.95 -20.07
CA HIS D 175 -39.67 -6.32 -20.21
C HIS D 175 -39.77 -4.89 -19.68
N THR D 176 -39.23 -4.66 -18.49
CA THR D 176 -39.11 -3.32 -17.94
C THR D 176 -37.71 -2.80 -18.27
N PHE D 177 -37.65 -1.73 -19.04
CA PHE D 177 -36.38 -1.28 -19.60
C PHE D 177 -35.63 -0.38 -18.62
N PRO D 178 -34.30 -0.37 -18.71
CA PRO D 178 -33.51 0.59 -17.93
C PRO D 178 -33.91 2.02 -18.30
N ALA D 179 -34.02 2.86 -17.27
CA ALA D 179 -34.40 4.24 -17.49
C ALA D 179 -33.28 5.00 -18.19
N VAL D 180 -33.68 5.98 -18.99
CA VAL D 180 -32.73 6.89 -19.63
C VAL D 180 -32.87 8.26 -18.98
N LEU D 181 -31.76 8.98 -18.93
CA LEU D 181 -31.74 10.34 -18.40
C LEU D 181 -31.97 11.31 -19.55
N GLN D 182 -33.14 11.95 -19.56
CA GLN D 182 -33.53 12.81 -20.66
C GLN D 182 -32.68 14.08 -20.68
N SER D 183 -32.96 14.95 -21.65
CA SER D 183 -32.23 16.20 -21.75
C SER D 183 -32.49 17.09 -20.53
N SER D 184 -33.70 17.03 -19.98
CA SER D 184 -33.97 17.65 -18.69
C SER D 184 -33.39 16.76 -17.59
N GLY D 185 -33.59 17.18 -16.34
CA GLY D 185 -33.06 16.39 -15.26
C GLY D 185 -33.85 15.14 -14.91
N LEU D 186 -34.87 14.79 -15.70
CA LEU D 186 -35.83 13.76 -15.33
C LEU D 186 -35.58 12.45 -16.07
N TYR D 187 -35.91 11.36 -15.41
CA TYR D 187 -35.79 10.02 -15.98
C TYR D 187 -37.05 9.64 -16.73
N SER D 188 -36.95 8.59 -17.53
CA SER D 188 -38.07 8.06 -18.29
C SER D 188 -37.74 6.64 -18.73
N LEU D 189 -38.61 5.69 -18.39
CA LEU D 189 -38.47 4.31 -18.84
C LEU D 189 -39.81 3.81 -19.37
N SER D 190 -39.77 2.64 -19.98
CA SER D 190 -40.96 1.99 -20.49
C SER D 190 -40.94 0.52 -20.07
N SER D 191 -42.11 0.01 -19.70
CA SER D 191 -42.28 -1.40 -19.36
C SER D 191 -43.29 -1.99 -20.33
N VAL D 192 -42.84 -2.94 -21.15
CA VAL D 192 -43.69 -3.57 -22.14
C VAL D 192 -43.97 -5.01 -21.71
N VAL D 193 -45.02 -5.58 -22.31
CA VAL D 193 -45.38 -6.98 -22.06
C VAL D 193 -46.04 -7.52 -23.31
N THR D 194 -45.64 -8.71 -23.73
CA THR D 194 -46.22 -9.37 -24.89
C THR D 194 -47.22 -10.42 -24.42
N VAL D 195 -48.45 -10.33 -24.94
CA VAL D 195 -49.53 -11.22 -24.53
C VAL D 195 -50.20 -11.79 -25.77
N PRO D 196 -50.92 -12.89 -25.62
CA PRO D 196 -51.74 -13.37 -26.74
C PRO D 196 -52.75 -12.31 -27.17
N SER D 197 -52.84 -12.09 -28.48
CA SER D 197 -53.74 -11.09 -29.01
C SER D 197 -55.20 -11.39 -28.71
N SER D 198 -55.54 -12.66 -28.49
CA SER D 198 -56.93 -13.01 -28.20
C SER D 198 -57.38 -12.56 -26.82
N SER D 199 -56.44 -12.22 -25.93
CA SER D 199 -56.77 -11.83 -24.57
C SER D 199 -56.93 -10.33 -24.40
N LEU D 200 -56.85 -9.55 -25.49
CA LEU D 200 -56.95 -8.10 -25.37
C LEU D 200 -58.37 -7.67 -24.99
N GLY D 201 -59.37 -8.41 -25.43
CA GLY D 201 -60.75 -8.09 -25.11
C GLY D 201 -61.34 -8.80 -23.92
N THR D 202 -60.53 -9.60 -23.21
CA THR D 202 -61.01 -10.35 -22.05
C THR D 202 -60.15 -10.23 -20.82
N GLN D 203 -58.88 -9.85 -20.94
CA GLN D 203 -57.98 -9.70 -19.80
C GLN D 203 -57.67 -8.22 -19.59
N THR D 204 -57.93 -7.72 -18.40
CA THR D 204 -57.58 -6.35 -18.04
C THR D 204 -56.08 -6.27 -17.74
N TYR D 205 -55.40 -5.32 -18.35
CA TYR D 205 -53.97 -5.13 -18.18
C TYR D 205 -53.72 -3.79 -17.48
N ILE D 206 -53.30 -3.84 -16.23
CA ILE D 206 -53.01 -2.65 -15.43
C ILE D 206 -51.53 -2.67 -15.09
N CYS D 207 -50.87 -1.54 -15.28
CA CYS D 207 -49.46 -1.39 -14.93
CA CYS D 207 -49.46 -1.37 -14.95
C CYS D 207 -49.36 -0.59 -13.63
N ASN D 208 -48.66 -1.16 -12.66
CA ASN D 208 -48.55 -0.55 -11.33
C ASN D 208 -47.18 0.09 -11.20
N VAL D 209 -47.16 1.42 -11.04
CA VAL D 209 -45.92 2.18 -10.94
C VAL D 209 -45.84 2.77 -9.53
N ASN D 210 -44.76 2.46 -8.83
CA ASN D 210 -44.50 2.97 -7.50
C ASN D 210 -43.20 3.77 -7.53
N HIS D 211 -43.28 5.04 -7.16
CA HIS D 211 -42.11 5.91 -7.04
C HIS D 211 -42.04 6.38 -5.59
N LYS D 212 -41.28 5.65 -4.78
CA LYS D 212 -41.20 5.95 -3.35
C LYS D 212 -40.70 7.37 -3.04
N PRO D 213 -39.69 7.92 -3.73
CA PRO D 213 -39.22 9.28 -3.36
C PRO D 213 -40.32 10.32 -3.38
N SER D 214 -41.15 10.33 -4.40
CA SER D 214 -42.25 11.29 -4.49
C SER D 214 -43.52 10.83 -3.80
N ASN D 215 -43.48 9.67 -3.14
CA ASN D 215 -44.66 9.09 -2.49
C ASN D 215 -45.80 8.95 -3.50
N THR D 216 -45.50 8.27 -4.61
CA THR D 216 -46.41 8.18 -5.74
C THR D 216 -46.71 6.71 -6.04
N LYS D 217 -47.99 6.38 -6.10
CA LYS D 217 -48.46 5.08 -6.57
C LYS D 217 -49.49 5.33 -7.67
N VAL D 218 -49.25 4.79 -8.85
CA VAL D 218 -50.12 5.01 -10.01
C VAL D 218 -50.42 3.66 -10.65
N ASP D 219 -51.70 3.34 -10.78
CA ASP D 219 -52.17 2.18 -11.52
C ASP D 219 -52.83 2.68 -12.80
N LYS D 220 -52.30 2.24 -13.94
CA LYS D 220 -52.75 2.72 -15.24
C LYS D 220 -53.31 1.55 -16.05
N LYS D 221 -54.57 1.65 -16.45
CA LYS D 221 -55.19 0.66 -17.31
C LYS D 221 -54.76 0.89 -18.75
N VAL D 222 -54.26 -0.17 -19.40
CA VAL D 222 -53.82 -0.11 -20.79
C VAL D 222 -54.85 -0.84 -21.63
N GLU D 223 -55.63 -0.09 -22.40
CA GLU D 223 -56.68 -0.62 -23.25
C GLU D 223 -56.29 -0.56 -24.72
N PRO D 224 -56.81 -1.48 -25.54
CA PRO D 224 -56.49 -1.44 -26.98
C PRO D 224 -56.97 -0.15 -27.63
N LYS D 225 -56.28 0.26 -28.69
CA LYS D 225 -56.64 1.47 -29.41
C LYS D 225 -58.01 1.30 -30.06
N SER D 226 -58.91 2.23 -29.76
CA SER D 226 -60.27 2.19 -30.30
C SER D 226 -60.64 3.51 -30.97
N GLU E 1 -22.13 42.23 27.33
CA GLU E 1 -21.28 42.02 26.15
C GLU E 1 -20.25 43.13 26.03
N ILE E 2 -19.05 42.78 25.58
CA ILE E 2 -17.95 43.72 25.40
C ILE E 2 -17.79 43.99 23.91
N VAL E 3 -17.70 45.27 23.54
CA VAL E 3 -17.56 45.69 22.16
C VAL E 3 -16.19 46.33 21.97
N LEU E 4 -15.45 45.87 20.98
CA LEU E 4 -14.14 46.41 20.65
C LEU E 4 -14.24 47.27 19.41
N THR E 5 -13.75 48.51 19.50
CA THR E 5 -13.75 49.45 18.39
C THR E 5 -12.31 49.80 18.07
N GLN E 6 -11.89 49.55 16.83
CA GLN E 6 -10.53 49.83 16.42
C GLN E 6 -10.45 51.18 15.71
N SER E 7 -9.24 51.73 15.67
CA SER E 7 -9.01 53.02 15.06
C SER E 7 -7.56 53.09 14.57
N PRO E 8 -7.32 53.72 13.40
CA PRO E 8 -8.37 54.30 12.55
C PRO E 8 -9.07 53.26 11.69
N GLY E 9 -9.96 53.69 10.81
CA GLY E 9 -10.63 52.79 9.90
C GLY E 9 -9.68 52.21 8.89
N THR E 10 -9.05 53.07 8.09
CA THR E 10 -8.07 52.66 7.08
C THR E 10 -6.87 53.59 7.18
N PHE E 11 -5.71 53.03 7.53
CA PHE E 11 -4.48 53.79 7.58
C PHE E 11 -3.89 53.91 6.18
N ALA E 12 -2.70 54.50 6.09
CA ALA E 12 -1.99 54.67 4.82
C ALA E 12 -0.54 55.08 5.08
N LEU E 13 0.33 54.11 5.37
CA LEU E 13 1.70 54.39 5.73
C LEU E 13 2.65 53.75 4.72
N SER E 14 3.93 54.08 4.85
CA SER E 14 4.99 53.61 3.99
C SER E 14 5.98 52.75 4.78
N PRO E 15 6.75 51.90 4.11
CA PRO E 15 7.75 51.10 4.82
C PRO E 15 8.78 51.99 5.52
N GLY E 16 9.16 51.56 6.73
CA GLY E 16 10.09 52.31 7.56
C GLY E 16 9.41 53.13 8.63
N GLU E 17 8.17 53.56 8.41
CA GLU E 17 7.44 54.34 9.37
C GLU E 17 6.85 53.44 10.47
N ARG E 18 6.46 54.06 11.57
CA ARG E 18 5.87 53.36 12.71
C ARG E 18 4.35 53.46 12.63
N ALA E 19 3.69 52.32 12.83
CA ALA E 19 2.24 52.24 12.83
C ALA E 19 1.73 52.02 14.24
N THR E 20 0.66 52.74 14.60
CA THR E 20 0.02 52.62 15.91
C THR E 20 -1.47 52.41 15.69
N LEU E 21 -1.96 51.25 16.09
CA LEU E 21 -3.37 50.88 15.93
C LEU E 21 -4.02 50.80 17.30
N SER E 22 -5.15 51.48 17.47
CA SER E 22 -5.81 51.56 18.76
C SER E 22 -7.03 50.65 18.80
N CYS E 23 -7.31 50.10 19.98
CA CYS E 23 -8.43 49.21 20.21
C CYS E 23 -9.05 49.60 21.55
N ARG E 24 -10.26 50.15 21.50
CA ARG E 24 -10.95 50.62 22.70
C ARG E 24 -12.10 49.67 23.03
N ALA E 25 -12.21 49.30 24.30
CA ALA E 25 -13.25 48.41 24.77
C ALA E 25 -14.38 49.20 25.44
N SER E 26 -15.58 48.64 25.38
CA SER E 26 -16.74 49.27 26.00
C SER E 26 -16.75 49.10 27.52
N GLN E 27 -15.99 48.14 28.05
CA GLN E 27 -15.84 47.98 29.49
C GLN E 27 -14.51 47.31 29.77
N SER E 28 -14.25 47.04 31.05
CA SER E 28 -12.93 46.61 31.51
C SER E 28 -12.58 45.25 30.92
N VAL E 29 -11.51 45.19 30.14
CA VAL E 29 -10.97 43.92 29.66
C VAL E 29 -10.16 43.32 30.81
N SER E 30 -10.77 42.40 31.54
CA SER E 30 -10.17 41.87 32.75
C SER E 30 -8.99 40.95 32.41
N GLY E 31 -8.04 40.90 33.34
CA GLY E 31 -6.89 40.01 33.25
C GLY E 31 -5.93 40.27 32.11
N GLY E 32 -5.99 41.43 31.47
CA GLY E 32 -5.11 41.71 30.33
C GLY E 32 -5.28 40.69 29.23
N ALA E 33 -6.53 40.42 28.86
CA ALA E 33 -6.86 39.36 27.92
C ALA E 33 -7.17 39.95 26.53
N LEU E 34 -6.12 40.49 25.92
CA LEU E 34 -6.22 41.13 24.61
C LEU E 34 -5.26 40.45 23.65
N ALA E 35 -5.71 40.24 22.41
CA ALA E 35 -4.92 39.61 21.38
C ALA E 35 -4.99 40.42 20.09
N TRP E 36 -3.92 40.35 19.31
CA TRP E 36 -3.79 41.05 18.05
C TRP E 36 -3.44 40.06 16.96
N TYR E 37 -4.22 40.08 15.87
CA TYR E 37 -4.07 39.19 14.74
C TYR E 37 -3.84 39.98 13.45
N GLN E 38 -3.08 39.39 12.53
CA GLN E 38 -2.87 39.93 11.19
C GLN E 38 -3.54 38.99 10.19
N GLN E 39 -4.13 39.59 9.15
CA GLN E 39 -4.82 38.80 8.12
C GLN E 39 -4.65 39.50 6.77
N LYS E 40 -4.15 38.75 5.79
CA LYS E 40 -4.05 39.21 4.42
C LYS E 40 -5.23 38.65 3.61
N ALA E 41 -5.34 39.11 2.38
CA ALA E 41 -6.46 38.72 1.53
C ALA E 41 -6.42 37.23 1.23
N GLY E 42 -7.52 36.54 1.52
CA GLY E 42 -7.66 35.14 1.20
C GLY E 42 -6.98 34.19 2.15
N GLN E 43 -6.48 34.66 3.28
CA GLN E 43 -5.78 33.83 4.24
C GLN E 43 -6.48 33.87 5.59
N ALA E 44 -6.13 32.92 6.44
CA ALA E 44 -6.62 32.89 7.81
C ALA E 44 -5.85 33.91 8.65
N PRO E 45 -6.42 34.33 9.78
CA PRO E 45 -5.69 35.24 10.66
C PRO E 45 -4.40 34.63 11.18
N ARG E 46 -3.47 35.50 11.59
CA ARG E 46 -2.18 35.10 12.11
C ARG E 46 -1.97 35.78 13.46
N LEU E 47 -1.79 34.97 14.51
CA LEU E 47 -1.64 35.52 15.85
C LEU E 47 -0.35 36.32 15.95
N LEU E 48 -0.47 37.59 16.31
CA LEU E 48 0.69 38.46 16.52
C LEU E 48 0.98 38.67 18.00
N ILE E 49 -0.01 39.12 18.76
CA ILE E 49 0.17 39.45 20.17
C ILE E 49 -0.85 38.69 20.99
N TYR E 50 -0.40 38.07 22.09
CA TYR E 50 -1.28 37.41 23.04
C TYR E 50 -1.08 38.00 24.42
N GLY E 51 -2.17 38.12 25.18
CA GLY E 51 -2.09 38.67 26.51
C GLY E 51 -1.60 40.10 26.54
N THR E 52 -2.27 40.97 25.77
CA THR E 52 -1.99 42.41 25.73
C THR E 52 -0.61 42.73 25.16
N SER E 53 0.45 42.13 25.70
CA SER E 53 1.81 42.52 25.34
C SER E 53 2.71 41.30 25.21
N GLY E 54 2.23 40.25 24.53
CA GLY E 54 3.04 39.06 24.36
C GLY E 54 3.21 38.67 22.91
N ARG E 55 4.44 38.76 22.40
CA ARG E 55 4.73 38.37 21.03
C ARG E 55 4.56 36.86 20.87
N ALA E 56 3.72 36.47 19.93
CA ALA E 56 3.50 35.05 19.67
C ALA E 56 4.77 34.40 19.13
N THR E 57 4.80 33.07 19.19
CA THR E 57 5.98 32.31 18.80
C THR E 57 6.34 32.54 17.35
N GLY E 58 7.47 33.22 17.12
CA GLY E 58 7.94 33.48 15.77
C GLY E 58 7.51 34.78 15.16
N VAL E 59 6.95 35.70 15.93
CA VAL E 59 6.50 36.99 15.43
C VAL E 59 7.67 37.97 15.47
N PRO E 60 7.90 38.75 14.42
CA PRO E 60 9.02 39.70 14.44
C PRO E 60 8.92 40.67 15.61
N GLY E 61 10.09 41.06 16.12
CA GLY E 61 10.15 41.92 17.29
C GLY E 61 9.65 43.32 17.05
N ARG E 62 9.52 43.73 15.79
CA ARG E 62 9.01 45.06 15.50
C ARG E 62 7.54 45.22 15.87
N PHE E 63 6.83 44.12 16.11
CA PHE E 63 5.47 44.17 16.64
C PHE E 63 5.50 44.17 18.16
N SER E 64 4.68 45.03 18.76
CA SER E 64 4.58 45.06 20.22
C SER E 64 3.16 45.45 20.59
N GLY E 65 2.74 45.00 21.78
CA GLY E 65 1.43 45.31 22.30
C GLY E 65 1.53 46.10 23.59
N SER E 66 0.53 46.94 23.83
CA SER E 66 0.51 47.74 25.05
C SER E 66 -0.94 48.09 25.37
N GLY E 67 -1.14 48.65 26.56
CA GLY E 67 -2.43 49.13 26.99
C GLY E 67 -2.98 48.35 28.17
N SER E 68 -4.13 48.79 28.63
CA SER E 68 -4.80 48.18 29.78
C SER E 68 -6.24 48.66 29.82
N GLU E 69 -7.02 48.02 30.68
CA GLU E 69 -8.41 48.39 30.94
C GLU E 69 -9.23 48.47 29.66
N THR E 70 -9.43 49.68 29.14
CA THR E 70 -10.29 49.91 27.99
C THR E 70 -9.55 50.48 26.79
N ASP E 71 -8.23 50.59 26.84
CA ASP E 71 -7.45 51.16 25.75
C ASP E 71 -6.22 50.31 25.51
N PHE E 72 -6.08 49.77 24.29
CA PHE E 72 -4.95 48.94 23.92
C PHE E 72 -4.40 49.42 22.59
N SER E 73 -3.15 49.06 22.32
CA SER E 73 -2.46 49.56 21.14
C SER E 73 -1.49 48.52 20.61
N LEU E 74 -1.52 48.30 19.30
CA LEU E 74 -0.53 47.50 18.59
C LEU E 74 0.41 48.45 17.86
N THR E 75 1.70 48.31 18.12
CA THR E 75 2.72 49.22 17.58
C THR E 75 3.69 48.42 16.72
N ILE E 76 3.82 48.81 15.46
CA ILE E 76 4.82 48.27 14.55
C ILE E 76 5.89 49.34 14.38
N SER E 77 7.09 49.07 14.91
CA SER E 77 8.11 50.10 15.00
C SER E 77 8.56 50.57 13.63
N ARG E 78 8.85 49.64 12.73
CA ARG E 78 9.30 49.98 11.37
C ARG E 78 8.59 49.07 10.39
N LEU E 79 7.71 49.66 9.58
CA LEU E 79 6.89 48.89 8.66
C LEU E 79 7.73 48.28 7.54
N GLU E 80 7.25 47.16 7.01
CA GLU E 80 7.87 46.44 5.90
C GLU E 80 6.78 46.09 4.90
N PRO E 81 7.16 45.83 3.64
CA PRO E 81 6.15 45.58 2.61
C PRO E 81 5.16 44.47 2.94
N GLU E 82 5.57 43.44 3.67
CA GLU E 82 4.67 42.35 4.01
C GLU E 82 3.81 42.64 5.23
N ASP E 83 4.01 43.77 5.89
CA ASP E 83 3.24 44.13 7.08
C ASP E 83 1.95 44.87 6.74
N PHE E 84 1.65 45.09 5.47
CA PHE E 84 0.45 45.81 5.05
C PHE E 84 -0.67 44.80 4.87
N ALA E 85 -1.59 44.76 5.83
CA ALA E 85 -2.71 43.84 5.81
C ALA E 85 -3.81 44.41 6.72
N VAL E 86 -4.72 43.55 7.17
CA VAL E 86 -5.80 43.95 8.06
C VAL E 86 -5.51 43.38 9.44
N TYR E 87 -5.56 44.24 10.45
CA TYR E 87 -5.24 43.85 11.82
C TYR E 87 -6.48 43.91 12.69
N TYR E 88 -6.71 42.83 13.44
CA TYR E 88 -7.87 42.71 14.32
C TYR E 88 -7.40 42.61 15.77
N CYS E 89 -8.17 43.20 16.67
CA CYS E 89 -7.99 42.98 18.10
C CYS E 89 -9.14 42.13 18.61
N GLN E 90 -8.84 41.32 19.61
CA GLN E 90 -9.80 40.38 20.19
C GLN E 90 -9.68 40.40 21.71
N GLN E 91 -10.81 40.28 22.38
CA GLN E 91 -10.84 40.11 23.82
C GLN E 91 -11.58 38.82 24.14
N TYR E 92 -11.06 38.06 25.10
CA TYR E 92 -11.70 36.84 25.59
C TYR E 92 -11.85 36.95 27.10
N GLY E 93 -13.06 37.25 27.55
CA GLY E 93 -13.35 37.38 28.96
C GLY E 93 -13.55 36.04 29.64
N THR E 94 -14.75 35.82 30.18
CA THR E 94 -15.06 34.57 30.87
C THR E 94 -15.65 33.52 29.93
N SER E 95 -16.53 33.94 29.02
CA SER E 95 -17.14 33.04 28.06
C SER E 95 -17.20 33.69 26.69
N GLN E 96 -17.78 34.89 26.63
CA GLN E 96 -17.87 35.61 25.38
C GLN E 96 -16.50 36.14 24.95
N SER E 97 -16.25 36.08 23.65
CA SER E 97 -15.03 36.61 23.04
C SER E 97 -15.41 37.39 21.80
N THR E 98 -14.90 38.61 21.69
CA THR E 98 -15.30 39.51 20.62
C THR E 98 -14.08 40.11 19.94
N PHE E 99 -14.19 40.25 18.61
CA PHE E 99 -13.17 40.88 17.78
C PHE E 99 -13.57 42.31 17.46
N GLY E 100 -12.57 43.12 17.08
CA GLY E 100 -12.83 44.43 16.56
C GLY E 100 -13.19 44.38 15.09
N GLN E 101 -13.70 45.51 14.58
CA GLN E 101 -14.08 45.56 13.17
C GLN E 101 -12.87 45.60 12.24
N GLY E 102 -11.66 45.78 12.77
CA GLY E 102 -10.47 45.70 11.97
C GLY E 102 -9.93 47.05 11.51
N THR E 103 -8.60 47.17 11.48
CA THR E 103 -7.93 48.33 10.94
C THR E 103 -7.12 47.90 9.72
N ARG E 104 -7.36 48.57 8.59
CA ARG E 104 -6.70 48.24 7.34
C ARG E 104 -5.50 49.17 7.16
N LEU E 105 -4.32 48.58 6.99
CA LEU E 105 -3.07 49.31 6.84
C LEU E 105 -2.61 49.12 5.40
N GLU E 106 -2.82 50.13 4.56
CA GLU E 106 -2.46 50.09 3.15
C GLU E 106 -1.13 50.80 2.92
N THR E 107 -0.54 50.51 1.77
CA THR E 107 0.68 51.18 1.36
C THR E 107 0.34 52.51 0.68
N ARG E 108 1.14 53.54 0.97
CA ARG E 108 0.88 54.88 0.47
C ARG E 108 1.65 55.11 -0.83
N ARG E 109 0.98 55.75 -1.79
CA ARG E 109 1.59 56.08 -3.06
C ARG E 109 1.04 57.41 -3.55
N THR E 110 1.51 57.84 -4.72
CA THR E 110 1.09 59.11 -5.29
C THR E 110 -0.31 58.99 -5.87
N VAL E 111 -1.01 60.12 -5.92
CA VAL E 111 -2.37 60.17 -6.44
C VAL E 111 -2.34 59.84 -7.93
N ALA E 112 -2.92 58.70 -8.31
CA ALA E 112 -2.95 58.24 -9.68
C ALA E 112 -4.38 58.32 -10.21
N ALA E 113 -4.56 59.06 -11.30
CA ALA E 113 -5.87 59.14 -11.93
C ALA E 113 -6.22 57.80 -12.58
N PRO E 114 -7.49 57.42 -12.57
CA PRO E 114 -7.88 56.14 -13.15
C PRO E 114 -7.99 56.18 -14.67
N SER E 115 -7.67 55.06 -15.30
CA SER E 115 -7.85 54.88 -16.74
C SER E 115 -9.25 54.30 -16.96
N VAL E 116 -10.12 55.08 -17.57
CA VAL E 116 -11.52 54.72 -17.71
C VAL E 116 -11.76 54.07 -19.07
N PHE E 117 -12.44 52.94 -19.07
CA PHE E 117 -12.87 52.25 -20.28
C PHE E 117 -14.33 51.88 -20.15
N ILE E 118 -15.04 51.85 -21.28
CA ILE E 118 -16.44 51.44 -21.29
C ILE E 118 -16.60 50.28 -22.26
N PHE E 119 -17.51 49.37 -21.91
CA PHE E 119 -17.76 48.16 -22.68
C PHE E 119 -19.26 48.03 -22.89
N PRO E 120 -19.73 48.03 -24.14
CA PRO E 120 -21.16 47.82 -24.40
C PRO E 120 -21.50 46.34 -24.27
N PRO E 121 -22.78 46.01 -24.13
CA PRO E 121 -23.16 44.59 -24.06
C PRO E 121 -22.87 43.88 -25.37
N SER E 122 -22.52 42.60 -25.24
CA SER E 122 -22.22 41.78 -26.41
C SER E 122 -23.50 41.36 -27.11
N ASP E 123 -23.40 41.15 -28.43
CA ASP E 123 -24.52 40.59 -29.18
C ASP E 123 -24.92 39.23 -28.62
N GLU E 124 -23.94 38.45 -28.16
CA GLU E 124 -24.23 37.15 -27.56
C GLU E 124 -25.13 37.30 -26.35
N GLN E 125 -24.87 38.31 -25.51
CA GLN E 125 -25.70 38.53 -24.34
C GLN E 125 -27.05 39.12 -24.73
N LEU E 126 -27.06 40.08 -25.66
CA LEU E 126 -28.32 40.66 -26.12
C LEU E 126 -29.23 39.62 -26.75
N LYS E 127 -28.68 38.51 -27.26
CA LYS E 127 -29.52 37.43 -27.75
C LYS E 127 -30.28 36.71 -26.65
N SER E 128 -30.06 37.06 -25.38
CA SER E 128 -30.71 36.40 -24.26
C SER E 128 -31.65 37.32 -23.49
N GLY E 129 -31.78 38.58 -23.89
CA GLY E 129 -32.76 39.47 -23.30
C GLY E 129 -32.28 40.31 -22.15
N THR E 130 -30.97 40.50 -22.01
CA THR E 130 -30.41 41.35 -20.96
C THR E 130 -29.22 42.11 -21.53
N ALA E 131 -28.93 43.26 -20.92
CA ALA E 131 -27.84 44.12 -21.37
C ALA E 131 -27.02 44.53 -20.16
N SER E 132 -25.72 44.25 -20.21
CA SER E 132 -24.78 44.65 -19.16
C SER E 132 -23.74 45.57 -19.77
N VAL E 133 -23.73 46.83 -19.32
CA VAL E 133 -22.73 47.80 -19.73
C VAL E 133 -21.70 47.92 -18.62
N VAL E 134 -20.42 47.82 -18.97
CA VAL E 134 -19.34 47.75 -18.00
C VAL E 134 -18.51 49.02 -18.08
N CYS E 135 -18.07 49.52 -16.92
CA CYS E 135 -17.19 50.66 -16.82
C CYS E 135 -16.01 50.27 -15.93
N LEU E 136 -14.80 50.37 -16.47
CA LEU E 136 -13.59 49.95 -15.79
C LEU E 136 -12.75 51.17 -15.44
N LEU E 137 -12.41 51.30 -14.15
CA LEU E 137 -11.49 52.33 -13.65
C LEU E 137 -10.21 51.60 -13.26
N ASN E 138 -9.21 51.63 -14.15
CA ASN E 138 -8.01 50.84 -13.99
C ASN E 138 -6.92 51.65 -13.31
N ASN E 139 -6.33 51.08 -12.26
CA ASN E 139 -5.10 51.55 -11.62
C ASN E 139 -5.17 53.00 -11.17
N PHE E 140 -5.81 53.24 -10.03
CA PHE E 140 -5.95 54.57 -9.47
C PHE E 140 -5.63 54.53 -7.98
N TYR E 141 -5.51 55.73 -7.40
CA TYR E 141 -5.22 55.92 -5.99
C TYR E 141 -5.51 57.37 -5.67
N PRO E 142 -6.19 57.67 -4.55
CA PRO E 142 -6.63 56.75 -3.49
C PRO E 142 -7.82 55.87 -3.88
N ARG E 143 -8.29 55.07 -2.92
CA ARG E 143 -9.32 54.08 -3.20
C ARG E 143 -10.67 54.72 -3.49
N GLU E 144 -10.93 55.91 -2.94
CA GLU E 144 -12.23 56.54 -3.09
C GLU E 144 -12.42 57.05 -4.50
N ALA E 145 -13.50 56.60 -5.16
CA ALA E 145 -13.85 57.07 -6.49
C ALA E 145 -15.37 57.03 -6.63
N LYS E 146 -15.89 57.86 -7.52
CA LYS E 146 -17.33 57.94 -7.73
C LYS E 146 -17.66 57.71 -9.19
N VAL E 147 -18.68 56.89 -9.43
CA VAL E 147 -19.12 56.53 -10.77
C VAL E 147 -20.61 56.81 -10.90
N GLN E 148 -21.00 57.46 -11.98
CA GLN E 148 -22.40 57.76 -12.27
C GLN E 148 -22.74 57.29 -13.68
N TRP E 149 -23.84 56.55 -13.80
CA TRP E 149 -24.30 56.07 -15.10
C TRP E 149 -25.35 57.02 -15.66
N LYS E 150 -25.26 57.30 -16.96
CA LYS E 150 -26.19 58.18 -17.64
C LYS E 150 -26.65 57.52 -18.92
N VAL E 151 -27.94 57.23 -19.01
CA VAL E 151 -28.56 56.62 -20.18
C VAL E 151 -29.36 57.72 -20.89
N ASP E 152 -28.86 58.15 -22.04
CA ASP E 152 -29.41 59.30 -22.76
C ASP E 152 -29.44 60.54 -21.87
N ASN E 153 -28.31 60.76 -21.19
CA ASN E 153 -28.13 61.90 -20.27
C ASN E 153 -29.16 61.89 -19.15
N ALA E 154 -29.54 60.70 -18.68
CA ALA E 154 -30.44 60.54 -17.55
C ALA E 154 -29.71 59.75 -16.47
N LEU E 155 -29.51 60.37 -15.31
CA LEU E 155 -28.77 59.73 -14.24
C LEU E 155 -29.48 58.47 -13.75
N GLN E 156 -28.76 57.36 -13.73
CA GLN E 156 -29.29 56.10 -13.26
C GLN E 156 -28.97 55.92 -11.78
N SER E 157 -29.84 55.19 -11.09
CA SER E 157 -29.68 54.97 -9.66
C SER E 157 -30.35 53.66 -9.26
N GLY E 158 -29.61 52.79 -8.58
CA GLY E 158 -30.15 51.58 -8.03
C GLY E 158 -30.00 50.35 -8.91
N ASN E 159 -29.62 50.50 -10.18
CA ASN E 159 -29.50 49.40 -11.11
C ASN E 159 -28.06 49.14 -11.52
N SER E 160 -27.10 49.51 -10.67
CA SER E 160 -25.68 49.33 -10.94
C SER E 160 -25.01 48.71 -9.73
N GLN E 161 -23.93 47.96 -9.99
CA GLN E 161 -23.17 47.31 -8.93
C GLN E 161 -21.69 47.39 -9.25
N GLU E 162 -20.87 47.76 -8.27
CA GLU E 162 -19.44 47.90 -8.47
C GLU E 162 -18.67 47.03 -7.49
N SER E 163 -17.44 46.70 -7.89
CA SER E 163 -16.52 45.96 -7.05
C SER E 163 -15.11 46.48 -7.26
N VAL E 164 -14.30 46.43 -6.20
CA VAL E 164 -12.94 46.96 -6.20
C VAL E 164 -11.98 45.83 -5.87
N THR E 165 -10.89 45.74 -6.63
CA THR E 165 -9.86 44.74 -6.34
C THR E 165 -9.04 45.15 -5.12
N GLU E 166 -8.33 44.18 -4.57
CA GLU E 166 -7.39 44.47 -3.50
C GLU E 166 -6.26 45.35 -4.01
N GLN E 167 -5.61 46.06 -3.09
CA GLN E 167 -4.50 46.92 -3.45
C GLN E 167 -3.40 46.09 -4.10
N ASP E 168 -3.00 46.51 -5.30
CA ASP E 168 -1.97 45.76 -6.03
C ASP E 168 -0.65 45.77 -5.25
N SER E 169 -0.01 44.61 -5.19
CA SER E 169 1.20 44.44 -4.41
C SER E 169 2.43 45.07 -5.06
N LYS E 170 2.34 45.52 -6.30
CA LYS E 170 3.50 46.07 -7.01
C LYS E 170 3.43 47.57 -7.21
N ASP E 171 2.26 48.13 -7.53
CA ASP E 171 2.15 49.57 -7.74
C ASP E 171 1.12 50.23 -6.83
N SER E 172 0.45 49.48 -5.96
CA SER E 172 -0.39 50.03 -4.90
C SER E 172 -1.57 50.83 -5.45
N THR E 173 -2.15 50.34 -6.55
CA THR E 173 -3.30 50.99 -7.17
C THR E 173 -4.50 50.04 -7.17
N TYR E 174 -5.65 50.59 -6.85
CA TYR E 174 -6.91 49.86 -6.90
C TYR E 174 -7.52 49.96 -8.29
N SER E 175 -8.40 49.01 -8.59
CA SER E 175 -9.17 49.00 -9.83
C SER E 175 -10.62 48.72 -9.50
N LEU E 176 -11.52 49.37 -10.24
CA LEU E 176 -12.95 49.32 -9.98
C LEU E 176 -13.69 48.88 -11.22
N SER E 177 -14.71 48.03 -11.04
CA SER E 177 -15.57 47.59 -12.12
C SER E 177 -17.00 47.88 -11.73
N SER E 178 -17.68 48.71 -12.52
CA SER E 178 -19.08 49.06 -12.30
C SER E 178 -19.91 48.51 -13.45
N THR E 179 -21.00 47.84 -13.13
CA THR E 179 -21.86 47.20 -14.12
C THR E 179 -23.26 47.76 -14.02
N LEU E 180 -23.82 48.14 -15.17
CA LEU E 180 -25.18 48.63 -15.30
C LEU E 180 -26.00 47.56 -16.03
N THR E 181 -27.08 47.12 -15.40
CA THR E 181 -27.91 46.04 -15.91
C THR E 181 -29.27 46.58 -16.34
N LEU E 182 -29.62 46.35 -17.60
CA LEU E 182 -30.90 46.76 -18.15
C LEU E 182 -31.54 45.59 -18.88
N SER E 183 -32.85 45.68 -19.06
CA SER E 183 -33.52 44.74 -19.95
C SER E 183 -33.21 45.08 -21.39
N LYS E 184 -33.34 44.09 -22.28
CA LYS E 184 -33.06 44.33 -23.68
C LYS E 184 -33.97 45.41 -24.26
N ALA E 185 -35.22 45.45 -23.80
CA ALA E 185 -36.14 46.48 -24.26
C ALA E 185 -35.68 47.87 -23.81
N ASP E 186 -35.31 48.00 -22.53
CA ASP E 186 -34.83 49.28 -22.03
C ASP E 186 -33.50 49.66 -22.67
N TYR E 187 -32.69 48.67 -23.07
CA TYR E 187 -31.44 48.98 -23.74
C TYR E 187 -31.70 49.49 -25.16
N GLU E 188 -32.58 48.82 -25.90
CA GLU E 188 -32.92 49.27 -27.24
C GLU E 188 -33.73 50.55 -27.24
N LYS E 189 -34.31 50.93 -26.09
CA LYS E 189 -35.11 52.15 -26.02
C LYS E 189 -34.25 53.41 -26.17
N HIS E 190 -33.00 53.36 -25.75
CA HIS E 190 -32.15 54.54 -25.69
C HIS E 190 -30.95 54.37 -26.62
N LYS E 191 -30.10 55.40 -26.66
CA LYS E 191 -29.01 55.47 -27.62
C LYS E 191 -27.66 55.73 -26.95
N VAL E 192 -27.59 56.79 -26.15
CA VAL E 192 -26.33 57.21 -25.54
C VAL E 192 -26.19 56.53 -24.17
N TYR E 193 -25.05 55.87 -23.94
CA TYR E 193 -24.74 55.26 -22.67
C TYR E 193 -23.39 55.74 -22.21
N ALA E 194 -23.33 56.38 -21.04
CA ALA E 194 -22.10 57.01 -20.57
C ALA E 194 -21.87 56.68 -19.11
N CYS E 195 -20.60 56.51 -18.75
CA CYS E 195 -20.19 56.37 -17.36
CA CYS E 195 -20.17 56.36 -17.36
C CYS E 195 -19.22 57.49 -17.02
N GLU E 196 -19.57 58.27 -15.99
CA GLU E 196 -18.82 59.44 -15.57
C GLU E 196 -18.09 59.12 -14.27
N VAL E 197 -16.80 59.42 -14.24
CA VAL E 197 -15.92 59.09 -13.12
C VAL E 197 -15.42 60.39 -12.51
N THR E 198 -15.62 60.54 -11.21
CA THR E 198 -15.03 61.61 -10.43
C THR E 198 -14.03 61.02 -9.44
N HIS E 199 -12.80 61.51 -9.49
CA HIS E 199 -11.72 61.01 -8.65
C HIS E 199 -10.80 62.18 -8.31
N GLN E 200 -10.02 62.01 -7.24
CA GLN E 200 -9.14 63.07 -6.78
C GLN E 200 -8.08 63.40 -7.81
N GLY E 201 -7.54 62.38 -8.49
CA GLY E 201 -6.51 62.59 -9.49
C GLY E 201 -6.99 63.22 -10.78
N LEU E 202 -8.31 63.30 -10.98
CA LEU E 202 -8.88 63.91 -12.17
C LEU E 202 -9.23 65.36 -11.88
N SER E 203 -8.69 66.28 -12.68
CA SER E 203 -9.06 67.69 -12.53
C SER E 203 -10.52 67.93 -12.94
N SER E 204 -11.06 67.08 -13.80
CA SER E 204 -12.42 67.18 -14.28
C SER E 204 -13.03 65.79 -14.35
N PRO E 205 -14.33 65.66 -14.14
CA PRO E 205 -14.99 64.36 -14.28
C PRO E 205 -14.82 63.82 -15.70
N VAL E 206 -14.35 62.58 -15.80
CA VAL E 206 -14.05 61.95 -17.09
C VAL E 206 -15.23 61.06 -17.47
N THR E 207 -15.82 61.34 -18.62
CA THR E 207 -16.98 60.58 -19.10
C THR E 207 -16.58 59.73 -20.28
N LYS E 208 -16.84 58.43 -20.20
CA LYS E 208 -16.64 57.50 -21.31
C LYS E 208 -18.00 57.02 -21.77
N SER E 209 -18.31 57.24 -23.05
CA SER E 209 -19.65 56.98 -23.57
C SER E 209 -19.58 56.20 -24.86
N PHE E 210 -20.74 55.73 -25.29
CA PHE E 210 -20.92 55.10 -26.60
C PHE E 210 -22.36 55.25 -27.03
N ASN E 211 -22.61 54.95 -28.30
CA ASN E 211 -23.95 54.98 -28.88
C ASN E 211 -24.33 53.57 -29.31
N ARG E 212 -25.56 53.17 -28.97
CA ARG E 212 -26.05 51.84 -29.31
C ARG E 212 -26.17 51.70 -30.82
N GLY E 213 -25.30 50.90 -31.41
CA GLY E 213 -25.32 50.67 -32.85
C GLY E 213 -24.20 51.37 -33.59
N LYS F 1 5.25 21.02 12.38
CA LYS F 1 4.38 22.05 12.93
C LYS F 1 2.95 21.53 13.02
N VAL F 2 2.09 22.26 13.73
CA VAL F 2 0.70 21.87 13.88
C VAL F 2 -0.07 22.32 12.64
N GLN F 3 -0.83 21.39 12.05
CA GLN F 3 -1.58 21.64 10.82
C GLN F 3 -3.05 21.35 11.05
N LEU F 4 -3.90 22.27 10.61
CA LEU F 4 -5.36 22.13 10.71
C LEU F 4 -5.93 22.09 9.30
N VAL F 5 -6.49 20.95 8.91
CA VAL F 5 -7.08 20.77 7.59
C VAL F 5 -8.59 20.66 7.75
N GLN F 6 -9.31 21.57 7.11
CA GLN F 6 -10.77 21.61 7.20
C GLN F 6 -11.39 20.88 6.00
N SER F 7 -12.69 20.63 6.11
CA SER F 7 -13.43 20.02 5.03
C SER F 7 -13.69 21.02 3.91
N GLY F 8 -14.19 20.51 2.79
CA GLY F 8 -14.44 21.35 1.63
C GLY F 8 -15.61 22.29 1.84
N ALA F 9 -15.71 23.25 0.92
CA ALA F 9 -16.80 24.22 0.96
C ALA F 9 -18.14 23.55 0.66
N GLU F 10 -19.20 24.11 1.23
CA GLU F 10 -20.52 23.52 1.13
C GLU F 10 -21.56 24.58 0.79
N LEU F 11 -22.59 24.14 0.08
CA LEU F 11 -23.74 24.98 -0.26
C LEU F 11 -24.98 24.32 0.32
N LYS F 12 -25.68 25.03 1.21
CA LYS F 12 -26.85 24.51 1.88
C LYS F 12 -28.04 25.43 1.65
N LYS F 13 -29.22 24.82 1.47
CA LYS F 13 -30.44 25.59 1.43
C LYS F 13 -30.76 26.13 2.81
N PRO F 14 -31.55 27.20 2.89
CA PRO F 14 -31.96 27.70 4.21
C PRO F 14 -32.73 26.65 4.99
N TRP F 15 -32.53 26.67 6.31
CA TRP F 15 -33.17 25.82 7.32
C TRP F 15 -32.63 24.40 7.30
N SER F 16 -31.67 24.08 6.44
CA SER F 16 -30.97 22.81 6.55
C SER F 16 -29.81 22.94 7.53
N SER F 17 -29.01 21.90 7.66
CA SER F 17 -27.89 21.89 8.59
C SER F 17 -26.57 21.76 7.83
N VAL F 18 -25.48 22.12 8.51
CA VAL F 18 -24.14 22.01 7.96
C VAL F 18 -23.24 21.40 9.02
N ARG F 19 -22.20 20.71 8.57
CA ARG F 19 -21.26 20.02 9.46
C ARG F 19 -19.87 20.15 8.88
N VAL F 20 -19.02 20.95 9.51
CA VAL F 20 -17.67 21.23 9.04
C VAL F 20 -16.68 20.56 9.98
N SER F 21 -15.67 19.91 9.41
CA SER F 21 -14.70 19.15 10.18
C SER F 21 -13.33 19.85 10.14
N CYS F 22 -12.45 19.40 11.04
CA CYS F 22 -11.15 20.05 11.23
C CYS F 22 -10.21 19.00 11.84
N LYS F 23 -9.33 18.46 11.01
CA LYS F 23 -8.41 17.41 11.45
C LYS F 23 -7.05 18.02 11.78
N ALA F 24 -6.62 17.85 13.02
CA ALA F 24 -5.35 18.37 13.48
C ALA F 24 -4.26 17.32 13.38
N SER F 25 -3.01 17.78 13.27
CA SER F 25 -1.86 16.89 13.21
C SER F 25 -0.62 17.69 13.58
N GLY F 26 0.49 16.97 13.75
CA GLY F 26 1.76 17.59 14.07
C GLY F 26 1.94 18.01 15.51
N GLY F 27 0.92 17.87 16.36
CA GLY F 27 1.03 18.27 17.73
C GLY F 27 -0.03 17.63 18.59
N SER F 28 -0.06 18.03 19.86
CA SER F 28 -1.04 17.51 20.80
C SER F 28 -2.44 17.99 20.42
N PHE F 29 -3.44 17.20 20.82
CA PHE F 29 -4.80 17.45 20.38
C PHE F 29 -5.78 17.54 21.55
N SER F 30 -5.77 16.55 22.43
CA SER F 30 -6.81 16.46 23.45
C SER F 30 -6.72 17.59 24.47
N SER F 31 -5.53 18.10 24.74
CA SER F 31 -5.33 19.02 25.85
C SER F 31 -5.28 20.48 25.41
N TYR F 32 -5.81 20.80 24.23
CA TYR F 32 -5.84 22.18 23.74
C TYR F 32 -7.22 22.49 23.20
N ALA F 33 -7.64 23.73 23.40
CA ALA F 33 -8.97 24.18 22.99
C ALA F 33 -8.97 24.50 21.50
N PHE F 34 -9.84 23.81 20.75
CA PHE F 34 -10.07 24.10 19.34
C PHE F 34 -11.32 24.96 19.23
N ASN F 35 -11.20 26.08 18.50
CA ASN F 35 -12.30 27.04 18.40
C ASN F 35 -12.74 27.18 16.95
N TRP F 36 -13.95 27.73 16.79
CA TRP F 36 -14.52 28.02 15.48
C TRP F 36 -14.83 29.50 15.39
N VAL F 37 -14.30 30.15 14.36
CA VAL F 37 -14.49 31.57 14.13
C VAL F 37 -14.91 31.76 12.68
N ARG F 38 -16.10 32.29 12.47
CA ARG F 38 -16.60 32.55 11.13
C ARG F 38 -16.37 34.01 10.75
N GLN F 39 -16.33 34.26 9.45
CA GLN F 39 -16.08 35.60 8.92
C GLN F 39 -16.97 35.79 7.70
N ALA F 40 -17.98 36.65 7.83
CA ALA F 40 -18.84 36.97 6.71
C ALA F 40 -18.06 37.73 5.65
N PRO F 41 -18.47 37.64 4.38
CA PRO F 41 -17.79 38.40 3.32
C PRO F 41 -17.69 39.89 3.63
N GLY F 42 -16.49 40.37 3.91
CA GLY F 42 -16.27 41.78 4.15
C GLY F 42 -16.70 42.28 5.50
N GLN F 43 -16.81 41.41 6.50
CA GLN F 43 -17.20 41.80 7.84
C GLN F 43 -16.21 41.23 8.85
N ARG F 44 -16.46 41.50 10.13
CA ARG F 44 -15.50 41.19 11.17
C ARG F 44 -15.59 39.72 11.59
N LEU F 45 -14.52 39.26 12.23
CA LEU F 45 -14.48 37.90 12.76
C LEU F 45 -15.52 37.74 13.87
N GLU F 46 -16.03 36.51 14.01
CA GLU F 46 -17.08 36.22 14.98
C GLU F 46 -16.82 34.84 15.57
N TRP F 47 -16.72 34.78 16.90
CA TRP F 47 -16.41 33.54 17.60
C TRP F 47 -17.69 32.74 17.84
N LEU F 48 -17.73 31.51 17.35
CA LEU F 48 -18.87 30.62 17.53
C LEU F 48 -18.78 29.82 18.82
N GLY F 49 -17.63 29.19 19.06
CA GLY F 49 -17.47 28.37 20.23
C GLY F 49 -16.17 27.60 20.16
N GLY F 50 -16.03 26.65 21.09
CA GLY F 50 -14.82 25.84 21.13
C GLY F 50 -15.02 24.63 22.01
N ILE F 51 -14.03 23.75 21.99
CA ILE F 51 -14.08 22.50 22.75
C ILE F 51 -12.66 22.11 23.15
N VAL F 52 -12.53 21.53 24.34
CA VAL F 52 -11.31 20.86 24.77
C VAL F 52 -11.57 19.36 24.67
N PRO F 53 -10.92 18.64 23.75
CA PRO F 53 -11.32 17.24 23.49
C PRO F 53 -11.12 16.30 24.66
N LEU F 54 -10.13 16.56 25.53
CA LEU F 54 -9.82 15.62 26.61
C LEU F 54 -11.04 15.37 27.49
N VAL F 55 -11.52 16.41 28.19
CA VAL F 55 -12.71 16.31 29.00
C VAL F 55 -13.98 16.56 28.21
N SER F 56 -13.87 16.82 26.90
CA SER F 56 -15.02 17.14 26.05
C SER F 56 -15.77 18.35 26.59
N SER F 57 -15.02 19.36 27.03
CA SER F 57 -15.60 20.57 27.60
C SER F 57 -15.93 21.54 26.48
N THR F 58 -17.20 21.87 26.34
CA THR F 58 -17.66 22.80 25.31
C THR F 58 -17.91 24.18 25.91
N ASN F 59 -17.87 25.19 25.04
CA ASN F 59 -18.13 26.57 25.45
C ASN F 59 -18.56 27.33 24.20
N TYR F 60 -19.81 27.74 24.15
CA TYR F 60 -20.39 28.38 22.97
C TYR F 60 -20.67 29.85 23.22
N ALA F 61 -20.88 30.58 22.14
CA ALA F 61 -21.33 31.96 22.21
C ALA F 61 -22.83 32.01 22.44
N GLN F 62 -23.27 33.04 23.17
CA GLN F 62 -24.69 33.15 23.49
C GLN F 62 -25.55 33.43 22.28
N ARG F 63 -24.98 34.02 21.23
CA ARG F 63 -25.75 34.24 20.00
C ARG F 63 -26.05 32.92 19.29
N PHE F 64 -25.20 31.92 19.45
CA PHE F 64 -25.33 30.65 18.75
C PHE F 64 -25.72 29.50 19.67
N ARG F 65 -26.01 29.80 20.94
CA ARG F 65 -26.46 28.77 21.87
C ARG F 65 -27.79 28.19 21.40
N GLY F 66 -27.78 26.90 21.07
CA GLY F 66 -28.96 26.22 20.56
C GLY F 66 -28.91 25.91 19.08
N ARG F 67 -28.09 26.64 18.31
CA ARG F 67 -27.91 26.34 16.90
C ARG F 67 -26.57 25.67 16.59
N VAL F 68 -25.59 25.80 17.48
CA VAL F 68 -24.23 25.32 17.25
C VAL F 68 -23.92 24.20 18.23
N THR F 69 -23.33 23.12 17.71
CA THR F 69 -22.89 22.00 18.52
C THR F 69 -21.51 21.58 18.06
N ILE F 70 -20.52 21.70 18.94
CA ILE F 70 -19.12 21.40 18.63
C ILE F 70 -18.71 20.14 19.38
N SER F 71 -18.14 19.18 18.66
CA SER F 71 -17.70 17.91 19.24
C SER F 71 -16.28 17.63 18.78
N ALA F 72 -15.72 16.53 19.28
CA ALA F 72 -14.35 16.16 18.95
C ALA F 72 -14.22 14.65 18.90
N ASP F 73 -13.53 14.15 17.87
CA ASP F 73 -13.21 12.73 17.72
C ASP F 73 -11.72 12.59 17.94
N ARG F 74 -11.35 12.06 19.11
CA ARG F 74 -9.95 12.05 19.51
C ARG F 74 -9.15 10.93 18.86
N SER F 75 -9.80 9.79 18.56
CA SER F 75 -9.09 8.72 17.87
C SER F 75 -8.59 9.16 16.50
N THR F 76 -9.26 10.14 15.90
CA THR F 76 -8.86 10.68 14.61
C THR F 76 -8.39 12.13 14.69
N SER F 77 -8.34 12.71 15.89
CA SER F 77 -7.86 14.08 16.11
C SER F 77 -8.64 15.08 15.27
N THR F 78 -9.96 14.91 15.21
CA THR F 78 -10.82 15.73 14.37
C THR F 78 -11.84 16.47 15.23
N VAL F 79 -12.12 17.71 14.86
CA VAL F 79 -13.08 18.57 15.55
C VAL F 79 -14.20 18.91 14.58
N TYR F 80 -15.44 18.79 15.03
CA TYR F 80 -16.61 19.00 14.18
C TYR F 80 -17.42 20.19 14.68
N LEU F 81 -17.87 21.01 13.74
CA LEU F 81 -18.83 22.08 13.98
C LEU F 81 -20.10 21.78 13.22
N GLU F 82 -21.23 21.70 13.91
CA GLU F 82 -22.52 21.46 13.30
C GLU F 82 -23.46 22.59 13.66
N MET F 83 -24.07 23.20 12.64
CA MET F 83 -24.95 24.34 12.83
C MET F 83 -26.29 24.05 12.16
N THR F 84 -27.37 24.33 12.86
CA THR F 84 -28.73 24.14 12.35
C THR F 84 -29.40 25.49 12.17
N GLY F 85 -30.60 25.46 11.57
CA GLY F 85 -31.36 26.68 11.34
C GLY F 85 -30.63 27.68 10.46
N LEU F 86 -29.99 27.21 9.40
CA LEU F 86 -29.19 28.10 8.56
C LEU F 86 -30.07 29.06 7.79
N THR F 87 -29.63 30.32 7.74
CA THR F 87 -30.23 31.35 6.90
C THR F 87 -29.13 32.01 6.07
N SER F 88 -29.53 32.92 5.19
CA SER F 88 -28.56 33.64 4.37
C SER F 88 -27.58 34.44 5.22
N ALA F 89 -27.96 34.76 6.46
CA ALA F 89 -27.06 35.49 7.35
C ALA F 89 -25.90 34.64 7.85
N ASP F 90 -25.94 33.33 7.64
CA ASP F 90 -24.88 32.43 8.08
C ASP F 90 -23.85 32.16 6.99
N THR F 91 -24.01 32.74 5.80
CA THR F 91 -23.05 32.56 4.72
C THR F 91 -21.75 33.23 5.09
N ALA F 92 -20.70 32.44 5.32
CA ALA F 92 -19.42 32.97 5.76
C ALA F 92 -18.35 31.91 5.55
N VAL F 93 -17.10 32.31 5.75
CA VAL F 93 -15.98 31.39 5.77
C VAL F 93 -15.75 30.97 7.22
N TYR F 94 -15.80 29.67 7.47
CA TYR F 94 -15.71 29.13 8.82
C TYR F 94 -14.30 28.61 9.06
N PHE F 95 -13.60 29.23 10.01
CA PHE F 95 -12.24 28.85 10.37
C PHE F 95 -12.24 28.01 11.64
N CYS F 96 -11.29 27.07 11.69
CA CYS F 96 -11.03 26.30 12.90
CA CYS F 96 -11.02 26.28 12.89
C CYS F 96 -9.64 26.68 13.41
N ALA F 97 -9.58 27.15 14.65
CA ALA F 97 -8.34 27.65 15.23
C ALA F 97 -8.08 27.00 16.57
N ARG F 98 -6.85 26.52 16.77
CA ARG F 98 -6.42 25.95 18.03
C ARG F 98 -5.63 27.00 18.82
N GLU F 99 -5.77 26.96 20.14
CA GLU F 99 -5.08 27.93 20.97
C GLU F 99 -3.57 27.70 20.93
N GLY F 100 -2.82 28.70 21.40
CA GLY F 100 -1.39 28.69 21.21
C GLY F 100 -0.64 27.91 22.27
N GLU F 101 0.52 27.40 21.89
CA GLU F 101 1.45 26.75 22.80
C GLU F 101 2.43 27.79 23.33
N GLY F 102 2.50 27.92 24.65
CA GLY F 102 3.39 28.89 25.26
C GLY F 102 4.70 28.30 25.72
N TRP F 103 4.89 28.20 27.03
CA TRP F 103 6.12 27.71 27.62
C TRP F 103 6.27 26.21 27.39
N PHE F 104 6.09 25.40 28.44
CA PHE F 104 6.20 23.94 28.31
C PHE F 104 4.87 23.36 27.86
N GLY F 105 4.46 23.74 26.66
CA GLY F 105 3.15 23.37 26.17
C GLY F 105 2.00 24.01 26.88
N ARG F 106 2.26 25.01 27.73
CA ARG F 106 1.21 25.69 28.45
C ARG F 106 0.31 26.42 27.46
N PRO F 107 -1.01 26.23 27.53
CA PRO F 107 -1.91 26.88 26.57
C PRO F 107 -1.88 28.40 26.70
N LEU F 108 -2.32 29.07 25.64
CA LEU F 108 -2.25 30.51 25.54
C LEU F 108 -3.60 31.19 25.35
N ARG F 109 -4.70 30.43 25.29
CA ARG F 109 -6.04 30.97 25.08
C ARG F 109 -6.18 31.60 23.69
N ALA F 110 -5.26 32.49 23.33
CA ALA F 110 -5.28 33.09 21.99
C ALA F 110 -5.07 32.01 20.93
N PHE F 111 -5.63 32.26 19.75
CA PHE F 111 -5.64 31.28 18.66
C PHE F 111 -4.38 31.48 17.82
N GLU F 112 -3.47 30.51 17.86
CA GLU F 112 -2.21 30.62 17.13
C GLU F 112 -2.22 29.85 15.82
N PHE F 113 -2.86 28.68 15.78
CA PHE F 113 -2.88 27.83 14.60
C PHE F 113 -4.28 27.84 13.99
N TRP F 114 -4.35 28.07 12.69
CA TRP F 114 -5.61 28.18 11.97
C TRP F 114 -5.66 27.19 10.82
N GLY F 115 -6.88 26.80 10.44
CA GLY F 115 -7.10 26.06 9.22
C GLY F 115 -7.19 26.98 8.02
N GLN F 116 -7.44 26.38 6.86
CA GLN F 116 -7.54 27.14 5.62
C GLN F 116 -8.90 27.79 5.45
N GLY F 117 -9.83 27.60 6.38
CA GLY F 117 -11.17 28.12 6.23
C GLY F 117 -12.03 27.24 5.34
N THR F 118 -13.34 27.32 5.57
CA THR F 118 -14.33 26.59 4.78
C THR F 118 -15.49 27.51 4.49
N LEU F 119 -15.76 27.72 3.20
CA LEU F 119 -16.86 28.58 2.80
C LEU F 119 -18.18 27.82 2.88
N VAL F 120 -19.10 28.32 3.70
CA VAL F 120 -20.45 27.79 3.80
C VAL F 120 -21.39 28.83 3.22
N THR F 121 -22.11 28.47 2.17
CA THR F 121 -23.03 29.37 1.48
C THR F 121 -24.45 28.87 1.72
N VAL F 122 -25.30 29.74 2.24
CA VAL F 122 -26.71 29.43 2.48
C VAL F 122 -27.54 30.31 1.57
N SER F 123 -28.31 29.68 0.68
CA SER F 123 -29.15 30.38 -0.29
C SER F 123 -30.06 29.37 -0.96
N THR F 124 -31.25 29.85 -1.35
CA THR F 124 -32.18 29.04 -2.12
C THR F 124 -31.76 28.89 -3.57
N ALA F 125 -30.78 29.66 -4.02
CA ALA F 125 -30.37 29.63 -5.42
C ALA F 125 -29.79 28.26 -5.78
N SER F 126 -29.94 27.89 -7.05
CA SER F 126 -29.48 26.61 -7.56
C SER F 126 -28.09 26.74 -8.16
N THR F 127 -27.36 25.63 -8.16
CA THR F 127 -26.03 25.60 -8.76
C THR F 127 -26.15 25.80 -10.26
N LYS F 128 -25.61 26.92 -10.76
CA LYS F 128 -25.72 27.28 -12.16
C LYS F 128 -24.36 27.66 -12.71
N GLY F 129 -24.05 27.15 -13.90
CA GLY F 129 -22.83 27.50 -14.58
C GLY F 129 -22.86 28.92 -15.10
N PRO F 130 -21.69 29.48 -15.39
CA PRO F 130 -21.63 30.87 -15.82
C PRO F 130 -21.80 31.05 -17.33
N SER F 131 -22.33 32.22 -17.69
CA SER F 131 -22.37 32.68 -19.07
C SER F 131 -21.21 33.63 -19.28
N VAL F 132 -20.30 33.28 -20.18
CA VAL F 132 -19.08 34.06 -20.40
C VAL F 132 -19.28 34.90 -21.65
N PHE F 133 -19.36 36.22 -21.46
CA PHE F 133 -19.56 37.20 -22.51
C PHE F 133 -18.29 38.01 -22.74
N PRO F 134 -17.96 38.31 -24.00
CA PRO F 134 -16.73 39.06 -24.28
C PRO F 134 -16.88 40.55 -23.99
N LEU F 135 -15.81 41.14 -23.46
CA LEU F 135 -15.69 42.58 -23.28
C LEU F 135 -14.71 43.04 -24.36
N ALA F 136 -15.25 43.34 -25.55
CA ALA F 136 -14.42 43.60 -26.72
C ALA F 136 -13.80 44.99 -26.65
N PRO F 137 -12.54 45.13 -27.06
CA PRO F 137 -11.90 46.45 -27.02
C PRO F 137 -12.50 47.38 -28.05
N SER F 138 -12.51 48.67 -27.71
CA SER F 138 -13.09 49.69 -28.57
C SER F 138 -12.27 49.86 -29.86
N GLY F 145 -1.64 54.47 -26.06
CA GLY F 145 -1.40 53.29 -26.89
C GLY F 145 -1.62 51.99 -26.15
N THR F 146 -2.69 51.93 -25.36
CA THR F 146 -3.03 50.74 -24.59
C THR F 146 -4.52 50.47 -24.73
N ALA F 147 -4.87 49.20 -24.91
CA ALA F 147 -6.25 48.77 -25.09
C ALA F 147 -6.66 47.81 -23.98
N ALA F 148 -7.91 47.88 -23.55
CA ALA F 148 -8.43 47.05 -22.48
C ALA F 148 -9.53 46.14 -23.02
N LEU F 149 -9.43 44.86 -22.68
CA LEU F 149 -10.43 43.86 -23.04
C LEU F 149 -10.68 42.97 -21.82
N GLY F 150 -11.61 42.04 -21.94
CA GLY F 150 -11.89 41.15 -20.83
C GLY F 150 -13.06 40.24 -21.12
N CYS F 151 -13.47 39.52 -20.07
CA CYS F 151 -14.60 38.61 -20.12
CA CYS F 151 -14.61 38.62 -20.13
C CYS F 151 -15.54 38.90 -18.96
N LEU F 152 -16.85 38.82 -19.23
CA LEU F 152 -17.87 39.02 -18.22
C LEU F 152 -18.43 37.66 -17.81
N VAL F 153 -18.09 37.22 -16.60
CA VAL F 153 -18.54 35.95 -16.08
C VAL F 153 -19.82 36.23 -15.28
N LYS F 154 -20.97 35.99 -15.91
CA LYS F 154 -22.25 36.42 -15.38
C LYS F 154 -23.15 35.23 -15.09
N ASP F 155 -24.00 35.38 -14.07
CA ASP F 155 -25.07 34.45 -13.72
C ASP F 155 -24.52 33.05 -13.46
N TYR F 156 -23.83 32.93 -12.33
CA TYR F 156 -23.34 31.65 -11.86
C TYR F 156 -23.56 31.56 -10.36
N PHE F 157 -23.54 30.33 -9.85
CA PHE F 157 -23.76 30.07 -8.43
C PHE F 157 -23.40 28.62 -8.13
N PRO F 158 -22.73 28.36 -6.99
CA PRO F 158 -22.23 29.39 -6.07
C PRO F 158 -20.79 29.79 -6.39
N GLU F 159 -20.14 30.43 -5.44
CA GLU F 159 -18.71 30.67 -5.56
C GLU F 159 -17.96 29.35 -5.41
N PRO F 160 -16.74 29.24 -5.97
CA PRO F 160 -16.06 30.27 -6.78
C PRO F 160 -15.88 29.87 -8.24
N VAL F 161 -15.38 30.82 -9.03
CA VAL F 161 -14.87 30.54 -10.37
C VAL F 161 -13.38 30.88 -10.38
N THR F 162 -12.70 30.42 -11.43
CA THR F 162 -11.29 30.73 -11.65
C THR F 162 -11.11 31.19 -13.08
N VAL F 163 -10.49 32.35 -13.25
CA VAL F 163 -10.34 32.97 -14.56
C VAL F 163 -8.85 33.09 -14.87
N SER F 164 -8.40 32.42 -15.92
CA SER F 164 -7.06 32.58 -16.46
C SER F 164 -7.16 33.13 -17.88
N TRP F 165 -6.02 33.55 -18.41
CA TRP F 165 -5.96 34.17 -19.73
C TRP F 165 -4.92 33.44 -20.57
N ASN F 166 -5.35 32.95 -21.74
CA ASN F 166 -4.49 32.20 -22.66
C ASN F 166 -3.85 31.00 -21.95
N SER F 167 -4.71 30.20 -21.31
CA SER F 167 -4.29 29.03 -20.53
C SER F 167 -3.24 29.39 -19.47
N GLY F 168 -3.34 30.59 -18.90
CA GLY F 168 -2.42 31.02 -17.86
C GLY F 168 -1.15 31.67 -18.35
N ALA F 169 -1.00 31.88 -19.66
CA ALA F 169 0.21 32.50 -20.17
C ALA F 169 0.21 34.01 -19.98
N LEU F 170 -0.96 34.64 -20.08
CA LEU F 170 -1.10 36.08 -19.91
C LEU F 170 -1.46 36.38 -18.46
N THR F 171 -0.54 36.97 -17.72
CA THR F 171 -0.76 37.33 -16.32
C THR F 171 -0.57 38.81 -16.03
N SER F 172 0.34 39.48 -16.73
CA SER F 172 0.58 40.90 -16.48
C SER F 172 -0.60 41.73 -16.95
N GLY F 173 -0.97 42.73 -16.15
CA GLY F 173 -2.07 43.60 -16.48
C GLY F 173 -3.45 43.00 -16.28
N VAL F 174 -3.54 41.83 -15.67
CA VAL F 174 -4.80 41.14 -15.48
C VAL F 174 -5.43 41.59 -14.17
N HIS F 175 -6.71 41.93 -14.20
CA HIS F 175 -7.48 42.28 -13.02
C HIS F 175 -8.76 41.45 -13.01
N THR F 176 -8.79 40.40 -12.19
CA THR F 176 -9.99 39.61 -11.99
C THR F 176 -10.71 40.15 -10.75
N PHE F 177 -11.83 40.83 -10.97
CA PHE F 177 -12.49 41.57 -9.91
C PHE F 177 -13.26 40.63 -8.97
N PRO F 178 -13.41 41.03 -7.70
CA PRO F 178 -14.26 40.25 -6.79
C PRO F 178 -15.70 40.25 -7.27
N ALA F 179 -16.32 39.07 -7.17
CA ALA F 179 -17.69 38.91 -7.63
C ALA F 179 -18.65 39.71 -6.76
N VAL F 180 -19.80 40.04 -7.34
CA VAL F 180 -20.88 40.70 -6.62
C VAL F 180 -22.11 39.80 -6.67
N LEU F 181 -22.96 39.93 -5.67
CA LEU F 181 -24.18 39.12 -5.56
C LEU F 181 -25.34 39.94 -6.08
N GLN F 182 -25.90 39.52 -7.22
CA GLN F 182 -26.99 40.25 -7.84
C GLN F 182 -28.28 40.04 -7.06
N SER F 183 -29.29 40.86 -7.38
CA SER F 183 -30.60 40.70 -6.77
C SER F 183 -31.26 39.38 -7.16
N SER F 184 -30.82 38.78 -8.27
CA SER F 184 -31.30 37.47 -8.69
C SER F 184 -30.75 36.34 -7.84
N GLY F 185 -29.90 36.62 -6.87
CA GLY F 185 -29.27 35.60 -6.07
C GLY F 185 -28.07 34.94 -6.70
N LEU F 186 -27.70 35.33 -7.92
CA LEU F 186 -26.56 34.76 -8.63
C LEU F 186 -25.37 35.71 -8.56
N TYR F 187 -24.21 35.17 -8.90
CA TYR F 187 -22.96 35.92 -8.89
C TYR F 187 -22.60 36.35 -10.30
N SER F 188 -21.75 37.36 -10.38
CA SER F 188 -21.29 37.89 -11.67
C SER F 188 -20.03 38.71 -11.42
N LEU F 189 -18.91 38.31 -12.05
CA LEU F 189 -17.68 39.06 -11.97
C LEU F 189 -17.17 39.36 -13.38
N SER F 190 -16.16 40.21 -13.44
CA SER F 190 -15.49 40.56 -14.69
C SER F 190 -13.99 40.45 -14.52
N SER F 191 -13.32 39.95 -15.55
CA SER F 191 -11.87 39.84 -15.58
C SER F 191 -11.36 40.62 -16.78
N VAL F 192 -10.59 41.67 -16.53
CA VAL F 192 -10.10 42.55 -17.59
C VAL F 192 -8.59 42.43 -17.67
N VAL F 193 -8.03 42.93 -18.77
CA VAL F 193 -6.60 42.94 -18.99
C VAL F 193 -6.28 44.03 -20.00
N THR F 194 -5.17 44.73 -19.78
CA THR F 194 -4.69 45.77 -20.68
C THR F 194 -3.53 45.23 -21.51
N VAL F 195 -3.59 45.49 -22.82
CA VAL F 195 -2.59 44.98 -23.77
C VAL F 195 -2.20 46.09 -24.72
N PRO F 196 -1.05 45.95 -25.38
CA PRO F 196 -0.68 46.91 -26.43
C PRO F 196 -1.70 46.91 -27.55
N SER F 197 -2.05 48.12 -28.02
CA SER F 197 -3.04 48.26 -29.07
C SER F 197 -2.58 47.63 -30.38
N SER F 198 -1.27 47.47 -30.58
CA SER F 198 -0.77 46.90 -31.83
C SER F 198 -1.12 45.42 -31.94
N SER F 199 -0.93 44.67 -30.85
CA SER F 199 -1.16 43.23 -30.86
C SER F 199 -2.64 42.85 -30.83
N LEU F 200 -3.57 43.78 -31.01
CA LEU F 200 -4.98 43.42 -30.96
C LEU F 200 -5.41 42.61 -32.17
N GLY F 201 -4.70 42.74 -33.29
CA GLY F 201 -5.03 42.05 -34.52
C GLY F 201 -4.15 40.87 -34.85
N THR F 202 -3.25 40.47 -33.95
CA THR F 202 -2.34 39.35 -34.23
C THR F 202 -2.28 38.37 -33.07
N GLN F 203 -2.46 38.87 -31.85
CA GLN F 203 -2.37 38.03 -30.66
C GLN F 203 -3.78 37.58 -30.26
N THR F 204 -3.96 36.27 -30.18
CA THR F 204 -5.24 35.70 -29.76
C THR F 204 -5.38 35.77 -28.25
N TYR F 205 -6.48 36.38 -27.79
CA TYR F 205 -6.77 36.53 -26.37
C TYR F 205 -8.00 35.69 -26.04
N ILE F 206 -7.79 34.62 -25.26
CA ILE F 206 -8.85 33.72 -24.86
C ILE F 206 -8.90 33.68 -23.34
N CYS F 207 -10.09 33.84 -22.78
CA CYS F 207 -10.30 33.82 -21.34
CA CYS F 207 -10.32 33.83 -21.34
C CYS F 207 -10.85 32.45 -20.93
N ASN F 208 -10.24 31.88 -19.90
CA ASN F 208 -10.58 30.53 -19.44
C ASN F 208 -11.33 30.62 -18.12
N VAL F 209 -12.62 30.31 -18.15
CA VAL F 209 -13.47 30.33 -16.96
C VAL F 209 -13.75 28.90 -16.54
N ASN F 210 -13.45 28.59 -15.29
CA ASN F 210 -13.68 27.27 -14.73
C ASN F 210 -14.56 27.42 -13.48
N HIS F 211 -15.79 26.91 -13.56
CA HIS F 211 -16.71 26.91 -12.44
C HIS F 211 -16.83 25.47 -11.93
N LYS F 212 -16.13 25.18 -10.84
CA LYS F 212 -16.07 23.82 -10.32
C LYS F 212 -17.42 23.26 -9.89
N PRO F 213 -18.27 23.97 -9.14
CA PRO F 213 -19.51 23.34 -8.64
C PRO F 213 -20.43 22.83 -9.73
N SER F 214 -20.46 23.47 -10.89
CA SER F 214 -21.36 23.07 -11.97
C SER F 214 -20.63 22.30 -13.07
N ASN F 215 -19.37 21.95 -12.86
CA ASN F 215 -18.58 21.19 -13.84
C ASN F 215 -18.52 21.94 -15.18
N THR F 216 -18.32 23.24 -15.12
CA THR F 216 -18.37 24.10 -16.30
C THR F 216 -16.96 24.59 -16.63
N LYS F 217 -16.50 24.27 -17.83
CA LYS F 217 -15.25 24.81 -18.38
C LYS F 217 -15.58 25.52 -19.68
N VAL F 218 -15.32 26.83 -19.73
CA VAL F 218 -15.63 27.66 -20.88
C VAL F 218 -14.40 28.43 -21.29
N ASP F 219 -13.99 28.29 -22.55
CA ASP F 219 -12.94 29.10 -23.16
C ASP F 219 -13.60 30.04 -24.16
N LYS F 220 -13.57 31.34 -23.86
CA LYS F 220 -14.21 32.34 -24.69
C LYS F 220 -13.17 33.21 -25.37
N LYS F 221 -13.31 33.36 -26.69
CA LYS F 221 -12.41 34.17 -27.49
C LYS F 221 -12.91 35.60 -27.52
N VAL F 222 -12.00 36.55 -27.32
CA VAL F 222 -12.32 37.97 -27.28
C VAL F 222 -11.68 38.63 -28.49
N GLU F 223 -12.51 39.06 -29.43
CA GLU F 223 -12.08 39.70 -30.67
C GLU F 223 -12.39 41.19 -30.64
N PRO F 224 -11.72 41.99 -31.47
CA PRO F 224 -12.09 43.40 -31.59
C PRO F 224 -13.52 43.58 -32.07
N LYS F 225 -14.16 44.62 -31.58
CA LYS F 225 -15.57 44.89 -31.88
C LYS F 225 -15.73 45.69 -33.18
N GLU G 1 25.69 -17.82 5.95
CA GLU G 1 25.56 -16.47 5.40
C GLU G 1 25.42 -16.50 3.88
N ILE G 2 24.52 -15.67 3.35
CA ILE G 2 24.36 -15.49 1.92
C ILE G 2 25.15 -14.27 1.50
N VAL G 3 26.04 -14.45 0.51
CA VAL G 3 26.89 -13.39 0.02
C VAL G 3 26.33 -12.87 -1.29
N LEU G 4 26.07 -11.56 -1.35
CA LEU G 4 25.56 -10.91 -2.55
C LEU G 4 26.71 -10.28 -3.31
N THR G 5 26.83 -10.66 -4.59
CA THR G 5 27.88 -10.16 -5.47
C THR G 5 27.23 -9.35 -6.58
N GLN G 6 27.63 -8.09 -6.71
CA GLN G 6 27.04 -7.19 -7.70
C GLN G 6 27.96 -7.02 -8.90
N SER G 7 27.35 -6.78 -10.06
CA SER G 7 28.06 -6.61 -11.31
C SER G 7 27.37 -5.56 -12.16
N PRO G 8 28.15 -4.70 -12.85
CA PRO G 8 29.61 -4.69 -12.77
C PRO G 8 30.13 -3.83 -11.61
N GLY G 9 31.45 -3.66 -11.53
CA GLY G 9 32.01 -2.83 -10.47
C GLY G 9 31.70 -1.36 -10.68
N THR G 10 31.91 -0.86 -11.89
CA THR G 10 31.62 0.52 -12.24
C THR G 10 31.03 0.57 -13.64
N PHE G 11 29.87 1.21 -13.77
CA PHE G 11 29.17 1.36 -15.04
C PHE G 11 29.26 2.81 -15.48
N ALA G 12 29.73 3.03 -16.71
CA ALA G 12 29.89 4.36 -17.28
C ALA G 12 28.88 4.52 -18.42
N LEU G 13 27.81 5.28 -18.17
CA LEU G 13 26.75 5.50 -19.15
C LEU G 13 26.46 6.99 -19.26
N SER G 14 25.49 7.33 -20.10
CA SER G 14 25.06 8.69 -20.34
C SER G 14 23.55 8.80 -20.21
N PRO G 15 23.03 10.00 -19.96
CA PRO G 15 21.58 10.15 -19.83
C PRO G 15 20.85 9.73 -21.09
N GLY G 16 19.81 8.92 -20.91
CA GLY G 16 19.02 8.39 -22.01
C GLY G 16 19.21 6.91 -22.25
N GLU G 17 20.34 6.33 -21.84
CA GLU G 17 20.59 4.92 -22.04
C GLU G 17 19.95 4.11 -20.91
N ARG G 18 19.89 2.79 -21.11
CA ARG G 18 19.36 1.91 -20.09
C ARG G 18 20.50 1.23 -19.34
N ALA G 19 20.24 0.97 -18.05
CA ALA G 19 21.23 0.40 -17.16
C ALA G 19 20.68 -0.87 -16.54
N THR G 20 21.42 -1.96 -16.65
CA THR G 20 21.06 -3.25 -16.08
C THR G 20 22.14 -3.66 -15.09
N LEU G 21 21.79 -3.69 -13.81
CA LEU G 21 22.72 -4.02 -12.74
C LEU G 21 22.34 -5.38 -12.16
N SER G 22 23.31 -6.28 -12.06
CA SER G 22 23.03 -7.65 -11.63
C SER G 22 23.51 -7.88 -10.21
N CYS G 23 22.80 -8.76 -9.51
CA CYS G 23 23.08 -9.10 -8.11
C CYS G 23 22.86 -10.61 -7.97
N ARG G 24 23.93 -11.36 -7.75
CA ARG G 24 23.86 -12.81 -7.61
C ARG G 24 24.08 -13.21 -6.16
N ALA G 25 23.41 -14.27 -5.74
CA ALA G 25 23.47 -14.74 -4.38
C ALA G 25 24.14 -16.11 -4.31
N SER G 26 24.88 -16.34 -3.22
CA SER G 26 25.56 -17.63 -3.05
C SER G 26 24.55 -18.76 -2.92
N GLN G 27 23.49 -18.54 -2.15
CA GLN G 27 22.40 -19.49 -1.99
C GLN G 27 21.11 -18.87 -2.50
N SER G 28 20.03 -19.64 -2.47
CA SER G 28 18.75 -19.18 -2.99
C SER G 28 18.12 -18.19 -2.01
N VAL G 29 17.86 -16.97 -2.47
CA VAL G 29 17.18 -15.96 -1.67
C VAL G 29 15.69 -16.33 -1.63
N SER G 30 15.20 -16.65 -0.44
CA SER G 30 13.87 -17.20 -0.30
C SER G 30 12.79 -16.16 -0.59
N GLY G 31 11.67 -16.64 -1.14
CA GLY G 31 10.46 -15.86 -1.31
C GLY G 31 10.61 -14.49 -1.95
N GLY G 32 11.56 -14.35 -2.88
CA GLY G 32 11.76 -13.08 -3.55
C GLY G 32 12.05 -11.94 -2.59
N ALA G 33 12.78 -12.22 -1.52
CA ALA G 33 13.05 -11.23 -0.47
C ALA G 33 14.30 -10.43 -0.80
N LEU G 34 14.19 -9.65 -1.88
CA LEU G 34 15.31 -8.87 -2.41
C LEU G 34 14.90 -7.41 -2.50
N ALA G 35 15.84 -6.52 -2.21
CA ALA G 35 15.58 -5.09 -2.22
C ALA G 35 16.74 -4.36 -2.89
N TRP G 36 16.43 -3.20 -3.47
CA TRP G 36 17.40 -2.37 -4.17
C TRP G 36 17.36 -0.96 -3.60
N TYR G 37 18.53 -0.45 -3.20
CA TYR G 37 18.69 0.87 -2.63
C TYR G 37 19.61 1.72 -3.51
N GLN G 38 19.38 3.03 -3.46
CA GLN G 38 20.23 4.02 -4.12
C GLN G 38 20.88 4.91 -3.06
N GLN G 39 22.13 5.30 -3.31
CA GLN G 39 22.85 6.13 -2.36
C GLN G 39 23.77 7.08 -3.12
N LYS G 40 23.65 8.37 -2.84
CA LYS G 40 24.54 9.39 -3.35
C LYS G 40 25.56 9.76 -2.27
N ALA G 41 26.60 10.47 -2.70
CA ALA G 41 27.69 10.80 -1.81
C ALA G 41 27.21 11.68 -0.65
N GLY G 42 27.62 11.31 0.56
CA GLY G 42 27.26 12.05 1.75
C GLY G 42 25.85 11.85 2.26
N GLN G 43 25.02 11.10 1.54
CA GLN G 43 23.62 10.88 1.92
C GLN G 43 23.43 9.46 2.40
N ALA G 44 22.23 9.22 2.94
CA ALA G 44 21.80 7.90 3.37
C ALA G 44 21.20 7.14 2.20
N PRO G 45 21.17 5.80 2.27
CA PRO G 45 20.55 5.03 1.20
C PRO G 45 19.08 5.38 1.03
N ARG G 46 18.58 5.17 -0.18
CA ARG G 46 17.19 5.48 -0.54
C ARG G 46 16.56 4.23 -1.14
N LEU G 47 15.50 3.73 -0.50
CA LEU G 47 14.84 2.52 -0.95
C LEU G 47 14.20 2.73 -2.32
N LEU G 48 14.60 1.93 -3.30
CA LEU G 48 14.04 1.96 -4.64
C LEU G 48 13.10 0.80 -4.91
N ILE G 49 13.52 -0.42 -4.59
CA ILE G 49 12.76 -1.62 -4.92
C ILE G 49 12.64 -2.48 -3.67
N TYR G 50 11.43 -2.94 -3.36
CA TYR G 50 11.20 -3.88 -2.29
C TYR G 50 10.59 -5.15 -2.86
N GLY G 51 10.92 -6.29 -2.25
CA GLY G 51 10.39 -7.57 -2.68
C GLY G 51 10.67 -7.88 -4.14
N THR G 52 11.94 -7.88 -4.51
CA THR G 52 12.40 -8.23 -5.86
C THR G 52 11.83 -7.31 -6.94
N SER G 53 10.51 -7.30 -7.11
CA SER G 53 9.88 -6.57 -8.20
C SER G 53 9.00 -5.40 -7.76
N GLY G 54 8.72 -5.27 -6.47
CA GLY G 54 7.87 -4.18 -6.02
C GLY G 54 8.60 -2.84 -6.00
N ARG G 55 7.87 -1.79 -6.34
CA ARG G 55 8.43 -0.45 -6.43
C ARG G 55 8.02 0.37 -5.20
N ALA G 56 8.99 0.95 -4.53
CA ALA G 56 8.73 1.70 -3.31
C ALA G 56 7.95 2.98 -3.64
N THR G 57 7.35 3.55 -2.60
CA THR G 57 6.49 4.73 -2.77
C THR G 57 7.32 5.93 -3.18
N GLY G 58 6.87 6.63 -4.23
CA GLY G 58 7.56 7.80 -4.73
C GLY G 58 8.65 7.51 -5.73
N VAL G 59 9.08 6.27 -5.87
CA VAL G 59 10.15 5.94 -6.82
C VAL G 59 9.62 6.10 -8.24
N PRO G 60 10.36 6.76 -9.14
CA PRO G 60 9.90 6.87 -10.53
C PRO G 60 9.75 5.50 -11.18
N GLY G 61 8.98 5.49 -12.28
CA GLY G 61 8.67 4.24 -12.95
C GLY G 61 9.83 3.65 -13.74
N ARG G 62 10.82 4.47 -14.10
CA ARG G 62 11.95 3.97 -14.89
C ARG G 62 12.75 2.91 -14.15
N PHE G 63 12.63 2.85 -12.82
CA PHE G 63 13.29 1.82 -12.03
C PHE G 63 12.40 0.59 -11.95
N SER G 64 12.96 -0.58 -12.27
CA SER G 64 12.24 -1.83 -12.17
C SER G 64 13.16 -2.91 -11.62
N GLY G 65 12.55 -3.91 -11.01
CA GLY G 65 13.31 -5.02 -10.44
C GLY G 65 12.81 -6.35 -10.95
N SER G 66 13.74 -7.26 -11.21
CA SER G 66 13.39 -8.58 -11.70
C SER G 66 14.37 -9.59 -11.13
N GLY G 67 14.11 -10.86 -11.39
CA GLY G 67 14.99 -11.94 -10.99
C GLY G 67 14.35 -12.87 -9.98
N SER G 68 15.08 -13.95 -9.71
CA SER G 68 14.62 -14.97 -8.78
C SER G 68 15.80 -15.84 -8.36
N GLU G 69 15.56 -16.69 -7.36
CA GLU G 69 16.52 -17.69 -6.91
C GLU G 69 17.85 -17.07 -6.51
N THR G 70 18.80 -17.05 -7.45
CA THR G 70 20.15 -16.57 -7.18
C THR G 70 20.61 -15.52 -8.18
N ASP G 71 19.70 -14.91 -8.94
CA ASP G 71 20.05 -13.90 -9.92
C ASP G 71 18.95 -12.85 -9.95
N PHE G 72 19.31 -11.61 -9.64
CA PHE G 72 18.36 -10.51 -9.63
C PHE G 72 18.96 -9.34 -10.41
N SER G 73 18.08 -8.43 -10.85
CA SER G 73 18.50 -7.35 -11.72
C SER G 73 17.68 -6.10 -11.44
N LEU G 74 18.37 -4.97 -11.38
CA LEU G 74 17.76 -3.65 -11.32
C LEU G 74 17.93 -2.99 -12.70
N THR G 75 16.82 -2.57 -13.29
CA THR G 75 16.82 -2.03 -14.64
C THR G 75 16.28 -0.60 -14.62
N ILE G 76 17.10 0.33 -15.11
CA ILE G 76 16.69 1.71 -15.32
C ILE G 76 16.53 1.89 -16.83
N SER G 77 15.28 2.01 -17.28
CA SER G 77 15.00 2.03 -18.71
C SER G 77 15.52 3.30 -19.37
N ARG G 78 15.42 4.43 -18.68
CA ARG G 78 15.90 5.70 -19.21
C ARG G 78 16.65 6.44 -18.11
N LEU G 79 17.95 6.62 -18.29
CA LEU G 79 18.78 7.27 -17.28
C LEU G 79 18.56 8.78 -17.28
N GLU G 80 18.44 9.33 -16.08
CA GLU G 80 18.35 10.76 -15.84
C GLU G 80 19.63 11.26 -15.17
N PRO G 81 19.91 12.57 -15.22
CA PRO G 81 21.14 13.07 -14.60
C PRO G 81 21.25 12.74 -13.11
N GLU G 82 20.14 12.73 -12.38
CA GLU G 82 20.20 12.45 -10.95
C GLU G 82 20.25 10.96 -10.64
N ASP G 83 20.11 10.09 -11.64
CA ASP G 83 20.16 8.66 -11.42
C ASP G 83 21.57 8.14 -11.20
N PHE G 84 22.59 8.93 -11.51
CA PHE G 84 23.98 8.48 -11.40
C PHE G 84 24.40 8.51 -9.93
N ALA G 85 24.49 7.34 -9.32
CA ALA G 85 24.86 7.21 -7.91
C ALA G 85 25.39 5.79 -7.70
N VAL G 86 25.35 5.32 -6.46
CA VAL G 86 25.72 3.96 -6.12
C VAL G 86 24.44 3.18 -5.84
N TYR G 87 24.43 1.91 -6.25
CA TYR G 87 23.25 1.06 -6.09
C TYR G 87 23.62 -0.20 -5.35
N TYR G 88 22.85 -0.52 -4.31
CA TYR G 88 23.09 -1.69 -3.47
C TYR G 88 21.91 -2.64 -3.56
N CYS G 89 22.19 -3.93 -3.45
CA CYS G 89 21.17 -4.96 -3.33
C CYS G 89 21.27 -5.61 -1.97
N GLN G 90 20.11 -5.86 -1.36
CA GLN G 90 20.02 -6.44 -0.03
C GLN G 90 19.09 -7.64 -0.05
N GLN G 91 19.48 -8.69 0.66
CA GLN G 91 18.62 -9.84 0.90
C GLN G 91 18.36 -9.95 2.39
N TYR G 92 17.14 -10.35 2.74
CA TYR G 92 16.78 -10.61 4.13
C TYR G 92 16.07 -11.95 4.22
N GLY G 93 16.34 -12.68 5.30
CA GLY G 93 15.75 -14.00 5.50
C GLY G 93 15.84 -14.46 6.94
N THR G 94 14.68 -14.68 7.56
CA THR G 94 14.57 -15.17 8.94
C THR G 94 15.28 -14.25 9.92
N SER G 95 16.59 -14.44 10.11
CA SER G 95 17.32 -13.68 11.14
C SER G 95 18.66 -13.13 10.63
N GLN G 96 18.80 -12.93 9.33
CA GLN G 96 20.04 -12.40 8.77
C GLN G 96 19.72 -11.50 7.59
N SER G 97 20.66 -10.62 7.25
CA SER G 97 20.51 -9.71 6.12
C SER G 97 21.89 -9.20 5.71
N THR G 98 22.19 -9.31 4.42
CA THR G 98 23.47 -8.85 3.87
C THR G 98 23.21 -7.90 2.71
N PHE G 99 24.26 -7.18 2.33
CA PHE G 99 24.23 -6.25 1.21
C PHE G 99 25.25 -6.67 0.17
N GLY G 100 25.28 -5.91 -0.93
CA GLY G 100 26.31 -6.07 -1.94
C GLY G 100 27.38 -5.00 -1.83
N GLN G 101 28.46 -5.20 -2.58
CA GLN G 101 29.55 -4.23 -2.53
C GLN G 101 29.18 -2.91 -3.17
N GLY G 102 28.23 -2.93 -4.11
CA GLY G 102 27.78 -1.71 -4.75
C GLY G 102 28.22 -1.55 -6.19
N THR G 103 27.29 -1.19 -7.07
CA THR G 103 27.58 -0.87 -8.45
C THR G 103 27.46 0.64 -8.63
N ARG G 104 28.53 1.27 -9.10
CA ARG G 104 28.59 2.72 -9.23
C ARG G 104 28.24 3.13 -10.65
N LEU G 105 27.30 4.06 -10.77
CA LEU G 105 26.84 4.58 -12.06
C LEU G 105 27.44 5.98 -12.25
N GLU G 106 28.42 6.09 -13.14
CA GLU G 106 29.08 7.34 -13.42
C GLU G 106 28.67 7.87 -14.79
N THR G 107 28.56 9.19 -14.90
CA THR G 107 28.31 9.81 -16.19
C THR G 107 29.50 9.62 -17.12
N ARG G 108 29.22 9.53 -18.41
CA ARG G 108 30.25 9.30 -19.41
C ARG G 108 30.59 10.62 -20.11
N ARG G 109 31.84 10.73 -20.54
CA ARG G 109 32.31 11.91 -21.26
C ARG G 109 33.55 11.52 -22.06
N THR G 110 34.08 12.49 -22.80
CA THR G 110 35.30 12.27 -23.54
C THR G 110 36.49 12.20 -22.59
N VAL G 111 37.57 11.57 -23.06
CA VAL G 111 38.77 11.42 -22.26
C VAL G 111 39.39 12.78 -21.99
N ALA G 112 39.79 13.02 -20.74
CA ALA G 112 40.38 14.29 -20.33
C ALA G 112 41.68 14.01 -19.60
N ALA G 113 42.77 14.59 -20.08
CA ALA G 113 44.06 14.43 -19.43
C ALA G 113 44.14 15.31 -18.19
N PRO G 114 44.83 14.85 -17.14
CA PRO G 114 44.89 15.64 -15.90
C PRO G 114 45.85 16.81 -16.02
N SER G 115 45.47 17.91 -15.38
CA SER G 115 46.38 19.04 -15.19
C SER G 115 47.20 18.78 -13.94
N VAL G 116 48.52 18.67 -14.09
CA VAL G 116 49.39 18.23 -13.02
C VAL G 116 50.12 19.42 -12.44
N PHE G 117 50.00 19.60 -11.13
CA PHE G 117 50.73 20.62 -10.38
C PHE G 117 51.51 19.95 -9.25
N ILE G 118 52.62 20.55 -8.86
CA ILE G 118 53.43 20.05 -7.76
C ILE G 118 53.70 21.19 -6.78
N PHE G 119 53.52 20.91 -5.50
CA PHE G 119 53.65 21.89 -4.43
C PHE G 119 54.73 21.44 -3.45
N PRO G 120 55.78 22.23 -3.25
CA PRO G 120 56.79 21.89 -2.24
C PRO G 120 56.29 22.21 -0.85
N PRO G 121 56.91 21.64 0.19
CA PRO G 121 56.51 21.96 1.56
C PRO G 121 56.82 23.42 1.89
N SER G 122 55.94 24.02 2.69
CA SER G 122 56.15 25.40 3.10
C SER G 122 57.24 25.48 4.17
N ASP G 123 57.85 26.67 4.28
CA ASP G 123 58.85 26.88 5.32
C ASP G 123 58.24 26.74 6.71
N GLU G 124 56.96 27.10 6.86
CA GLU G 124 56.30 26.96 8.15
C GLU G 124 56.24 25.49 8.57
N GLN G 125 55.91 24.60 7.64
CA GLN G 125 55.89 23.17 7.96
C GLN G 125 57.30 22.66 8.25
N LEU G 126 58.29 23.09 7.47
CA LEU G 126 59.67 22.66 7.70
C LEU G 126 60.18 23.14 9.05
N LYS G 127 59.63 24.23 9.59
CA LYS G 127 60.01 24.67 10.92
C LYS G 127 59.52 23.72 12.01
N SER G 128 58.83 22.63 11.65
CA SER G 128 58.32 21.67 12.61
C SER G 128 58.88 20.27 12.43
N GLY G 129 59.87 20.10 11.56
CA GLY G 129 60.53 18.81 11.41
C GLY G 129 59.82 17.80 10.54
N THR G 130 58.98 18.26 9.61
CA THR G 130 58.28 17.37 8.69
C THR G 130 58.17 18.05 7.34
N ALA G 131 57.99 17.25 6.29
CA ALA G 131 57.90 17.76 4.93
C ALA G 131 56.83 16.99 4.17
N SER G 132 55.87 17.71 3.60
CA SER G 132 54.81 17.13 2.78
C SER G 132 54.87 17.76 1.40
N VAL G 133 55.13 16.92 0.39
CA VAL G 133 55.15 17.34 -1.00
C VAL G 133 53.86 16.88 -1.66
N VAL G 134 53.17 17.80 -2.35
CA VAL G 134 51.84 17.52 -2.88
C VAL G 134 51.91 17.46 -4.40
N CYS G 135 51.18 16.50 -4.97
CA CYS G 135 50.99 16.41 -6.42
C CYS G 135 49.51 16.38 -6.70
N LEU G 136 49.03 17.32 -7.51
CA LEU G 136 47.61 17.50 -7.80
C LEU G 136 47.35 17.17 -9.26
N LEU G 137 46.41 16.25 -9.50
CA LEU G 137 45.93 15.89 -10.82
C LEU G 137 44.50 16.39 -10.91
N ASN G 138 44.28 17.46 -11.68
CA ASN G 138 43.01 18.15 -11.70
C ASN G 138 42.25 17.86 -13.00
N ASN G 139 40.95 17.59 -12.86
CA ASN G 139 40.01 17.54 -13.98
C ASN G 139 40.48 16.57 -15.07
N PHE G 140 40.35 15.28 -14.74
CA PHE G 140 40.71 14.21 -15.66
C PHE G 140 39.59 13.18 -15.71
N TYR G 141 39.68 12.31 -16.71
CA TYR G 141 38.73 11.22 -16.93
C TYR G 141 39.34 10.25 -17.94
N PRO G 142 39.24 8.93 -17.72
CA PRO G 142 38.54 8.25 -16.63
C PRO G 142 39.24 8.32 -15.27
N ARG G 143 38.71 7.56 -14.31
CA ARG G 143 39.16 7.69 -12.92
C ARG G 143 40.55 7.07 -12.72
N GLU G 144 40.90 6.05 -13.51
CA GLU G 144 42.17 5.36 -13.32
C GLU G 144 43.34 6.30 -13.61
N ALA G 145 44.21 6.49 -12.63
CA ALA G 145 45.41 7.30 -12.80
C ALA G 145 46.51 6.71 -11.92
N LYS G 146 47.75 6.92 -12.34
CA LYS G 146 48.91 6.39 -11.62
C LYS G 146 49.87 7.53 -11.29
N VAL G 147 50.29 7.60 -10.04
CA VAL G 147 51.19 8.65 -9.55
C VAL G 147 52.40 7.98 -8.93
N GLN G 148 53.59 8.38 -9.37
CA GLN G 148 54.85 7.85 -8.86
C GLN G 148 55.71 9.00 -8.36
N TRP G 149 56.25 8.85 -7.16
CA TRP G 149 57.13 9.85 -6.58
C TRP G 149 58.58 9.45 -6.80
N LYS G 150 59.41 10.44 -7.13
CA LYS G 150 60.84 10.25 -7.36
C LYS G 150 61.61 11.32 -6.62
N VAL G 151 62.49 10.90 -5.71
CA VAL G 151 63.35 11.79 -4.95
C VAL G 151 64.78 11.55 -5.43
N ASP G 152 65.33 12.54 -6.16
CA ASP G 152 66.62 12.41 -6.84
C ASP G 152 66.62 11.21 -7.79
N ASN G 153 65.56 11.12 -8.60
CA ASN G 153 65.41 10.08 -9.62
C ASN G 153 65.43 8.67 -9.02
N ALA G 154 64.89 8.53 -7.81
CA ALA G 154 64.75 7.24 -7.14
C ALA G 154 63.29 7.04 -6.78
N LEU G 155 62.69 5.97 -7.30
CA LEU G 155 61.27 5.74 -7.09
C LEU G 155 60.98 5.49 -5.61
N GLN G 156 59.98 6.18 -5.09
CA GLN G 156 59.55 6.03 -3.71
C GLN G 156 58.43 5.01 -3.61
N SER G 157 58.25 4.48 -2.40
CA SER G 157 57.21 3.49 -2.14
C SER G 157 56.95 3.42 -0.65
N GLY G 158 55.67 3.41 -0.28
CA GLY G 158 55.27 3.27 1.11
C GLY G 158 55.20 4.57 1.89
N ASN G 159 55.60 5.70 1.31
CA ASN G 159 55.60 6.98 1.99
C ASN G 159 54.71 8.00 1.29
N SER G 160 53.71 7.52 0.56
CA SER G 160 52.79 8.40 -0.16
C SER G 160 51.36 7.93 0.08
N GLN G 161 50.46 8.90 0.21
CA GLN G 161 49.03 8.63 0.37
C GLN G 161 48.23 9.53 -0.55
N GLU G 162 47.24 8.96 -1.22
CA GLU G 162 46.45 9.72 -2.19
C GLU G 162 44.97 9.57 -1.91
N SER G 163 44.21 10.54 -2.42
CA SER G 163 42.76 10.52 -2.35
C SER G 163 42.19 11.10 -3.65
N VAL G 164 40.91 10.81 -3.89
CA VAL G 164 40.22 11.20 -5.11
C VAL G 164 38.88 11.81 -4.75
N THR G 165 38.51 12.87 -5.46
CA THR G 165 37.21 13.51 -5.25
C THR G 165 36.11 12.74 -5.95
N GLU G 166 34.87 13.02 -5.54
CA GLU G 166 33.71 12.48 -6.23
C GLU G 166 33.64 13.03 -7.65
N GLN G 167 32.88 12.35 -8.51
CA GLN G 167 32.72 12.83 -9.87
C GLN G 167 32.01 14.17 -9.87
N ASP G 168 32.63 15.16 -10.52
CA ASP G 168 32.07 16.50 -10.55
C ASP G 168 30.73 16.50 -11.28
N SER G 169 29.72 17.09 -10.64
CA SER G 169 28.37 17.08 -11.19
C SER G 169 28.21 17.97 -12.42
N LYS G 170 29.23 18.75 -12.78
CA LYS G 170 29.15 19.65 -13.92
C LYS G 170 29.90 19.11 -15.14
N ASP G 171 31.22 18.96 -15.04
CA ASP G 171 32.04 18.55 -16.16
C ASP G 171 32.42 17.07 -16.12
N SER G 172 31.95 16.33 -15.12
CA SER G 172 32.13 14.88 -15.05
C SER G 172 33.60 14.46 -15.03
N THR G 173 34.43 15.25 -14.36
CA THR G 173 35.85 14.98 -14.24
C THR G 173 36.20 14.60 -12.80
N TYR G 174 37.42 14.12 -12.62
CA TYR G 174 37.92 13.70 -11.32
C TYR G 174 39.16 14.49 -10.94
N SER G 175 39.48 14.45 -9.65
CA SER G 175 40.68 15.10 -9.15
C SER G 175 41.34 14.20 -8.13
N LEU G 176 42.66 14.09 -8.21
CA LEU G 176 43.46 13.25 -7.33
C LEU G 176 44.50 14.11 -6.63
N SER G 177 44.69 13.86 -5.33
N SER G 177 44.69 13.87 -5.33
CA SER G 177 45.71 14.53 -4.53
CA SER G 177 45.71 14.53 -4.53
C SER G 177 46.59 13.49 -3.89
C SER G 177 46.59 13.49 -3.89
N SER G 178 47.88 13.52 -4.21
CA SER G 178 48.86 12.60 -3.65
C SER G 178 49.83 13.38 -2.78
N THR G 179 50.19 12.82 -1.63
CA THR G 179 51.05 13.50 -0.66
C THR G 179 52.18 12.57 -0.28
N LEU G 180 53.40 13.04 -0.47
CA LEU G 180 54.62 12.34 -0.07
C LEU G 180 55.12 12.95 1.24
N THR G 181 55.30 12.10 2.25
CA THR G 181 55.68 12.53 3.59
C THR G 181 57.10 12.10 3.90
N LEU G 182 57.93 13.06 4.30
CA LEU G 182 59.31 12.79 4.67
C LEU G 182 59.64 13.57 5.95
N SER G 183 60.72 13.15 6.61
CA SER G 183 61.24 13.93 7.71
C SER G 183 61.99 15.15 7.17
N LYS G 184 62.26 16.10 8.06
CA LYS G 184 63.02 17.27 7.66
C LYS G 184 64.42 16.88 7.22
N ALA G 185 65.03 15.92 7.92
CA ALA G 185 66.36 15.46 7.57
C ALA G 185 66.37 14.80 6.19
N ASP G 186 65.45 13.86 5.97
CA ASP G 186 65.37 13.20 4.66
C ASP G 186 64.99 14.18 3.55
N TYR G 187 64.29 15.27 3.88
CA TYR G 187 63.97 16.26 2.86
C TYR G 187 65.20 17.08 2.50
N GLU G 188 65.92 17.60 3.50
CA GLU G 188 67.13 18.36 3.23
C GLU G 188 68.23 17.49 2.64
N LYS G 189 68.12 16.16 2.76
CA LYS G 189 69.17 15.28 2.28
C LYS G 189 69.26 15.26 0.76
N HIS G 190 68.15 15.46 0.07
CA HIS G 190 68.08 15.30 -1.38
C HIS G 190 67.85 16.65 -2.06
N LYS G 191 67.68 16.60 -3.38
CA LYS G 191 67.68 17.82 -4.19
C LYS G 191 66.46 17.91 -5.10
N VAL G 192 66.21 16.86 -5.89
CA VAL G 192 65.15 16.86 -6.89
C VAL G 192 63.94 16.10 -6.34
N TYR G 193 62.76 16.69 -6.48
CA TYR G 193 61.51 16.04 -6.10
C TYR G 193 60.56 16.11 -7.29
N ALA G 194 60.13 14.95 -7.78
CA ALA G 194 59.30 14.88 -8.98
C ALA G 194 58.14 13.93 -8.76
N CYS G 195 57.01 14.25 -9.40
CA CYS G 195 55.86 13.37 -9.44
CA CYS G 195 55.84 13.40 -9.44
C CYS G 195 55.50 13.09 -10.89
N GLU G 196 55.42 11.81 -11.23
CA GLU G 196 55.17 11.34 -12.59
C GLU G 196 53.77 10.76 -12.67
N VAL G 197 53.00 11.23 -13.64
CA VAL G 197 51.59 10.89 -13.79
C VAL G 197 51.42 10.08 -15.06
N THR G 198 50.74 8.94 -14.93
CA THR G 198 50.35 8.10 -16.07
C THR G 198 48.83 8.05 -16.12
N HIS G 199 48.28 8.38 -17.29
CA HIS G 199 46.84 8.44 -17.49
C HIS G 199 46.54 8.16 -18.96
N GLN G 200 45.30 7.74 -19.22
CA GLN G 200 44.91 7.40 -20.59
C GLN G 200 44.89 8.63 -21.49
N GLY G 201 44.54 9.79 -20.95
CA GLY G 201 44.55 11.02 -21.70
C GLY G 201 45.92 11.55 -22.05
N LEU G 202 46.99 10.92 -21.56
CA LEU G 202 48.36 11.34 -21.82
C LEU G 202 49.02 10.33 -22.75
N SER G 203 49.68 10.84 -23.80
CA SER G 203 50.44 9.98 -24.69
C SER G 203 51.77 9.54 -24.09
N SER G 204 52.21 10.18 -23.00
CA SER G 204 53.46 9.85 -22.34
C SER G 204 53.36 10.29 -20.89
N PRO G 205 54.02 9.60 -19.98
CA PRO G 205 53.97 10.00 -18.56
C PRO G 205 54.49 11.41 -18.37
N VAL G 206 53.72 12.22 -17.64
CA VAL G 206 54.04 13.63 -17.43
C VAL G 206 54.70 13.79 -16.08
N THR G 207 55.91 14.34 -16.05
CA THR G 207 56.67 14.50 -14.83
C THR G 207 56.74 15.98 -14.48
N LYS G 208 56.32 16.33 -13.26
CA LYS G 208 56.43 17.68 -12.73
C LYS G 208 57.37 17.64 -11.53
N SER G 209 58.40 18.48 -11.56
CA SER G 209 59.49 18.39 -10.58
C SER G 209 59.84 19.77 -10.05
N PHE G 210 60.69 19.77 -9.03
CA PHE G 210 61.29 20.99 -8.51
C PHE G 210 62.55 20.63 -7.73
N ASN G 211 63.48 21.59 -7.70
CA ASN G 211 64.70 21.46 -6.92
C ASN G 211 64.52 22.13 -5.55
N ARG G 212 65.01 21.47 -4.51
CA ARG G 212 64.87 21.99 -3.16
C ARG G 212 65.66 23.28 -3.00
N GLY G 213 64.98 24.32 -2.52
CA GLY G 213 65.64 25.60 -2.28
C GLY G 213 65.80 26.47 -3.50
N GLU G 214 64.89 26.38 -4.46
CA GLU G 214 64.95 27.22 -5.65
C GLU G 214 63.60 27.88 -5.94
N LYS H 1 5.31 13.36 6.99
CA LYS H 1 6.34 12.43 6.59
C LYS H 1 7.13 11.95 7.81
N VAL H 2 7.58 10.71 7.78
CA VAL H 2 8.34 10.13 8.88
C VAL H 2 9.76 10.67 8.84
N GLN H 3 10.23 11.16 9.98
CA GLN H 3 11.57 11.73 10.12
C GLN H 3 12.34 10.95 11.18
N LEU H 4 13.58 10.59 10.87
CA LEU H 4 14.46 9.92 11.81
C LEU H 4 15.65 10.84 12.09
N VAL H 5 15.79 11.26 13.34
CA VAL H 5 16.84 12.17 13.76
C VAL H 5 17.75 11.44 14.74
N GLN H 6 19.02 11.30 14.37
CA GLN H 6 19.99 10.58 15.18
C GLN H 6 20.79 11.55 16.04
N SER H 7 21.58 10.98 16.95
CA SER H 7 22.43 11.77 17.83
C SER H 7 23.66 12.27 17.08
N GLY H 8 24.47 13.07 17.77
CA GLY H 8 25.65 13.64 17.15
C GLY H 8 26.78 12.64 16.99
N ALA H 9 27.84 13.09 16.32
CA ALA H 9 29.02 12.26 16.13
C ALA H 9 29.73 12.01 17.45
N GLU H 10 30.38 10.85 17.55
CA GLU H 10 31.05 10.44 18.77
C GLU H 10 32.45 9.95 18.46
N LEU H 11 33.36 10.16 19.41
CA LEU H 11 34.72 9.65 19.34
C LEU H 11 34.99 8.88 20.62
N LYS H 12 35.21 7.57 20.50
CA LYS H 12 35.44 6.69 21.64
C LYS H 12 36.81 6.05 21.51
N LYS H 13 37.50 5.92 22.64
CA LYS H 13 38.73 5.15 22.66
C LYS H 13 38.40 3.67 22.53
N PRO H 14 39.35 2.84 22.12
CA PRO H 14 39.06 1.40 22.03
C PRO H 14 38.60 0.82 23.36
N TRP H 15 37.76 -0.21 23.28
CA TRP H 15 37.21 -1.02 24.38
C TRP H 15 36.19 -0.28 25.22
N SER H 16 35.93 1.00 24.95
CA SER H 16 34.82 1.70 25.60
C SER H 16 33.52 1.37 24.86
N SER H 17 32.42 1.90 25.35
CA SER H 17 31.12 1.67 24.74
C SER H 17 30.61 2.93 24.07
N VAL H 18 29.67 2.75 23.15
CA VAL H 18 29.03 3.86 22.44
C VAL H 18 27.53 3.63 22.46
N ARG H 19 26.77 4.73 22.44
CA ARG H 19 25.32 4.67 22.48
C ARG H 19 24.77 5.71 21.51
N VAL H 20 24.08 5.24 20.47
CA VAL H 20 23.51 6.11 19.44
C VAL H 20 21.99 6.03 19.54
N SER H 21 21.35 7.19 19.47
CA SER H 21 19.90 7.30 19.58
C SER H 21 19.29 7.67 18.23
N CYS H 22 17.97 7.44 18.12
CA CYS H 22 17.25 7.61 16.86
C CYS H 22 15.83 8.04 17.20
N LYS H 23 15.54 9.33 17.03
CA LYS H 23 14.23 9.89 17.36
C LYS H 23 13.34 9.82 16.13
N ALA H 24 12.20 9.16 16.26
CA ALA H 24 11.24 9.02 15.17
C ALA H 24 10.06 9.95 15.41
N SER H 25 9.50 10.44 14.31
CA SER H 25 8.38 11.37 14.37
C SER H 25 7.67 11.37 13.03
N GLY H 26 6.42 11.81 13.05
CA GLY H 26 5.64 11.88 11.82
C GLY H 26 5.10 10.55 11.36
N GLY H 27 4.95 9.58 12.24
CA GLY H 27 4.43 8.29 11.86
C GLY H 27 4.34 7.38 13.06
N SER H 28 3.60 6.29 12.88
CA SER H 28 3.46 5.30 13.94
C SER H 28 4.81 4.66 14.24
N PHE H 29 5.09 4.48 15.53
CA PHE H 29 6.42 4.10 16.00
C PHE H 29 6.49 2.66 16.50
N SER H 30 5.63 2.29 17.44
CA SER H 30 5.81 1.03 18.16
C SER H 30 5.57 -0.20 17.31
N SER H 31 4.85 -0.07 16.19
CA SER H 31 4.42 -1.22 15.40
C SER H 31 5.27 -1.45 14.16
N TYR H 32 6.39 -0.73 14.00
CA TYR H 32 7.28 -0.92 12.88
C TYR H 32 8.67 -1.30 13.37
N ALA H 33 9.50 -1.77 12.45
CA ALA H 33 10.82 -2.28 12.76
C ALA H 33 11.88 -1.21 12.47
N PHE H 34 12.63 -0.84 13.50
CA PHE H 34 13.74 0.09 13.38
C PHE H 34 15.05 -0.69 13.40
N ASN H 35 15.87 -0.50 12.37
CA ASN H 35 17.11 -1.24 12.21
C ASN H 35 18.30 -0.30 12.23
N TRP H 36 19.46 -0.85 12.61
CA TRP H 36 20.71 -0.12 12.62
C TRP H 36 21.64 -0.72 11.56
N VAL H 37 22.07 0.12 10.63
CA VAL H 37 22.95 -0.30 9.53
C VAL H 37 24.13 0.66 9.50
N ARG H 38 25.34 0.12 9.58
CA ARG H 38 26.55 0.92 9.55
C ARG H 38 27.24 0.79 8.20
N GLN H 39 28.11 1.75 7.91
CA GLN H 39 28.82 1.80 6.63
C GLN H 39 30.21 2.35 6.88
N ALA H 40 31.23 1.50 6.74
CA ALA H 40 32.59 1.93 6.96
C ALA H 40 33.04 2.86 5.82
N PRO H 41 34.02 3.73 6.08
CA PRO H 41 34.53 4.60 5.01
C PRO H 41 34.96 3.83 3.78
N GLY H 42 34.15 3.85 2.74
CA GLY H 42 34.48 3.18 1.50
C GLY H 42 34.20 1.70 1.48
N GLN H 43 33.24 1.23 2.28
CA GLN H 43 32.88 -0.18 2.36
C GLN H 43 31.36 -0.31 2.24
N ARG H 44 30.88 -1.56 2.20
CA ARG H 44 29.46 -1.80 1.94
C ARG H 44 28.64 -1.64 3.22
N LEU H 45 27.32 -1.63 3.05
CA LEU H 45 26.41 -1.55 4.17
C LEU H 45 26.38 -2.85 4.96
N GLU H 46 26.28 -2.74 6.28
CA GLU H 46 26.30 -3.88 7.17
C GLU H 46 25.16 -3.75 8.17
N TRP H 47 24.26 -4.73 8.18
CA TRP H 47 23.11 -4.71 9.08
C TRP H 47 23.51 -5.26 10.44
N LEU H 48 23.32 -4.47 11.50
CA LEU H 48 23.65 -4.90 12.84
C LEU H 48 22.48 -5.61 13.51
N GLY H 49 21.31 -5.00 13.49
CA GLY H 49 20.14 -5.60 14.12
C GLY H 49 18.94 -4.70 13.97
N GLY H 50 17.92 -4.98 14.78
CA GLY H 50 16.70 -4.18 14.75
C GLY H 50 15.81 -4.53 15.91
N ILE H 51 14.73 -3.76 16.03
CA ILE H 51 13.76 -3.94 17.11
C ILE H 51 12.39 -3.47 16.65
N VAL H 52 11.36 -4.17 17.12
CA VAL H 52 9.97 -3.74 17.02
C VAL H 52 9.54 -3.29 18.41
N PRO H 53 9.34 -1.99 18.65
CA PRO H 53 9.18 -1.49 20.03
C PRO H 53 7.96 -2.02 20.75
N LEU H 54 6.95 -2.53 20.04
CA LEU H 54 5.72 -2.96 20.70
C LEU H 54 5.99 -4.08 21.70
N VAL H 55 6.37 -5.26 21.21
CA VAL H 55 6.68 -6.38 22.09
C VAL H 55 8.16 -6.36 22.44
N SER H 56 8.85 -5.28 22.07
CA SER H 56 10.30 -5.15 22.26
C SER H 56 11.05 -6.31 21.61
N SER H 57 10.53 -6.77 20.47
CA SER H 57 11.10 -7.92 19.77
C SER H 57 12.36 -7.47 19.03
N THR H 58 13.51 -7.90 19.53
CA THR H 58 14.80 -7.60 18.93
C THR H 58 15.30 -8.77 18.10
N ASN H 59 16.30 -8.49 17.26
CA ASN H 59 16.92 -9.50 16.42
C ASN H 59 18.22 -8.94 15.88
N TYR H 60 19.34 -9.54 16.26
CA TYR H 60 20.66 -9.05 15.92
C TYR H 60 21.33 -9.98 14.91
N ALA H 61 22.38 -9.46 14.29
CA ALA H 61 23.19 -10.26 13.37
C ALA H 61 24.16 -11.13 14.14
N GLN H 62 24.53 -12.27 13.54
CA GLN H 62 25.41 -13.22 14.21
C GLN H 62 26.78 -12.61 14.50
N ARG H 63 27.25 -11.69 13.64
CA ARG H 63 28.55 -11.09 13.84
C ARG H 63 28.59 -10.17 15.05
N PHE H 64 27.43 -9.73 15.55
CA PHE H 64 27.37 -8.76 16.63
C PHE H 64 26.60 -9.25 17.85
N ARG H 65 26.34 -10.55 17.94
CA ARG H 65 25.68 -11.10 19.11
C ARG H 65 26.61 -10.99 20.32
N GLY H 66 26.21 -10.20 21.32
CA GLY H 66 26.99 -10.00 22.53
C GLY H 66 27.56 -8.60 22.64
N ARG H 67 27.84 -7.95 21.51
CA ARG H 67 28.35 -6.59 21.49
C ARG H 67 27.27 -5.54 21.26
N VAL H 68 26.19 -5.90 20.57
CA VAL H 68 25.16 -4.96 20.16
C VAL H 68 23.90 -5.22 20.98
N THR H 69 23.36 -4.15 21.57
CA THR H 69 22.09 -4.18 22.26
C THR H 69 21.23 -3.05 21.71
N ILE H 70 20.04 -3.40 21.20
CA ILE H 70 19.13 -2.43 20.61
C ILE H 70 17.87 -2.39 21.47
N SER H 71 17.50 -1.18 21.90
CA SER H 71 16.35 -0.96 22.75
C SER H 71 15.47 0.12 22.14
N ALA H 72 14.32 0.37 22.79
CA ALA H 72 13.38 1.37 22.30
C ALA H 72 12.60 1.95 23.46
N ASP H 73 12.36 3.26 23.38
CA ASP H 73 11.58 4.00 24.36
C ASP H 73 10.31 4.47 23.65
N ARG H 74 9.20 3.80 23.91
CA ARG H 74 7.95 4.11 23.21
C ARG H 74 7.42 5.50 23.58
N SER H 75 7.63 5.92 24.83
CA SER H 75 7.09 7.20 25.29
C SER H 75 7.75 8.39 24.60
N THR H 76 8.95 8.22 24.07
CA THR H 76 9.64 9.29 23.36
C THR H 76 9.91 8.94 21.90
N SER H 77 9.41 7.80 21.43
CA SER H 77 9.60 7.37 20.05
C SER H 77 11.08 7.36 19.66
N THR H 78 11.90 6.76 20.52
CA THR H 78 13.34 6.75 20.37
C THR H 78 13.85 5.32 20.34
N VAL H 79 14.81 5.06 19.45
CA VAL H 79 15.48 3.76 19.35
C VAL H 79 16.95 3.97 19.69
N TYR H 80 17.51 3.03 20.45
CA TYR H 80 18.88 3.14 20.95
C TYR H 80 19.73 1.98 20.45
N LEU H 81 20.97 2.29 20.10
CA LEU H 81 21.97 1.28 19.75
C LEU H 81 23.15 1.43 20.71
N GLU H 82 23.42 0.37 21.46
CA GLU H 82 24.56 0.33 22.37
C GLU H 82 25.53 -0.73 21.89
N MET H 83 26.81 -0.36 21.79
CA MET H 83 27.84 -1.24 21.28
C MET H 83 29.01 -1.27 22.27
N THR H 84 29.41 -2.45 22.67
CA THR H 84 30.53 -2.65 23.59
C THR H 84 31.71 -3.27 22.84
N GLY H 85 32.86 -3.28 23.51
CA GLY H 85 34.06 -3.85 22.93
C GLY H 85 34.49 -3.17 21.64
N LEU H 86 34.48 -1.84 21.62
CA LEU H 86 34.79 -1.11 20.40
C LEU H 86 36.27 -1.23 20.05
N THR H 87 36.54 -1.48 18.78
CA THR H 87 37.88 -1.43 18.21
C THR H 87 37.86 -0.49 17.02
N SER H 88 39.03 -0.27 16.44
CA SER H 88 39.13 0.58 15.25
C SER H 88 38.31 0.06 14.09
N ALA H 89 38.01 -1.25 14.06
CA ALA H 89 37.19 -1.84 13.03
C ALA H 89 35.73 -1.39 13.10
N ASP H 90 35.33 -0.76 14.20
CA ASP H 90 33.96 -0.28 14.38
C ASP H 90 33.79 1.18 13.96
N THR H 91 34.85 1.81 13.44
CA THR H 91 34.76 3.20 12.99
C THR H 91 33.98 3.24 11.67
N ALA H 92 32.78 3.82 11.71
CA ALA H 92 31.92 3.87 10.54
C ALA H 92 30.84 4.92 10.78
N VAL H 93 29.96 5.06 9.79
CA VAL H 93 28.74 5.86 9.92
C VAL H 93 27.59 4.90 10.24
N TYR H 94 26.85 5.20 11.30
CA TYR H 94 25.78 4.33 11.78
C TYR H 94 24.44 4.96 11.45
N PHE H 95 23.66 4.29 10.61
CA PHE H 95 22.34 4.75 10.22
C PHE H 95 21.27 3.98 10.98
N CYS H 96 20.16 4.66 11.23
CA CYS H 96 18.96 4.03 11.76
CA CYS H 96 18.94 4.07 11.79
C CYS H 96 17.87 4.10 10.71
N ALA H 97 17.30 2.94 10.38
CA ALA H 97 16.36 2.83 9.28
C ALA H 97 15.08 2.13 9.75
N ARG H 98 13.95 2.78 9.53
CA ARG H 98 12.64 2.19 9.76
C ARG H 98 12.13 1.55 8.47
N GLU H 99 11.48 0.40 8.64
CA GLU H 99 11.06 -0.41 7.50
C GLU H 99 9.93 0.27 6.74
N GLY H 100 9.63 -0.29 5.57
CA GLY H 100 8.70 0.37 4.67
C GLY H 100 7.26 0.27 5.12
N GLU H 101 6.45 1.16 4.56
CA GLU H 101 5.02 1.22 4.82
C GLU H 101 4.27 0.80 3.55
N GLY H 102 3.41 -0.19 3.68
CA GLY H 102 2.74 -0.75 2.52
C GLY H 102 1.26 -0.42 2.42
N TRP H 103 0.48 -1.36 1.90
CA TRP H 103 -0.97 -1.18 1.74
C TRP H 103 -1.62 -1.05 3.12
N PHE H 104 -2.19 0.12 3.39
CA PHE H 104 -2.81 0.46 4.67
C PHE H 104 -1.84 0.38 5.83
N GLY H 105 -0.54 0.54 5.56
CA GLY H 105 0.46 0.57 6.60
C GLY H 105 1.08 -0.75 6.96
N ARG H 106 0.91 -1.78 6.13
CA ARG H 106 1.55 -3.05 6.41
C ARG H 106 3.07 -2.91 6.32
N PRO H 107 3.82 -3.56 7.21
CA PRO H 107 5.28 -3.47 7.15
C PRO H 107 5.83 -4.06 5.86
N LEU H 108 6.93 -3.50 5.39
CA LEU H 108 7.54 -3.91 4.13
C LEU H 108 8.92 -4.53 4.29
N ARG H 109 9.40 -4.69 5.52
CA ARG H 109 10.72 -5.24 5.81
C ARG H 109 11.85 -4.35 5.28
N ALA H 110 11.81 -4.00 4.00
CA ALA H 110 12.83 -3.15 3.41
C ALA H 110 12.89 -1.81 4.12
N PHE H 111 14.10 -1.24 4.17
CA PHE H 111 14.36 -0.03 4.92
C PHE H 111 13.96 1.18 4.08
N GLU H 112 12.81 1.77 4.37
CA GLU H 112 12.33 2.90 3.59
C GLU H 112 12.73 4.24 4.19
N PHE H 113 12.78 4.37 5.51
CA PHE H 113 13.09 5.66 6.13
C PHE H 113 14.44 5.58 6.81
N TRP H 114 15.27 6.60 6.61
CA TRP H 114 16.64 6.61 7.12
C TRP H 114 16.92 7.86 7.93
N GLY H 115 17.81 7.73 8.90
CA GLY H 115 18.34 8.87 9.61
C GLY H 115 19.46 9.54 8.85
N GLN H 116 19.93 10.67 9.40
CA GLN H 116 20.97 11.44 8.72
C GLN H 116 22.35 10.82 8.85
N GLY H 117 22.52 9.83 9.71
CA GLY H 117 23.82 9.21 9.89
C GLY H 117 24.57 9.73 11.10
N THR H 118 25.24 8.84 11.82
CA THR H 118 26.04 9.19 12.98
C THR H 118 27.42 8.58 12.83
N LEU H 119 28.43 9.43 12.63
CA LEU H 119 29.80 8.95 12.53
C LEU H 119 30.33 8.61 13.91
N VAL H 120 30.72 7.35 14.10
CA VAL H 120 31.33 6.87 15.33
C VAL H 120 32.75 6.47 15.01
N THR H 121 33.71 7.15 15.65
CA THR H 121 35.13 6.91 15.43
C THR H 121 35.72 6.27 16.66
N VAL H 122 36.44 5.16 16.46
CA VAL H 122 37.10 4.44 17.55
C VAL H 122 38.59 4.47 17.27
N SER H 123 39.34 5.14 18.15
CA SER H 123 40.78 5.30 17.99
C SER H 123 41.39 5.76 19.29
N THR H 124 42.68 5.45 19.48
CA THR H 124 43.44 5.94 20.61
C THR H 124 43.96 7.36 20.41
N ALA H 125 43.77 7.93 19.22
CA ALA H 125 44.29 9.26 18.94
C ALA H 125 43.56 10.32 19.76
N SER H 126 44.31 11.31 20.22
CA SER H 126 43.72 12.43 20.95
C SER H 126 43.17 13.45 19.96
N THR H 127 42.25 14.27 20.47
CA THR H 127 41.61 15.31 19.66
C THR H 127 42.59 16.46 19.48
N LYS H 128 43.10 16.62 18.26
CA LYS H 128 44.09 17.64 17.94
C LYS H 128 43.56 18.55 16.84
N GLY H 129 43.82 19.84 16.98
CA GLY H 129 43.48 20.80 15.95
C GLY H 129 44.42 20.70 14.76
N PRO H 130 43.99 21.23 13.62
CA PRO H 130 44.79 21.08 12.40
C PRO H 130 45.83 22.16 12.21
N SER H 131 46.91 21.78 11.53
CA SER H 131 47.92 22.71 11.05
C SER H 131 47.63 23.02 9.60
N VAL H 132 47.42 24.29 9.29
CA VAL H 132 47.04 24.72 7.95
C VAL H 132 48.29 25.30 7.29
N PHE H 133 48.82 24.57 6.30
CA PHE H 133 50.00 24.99 5.56
C PHE H 133 49.60 25.41 4.15
N PRO H 134 50.26 26.45 3.61
CA PRO H 134 49.88 26.91 2.26
C PRO H 134 50.54 26.10 1.17
N LEU H 135 49.76 25.79 0.14
CA LEU H 135 50.27 25.21 -1.10
C LEU H 135 50.35 26.36 -2.11
N ALA H 136 51.49 27.05 -2.11
CA ALA H 136 51.66 28.27 -2.88
C ALA H 136 51.60 27.97 -4.39
N PRO H 137 51.06 28.90 -5.18
CA PRO H 137 50.99 28.67 -6.63
C PRO H 137 52.38 28.63 -7.26
N SER H 138 52.46 27.91 -8.38
CA SER H 138 53.73 27.78 -9.08
C SER H 138 54.19 29.12 -9.61
N SER H 139 55.51 29.35 -9.53
CA SER H 139 56.10 30.59 -10.04
C SER H 139 55.95 30.73 -11.55
N LYS H 140 55.57 29.65 -12.24
CA LYS H 140 55.42 29.66 -13.68
C LYS H 140 54.02 30.09 -14.08
N GLY H 145 47.28 29.48 -18.94
CA GLY H 145 46.92 30.62 -18.13
C GLY H 145 46.15 30.25 -16.87
N THR H 146 46.38 29.03 -16.38
CA THR H 146 45.71 28.52 -15.19
C THR H 146 46.75 28.12 -14.17
N ALA H 147 46.64 28.68 -12.97
CA ALA H 147 47.51 28.33 -11.85
C ALA H 147 46.67 27.65 -10.76
N ALA H 148 47.36 26.92 -9.89
CA ALA H 148 46.72 26.15 -8.83
C ALA H 148 47.37 26.47 -7.49
N LEU H 149 46.53 26.70 -6.48
CA LEU H 149 46.98 26.93 -5.11
C LEU H 149 46.04 26.17 -4.19
N GLY H 150 46.33 26.21 -2.88
CA GLY H 150 45.48 25.54 -1.93
C GLY H 150 46.07 25.56 -0.53
N CYS H 151 45.40 24.85 0.37
CA CYS H 151 45.82 24.72 1.75
CA CYS H 151 45.81 24.73 1.75
C CYS H 151 45.89 23.26 2.14
N LEU H 152 46.94 22.89 2.87
CA LEU H 152 47.14 21.53 3.35
C LEU H 152 46.74 21.49 4.82
N VAL H 153 45.61 20.85 5.10
CA VAL H 153 45.09 20.72 6.46
C VAL H 153 45.63 19.41 7.03
N LYS H 154 46.69 19.50 7.82
CA LYS H 154 47.44 18.33 8.25
C LYS H 154 47.34 18.12 9.75
N ASP H 155 47.30 16.84 10.15
CA ASP H 155 47.42 16.40 11.55
C ASP H 155 46.30 16.99 12.42
N TYR H 156 45.09 16.49 12.17
CA TYR H 156 43.93 16.81 12.98
C TYR H 156 43.18 15.52 13.28
N PHE H 157 42.35 15.57 14.32
CA PHE H 157 41.59 14.40 14.74
C PHE H 157 40.51 14.85 15.70
N PRO H 158 39.26 14.38 15.55
CA PRO H 158 38.88 13.47 14.47
C PRO H 158 38.26 14.22 13.30
N GLU H 159 37.49 13.51 12.50
CA GLU H 159 36.70 14.15 11.46
C GLU H 159 35.51 14.86 12.09
N PRO H 160 34.97 15.89 11.43
CA PRO H 160 35.41 16.47 10.17
C PRO H 160 36.01 17.86 10.29
N VAL H 161 36.48 18.40 9.17
CA VAL H 161 36.84 19.81 9.06
C VAL H 161 36.07 20.39 7.88
N THR H 162 35.85 21.70 7.93
CA THR H 162 35.18 22.42 6.86
C THR H 162 36.13 23.46 6.30
N VAL H 163 36.17 23.56 4.97
CA VAL H 163 37.09 24.46 4.28
C VAL H 163 36.32 25.32 3.29
N SER H 164 36.39 26.64 3.47
CA SER H 164 35.88 27.60 2.51
C SER H 164 37.04 28.44 1.98
N TRP H 165 36.74 29.29 1.00
CA TRP H 165 37.75 30.14 0.39
C TRP H 165 37.23 31.57 0.31
N ASN H 166 38.04 32.52 0.77
CA ASN H 166 37.66 33.93 0.83
C ASN H 166 36.32 34.11 1.55
N SER H 167 36.17 33.39 2.66
CA SER H 167 34.95 33.41 3.48
C SER H 167 33.73 32.96 2.67
N GLY H 168 33.94 32.02 1.75
CA GLY H 168 32.87 31.44 0.97
C GLY H 168 32.58 32.11 -0.35
N ALA H 169 33.24 33.24 -0.65
CA ALA H 169 32.97 33.92 -1.92
C ALA H 169 33.53 33.15 -3.10
N LEU H 170 34.65 32.46 -2.91
CA LEU H 170 35.29 31.70 -3.99
C LEU H 170 34.82 30.25 -3.92
N THR H 171 34.06 29.84 -4.94
CA THR H 171 33.59 28.46 -5.04
C THR H 171 33.91 27.81 -6.38
N SER H 172 34.33 28.57 -7.39
CA SER H 172 34.58 28.02 -8.71
C SER H 172 35.92 27.29 -8.76
N GLY H 173 35.90 26.06 -9.28
CA GLY H 173 37.10 25.28 -9.44
C GLY H 173 37.75 24.80 -8.16
N VAL H 174 37.04 24.82 -7.04
CA VAL H 174 37.60 24.39 -5.76
C VAL H 174 37.44 22.89 -5.63
N HIS H 175 38.48 22.22 -5.14
CA HIS H 175 38.45 20.78 -4.88
C HIS H 175 38.96 20.55 -3.47
N THR H 176 38.06 20.21 -2.56
CA THR H 176 38.43 19.80 -1.21
C THR H 176 38.45 18.27 -1.16
N PHE H 177 39.63 17.71 -0.95
CA PHE H 177 39.81 16.28 -1.10
C PHE H 177 39.39 15.51 0.15
N PRO H 178 38.92 14.28 -0.02
CA PRO H 178 38.64 13.44 1.16
C PRO H 178 39.91 13.20 1.97
N ALA H 179 39.76 13.26 3.29
CA ALA H 179 40.91 13.11 4.17
C ALA H 179 41.45 11.68 4.12
N VAL H 180 42.77 11.56 4.17
CA VAL H 180 43.42 10.26 4.32
C VAL H 180 43.89 10.12 5.76
N LEU H 181 43.87 8.90 6.26
CA LEU H 181 44.24 8.61 7.64
C LEU H 181 45.70 8.19 7.68
N GLN H 182 46.55 9.08 8.18
CA GLN H 182 47.98 8.81 8.24
C GLN H 182 48.29 7.70 9.25
N SER H 183 49.49 7.15 9.14
CA SER H 183 49.92 6.10 10.07
C SER H 183 49.97 6.60 11.51
N SER H 184 50.12 7.90 11.71
CA SER H 184 50.07 8.49 13.04
C SER H 184 48.67 8.52 13.64
N GLY H 185 47.68 7.95 12.95
CA GLY H 185 46.31 8.02 13.41
C GLY H 185 45.63 9.35 13.23
N LEU H 186 46.30 10.33 12.63
CA LEU H 186 45.74 11.66 12.42
C LEU H 186 45.34 11.84 10.97
N TYR H 187 44.33 12.68 10.75
CA TYR H 187 43.81 12.94 9.42
C TYR H 187 44.54 14.10 8.77
N SER H 188 44.51 14.11 7.44
CA SER H 188 45.12 15.19 6.67
C SER H 188 44.45 15.26 5.31
N LEU H 189 43.95 16.44 4.95
CA LEU H 189 43.36 16.66 3.64
C LEU H 189 43.97 17.90 3.02
N SER H 190 43.69 18.09 1.73
CA SER H 190 44.15 19.25 0.99
C SER H 190 42.99 19.82 0.18
N SER H 191 42.82 21.14 0.22
CA SER H 191 41.79 21.83 -0.53
C SER H 191 42.48 22.76 -1.53
N VAL H 192 42.34 22.45 -2.82
CA VAL H 192 43.01 23.21 -3.87
C VAL H 192 41.96 24.00 -4.66
N VAL H 193 42.46 24.93 -5.47
CA VAL H 193 41.60 25.73 -6.34
C VAL H 193 42.44 26.20 -7.53
N THR H 194 41.81 26.21 -8.71
CA THR H 194 42.46 26.67 -9.93
C THR H 194 41.93 28.05 -10.31
N VAL H 195 42.84 28.99 -10.49
CA VAL H 195 42.48 30.38 -10.76
C VAL H 195 43.30 30.88 -11.94
N PRO H 196 42.87 31.96 -12.58
CA PRO H 196 43.70 32.59 -13.61
C PRO H 196 45.02 33.07 -13.02
N SER H 197 46.12 32.68 -13.66
CA SER H 197 47.45 33.04 -13.19
C SER H 197 47.73 34.54 -13.29
N SER H 198 46.86 35.30 -13.95
CA SER H 198 47.01 36.75 -14.01
C SER H 198 46.47 37.45 -12.78
N SER H 199 45.81 36.73 -11.87
CA SER H 199 45.23 37.30 -10.67
C SER H 199 45.98 36.90 -9.41
N LEU H 200 47.16 36.30 -9.54
CA LEU H 200 47.93 35.87 -8.38
C LEU H 200 48.63 37.02 -7.67
N GLY H 201 48.82 38.15 -8.35
CA GLY H 201 49.49 39.28 -7.76
C GLY H 201 48.56 40.37 -7.26
N THR H 202 47.27 40.23 -7.58
CA THR H 202 46.26 41.21 -7.21
C THR H 202 45.23 40.68 -6.23
N GLN H 203 44.64 39.51 -6.51
CA GLN H 203 43.60 38.98 -5.66
C GLN H 203 44.20 38.22 -4.48
N THR H 204 43.75 38.56 -3.27
CA THR H 204 44.19 37.87 -2.06
C THR H 204 43.36 36.62 -1.86
N TYR H 205 44.04 35.48 -1.64
CA TYR H 205 43.39 34.19 -1.43
C TYR H 205 43.60 33.74 0.01
N ILE H 206 42.50 33.49 0.70
CA ILE H 206 42.53 33.05 2.10
C ILE H 206 41.69 31.79 2.23
N CYS H 207 42.25 30.77 2.86
CA CYS H 207 41.54 29.52 3.11
CA CYS H 207 41.57 29.50 3.11
C CYS H 207 41.08 29.47 4.56
N ASN H 208 39.81 29.16 4.75
CA ASN H 208 39.19 29.15 6.06
C ASN H 208 38.94 27.71 6.49
N VAL H 209 39.63 27.29 7.56
CA VAL H 209 39.53 25.93 8.08
C VAL H 209 38.83 26.00 9.44
N ASN H 210 37.81 25.16 9.62
CA ASN H 210 37.06 25.10 10.86
C ASN H 210 37.02 23.65 11.33
N HIS H 211 37.52 23.41 12.54
CA HIS H 211 37.53 22.08 13.15
C HIS H 211 36.77 22.19 14.47
N LYS H 212 35.47 21.87 14.42
CA LYS H 212 34.63 22.02 15.61
C LYS H 212 35.05 21.18 16.81
N PRO H 213 35.50 19.92 16.66
CA PRO H 213 35.89 19.15 17.85
C PRO H 213 36.95 19.82 18.72
N SER H 214 37.90 20.55 18.11
CA SER H 214 38.93 21.24 18.87
C SER H 214 38.67 22.74 18.98
N ASN H 215 37.50 23.21 18.52
CA ASN H 215 37.17 24.63 18.51
C ASN H 215 38.28 25.45 17.87
N THR H 216 38.61 25.08 16.63
CA THR H 216 39.72 25.66 15.89
C THR H 216 39.19 26.33 14.63
N LYS H 217 39.38 27.64 14.53
CA LYS H 217 39.07 28.39 13.32
C LYS H 217 40.36 29.08 12.85
N VAL H 218 40.84 28.68 11.68
CA VAL H 218 42.11 29.17 11.14
C VAL H 218 41.85 29.82 9.79
N ASP H 219 42.39 31.03 9.62
CA ASP H 219 42.39 31.73 8.35
C ASP H 219 43.83 31.84 7.87
N LYS H 220 44.15 31.16 6.78
CA LYS H 220 45.50 31.11 6.25
C LYS H 220 45.55 31.80 4.90
N LYS H 221 46.36 32.86 4.80
CA LYS H 221 46.56 33.55 3.54
C LYS H 221 47.59 32.83 2.70
N VAL H 222 47.24 32.52 1.45
CA VAL H 222 48.11 31.79 0.53
C VAL H 222 48.72 32.81 -0.41
N GLU H 223 50.00 33.14 -0.20
CA GLU H 223 50.72 34.10 -1.00
C GLU H 223 51.58 33.40 -2.04
N PRO H 224 51.91 34.08 -3.14
CA PRO H 224 52.74 33.45 -4.18
C PRO H 224 54.12 33.05 -3.65
N LYS H 225 54.70 32.06 -4.30
CA LYS H 225 56.00 31.51 -3.91
C LYS H 225 57.11 32.34 -4.56
N SER H 226 57.90 33.02 -3.73
CA SER H 226 59.00 33.83 -4.22
C SER H 226 60.26 33.63 -3.38
C1 GOL I . 18.90 -35.57 13.67
O1 GOL I . 18.40 -36.78 14.15
C2 GOL I . 18.02 -35.17 12.45
O2 GOL I . 18.05 -36.13 11.45
C3 GOL I . 16.60 -34.93 13.03
O3 GOL I . 16.40 -33.55 13.10
C1 GOL J . 24.88 -25.37 5.47
O1 GOL J . 24.37 -24.08 5.58
C2 GOL J . 24.85 -25.74 3.98
O2 GOL J . 25.72 -24.95 3.23
C3 GOL J . 25.24 -27.23 3.95
O3 GOL J . 24.93 -27.70 2.68
C1 GOL K . 6.54 -42.83 13.05
O1 GOL K . 7.13 -41.65 12.58
C2 GOL K . 6.26 -43.72 11.81
O2 GOL K . 7.29 -44.61 11.56
C3 GOL K . 4.91 -44.43 12.11
O3 GOL K . 3.97 -43.89 11.23
S SO4 L . -3.00 -42.60 3.35
O1 SO4 L . -2.58 -41.23 3.12
O2 SO4 L . -4.15 -42.91 2.50
O3 SO4 L . -1.90 -43.51 3.02
O4 SO4 L . -3.37 -42.77 4.75
S SO4 M . 4.29 -17.27 4.87
O1 SO4 M . 4.36 -16.16 5.83
O2 SO4 M . 2.88 -17.54 4.56
O3 SO4 M . 4.99 -16.91 3.65
O4 SO4 M . 4.90 -18.46 5.46
S SO4 N . 6.04 -60.01 14.83
O1 SO4 N . 6.61 -58.76 15.34
O2 SO4 N . 4.67 -60.14 15.27
O3 SO4 N . 6.10 -60.01 13.37
O4 SO4 N . 6.83 -61.13 15.34
O13 44E O . 2.76 -14.77 23.94
P 44E O . 2.72 -13.80 25.11
O14 44E O . 2.56 -14.58 26.38
O12 44E O . 4.00 -13.02 25.15
O11 44E O . 1.44 -12.78 24.92
C1 44E O . 1.61 -11.43 25.23
C2 44E O . 2.06 -10.65 23.98
O21 44E O . 1.80 -9.29 24.14
C21 44E O . 0.63 -9.00 24.86
O22 44E O . -0.41 -8.90 24.30
C3 44E O . 1.32 -11.17 22.74
O31 44E O . 2.05 -10.87 21.60
C31 44E O . 1.60 -9.75 20.89
O32 44E O . 0.64 -9.16 21.25
O13 44E P . -5.80 -17.79 30.59
P 44E P . -6.91 -16.97 29.99
O14 44E P . -7.13 -17.40 28.56
O12 44E P . -8.18 -17.18 30.77
O11 44E P . -6.49 -15.39 30.03
C1 44E P . -5.92 -14.89 31.21
C2 44E P . -5.12 -13.63 30.93
O21 44E P . -5.37 -13.20 29.61
C21 44E P . -6.38 -12.22 29.48
O22 44E P . -7.50 -12.47 29.76
C3 44E P . -3.63 -13.94 31.07
O31 44E P . -3.26 -13.74 32.40
C31 44E P . -1.87 -13.81 32.62
O32 44E P . -1.47 -14.19 33.67
C1 GOL Q . -12.38 -6.58 -28.19
O1 GOL Q . -11.48 -7.05 -29.15
C2 GOL Q . -13.73 -6.35 -28.91
O2 GOL Q . -14.66 -7.34 -28.61
C3 GOL Q . -14.18 -4.93 -28.48
O3 GOL Q . -15.25 -5.08 -27.60
C1 GOL R . -24.36 -14.66 -6.77
O1 GOL R . -23.11 -14.36 -7.31
C2 GOL R . -25.25 -15.18 -7.93
O2 GOL R . -24.49 -15.81 -8.93
C3 GOL R . -26.25 -16.15 -7.25
O3 GOL R . -25.60 -17.38 -7.13
C1 GOL S . -14.60 -27.58 -9.75
O1 GOL S . -15.17 -26.96 -10.86
C2 GOL S . -15.36 -27.06 -8.51
O2 GOL S . -16.70 -27.44 -8.50
C3 GOL S . -14.57 -27.63 -7.31
O3 GOL S . -15.20 -27.17 -6.16
S SO4 T . -36.69 4.05 -23.13
O1 SO4 T . -36.61 5.33 -22.44
O2 SO4 T . -37.67 4.15 -24.22
O3 SO4 T . -35.39 3.70 -23.69
O4 SO4 T . -37.12 3.02 -22.18
S SO4 U . -34.96 23.78 -5.37
O1 SO4 U . -35.25 23.74 -3.94
O2 SO4 U . -35.83 24.75 -6.00
O3 SO4 U . -33.57 24.16 -5.57
O4 SO4 U . -35.19 22.46 -5.94
S SO4 V . -2.40 -11.20 -0.55
O1 SO4 V . -1.97 -10.55 -1.78
O2 SO4 V . -3.84 -11.12 -0.43
O3 SO4 V . -1.78 -10.52 0.60
O4 SO4 V . -1.98 -12.59 -0.56
S SO4 W . -14.63 3.85 -18.11
O1 SO4 W . -14.85 5.11 -17.39
O2 SO4 W . -15.91 3.16 -18.30
O3 SO4 W . -14.04 4.13 -19.41
O4 SO4 W . -13.73 3.00 -17.34
S SO4 X . -13.36 14.92 -9.41
O1 SO4 X . -12.62 15.97 -10.11
O2 SO4 X . -14.77 14.98 -9.77
O3 SO4 X . -13.20 15.10 -7.97
O4 SO4 X . -12.82 13.62 -9.80
O13 44E Y . -13.75 3.96 17.69
P 44E Y . -14.45 4.33 18.98
O14 44E Y . -15.93 4.03 18.85
O12 44E Y . -14.27 5.81 19.23
O11 44E Y . -13.83 3.45 20.22
C1 44E Y . -14.70 3.06 21.24
C2 44E Y . -14.06 1.95 22.08
O21 44E Y . -12.70 1.86 21.79
C21 44E Y . -11.88 1.97 22.92
O22 44E Y . -11.02 2.78 22.95
C3 44E Y . -14.74 0.62 21.78
O31 44E Y . -16.11 0.73 22.08
C31 44E Y . -16.56 -0.24 22.98
O32 44E Y . -17.62 -0.75 22.80
O13 44E Z . -14.84 -7.38 17.27
P 44E Z . -13.58 -6.56 17.07
O14 44E Z . -13.39 -6.28 15.59
O12 44E Z . -13.70 -5.27 17.82
O11 44E Z . -12.29 -7.42 17.64
C1 44E Z . -11.03 -7.18 17.08
C2 44E Z . -9.96 -7.50 18.12
O21 44E Z . -9.67 -6.35 18.88
C21 44E Z . -10.43 -6.19 20.03
O22 44E Z . -11.50 -5.69 19.98
C3 44E Z . -8.69 -7.96 17.39
O31 44E Z . -7.56 -7.50 18.07
C31 44E Z . -6.34 -7.79 17.44
O32 44E Z . -5.50 -6.96 17.37
C1 GOL AA . 12.88 42.17 14.76
O1 GOL AA . 11.68 42.47 14.13
C2 GOL AA . 13.31 40.77 14.26
O2 GOL AA . 14.62 40.75 13.84
C3 GOL AA . 13.06 39.81 15.46
O3 GOL AA . 13.67 38.61 15.17
C1 GOL BA . -29.92 36.33 15.14
O1 GOL BA . -28.80 37.17 15.21
C2 GOL BA . -29.72 35.40 13.91
O2 GOL BA . -29.55 36.11 12.73
C3 GOL BA . -28.48 34.54 14.26
O3 GOL BA . -28.82 33.79 15.39
S SO4 CA . -28.87 18.65 2.64
O1 SO4 CA . -29.17 20.02 3.05
O2 SO4 CA . -30.09 17.98 2.22
O3 SO4 CA . -27.92 18.69 1.53
O4 SO4 CA . -28.27 17.92 3.77
S SO4 DA . -19.19 44.34 11.17
O1 SO4 DA . -19.03 45.62 11.87
O2 SO4 DA . -20.16 44.47 10.10
O3 SO4 DA . -17.90 43.93 10.61
O4 SO4 DA . -19.64 43.32 12.13
S SO4 EA . -17.92 42.82 -10.76
O1 SO4 EA . -18.72 41.93 -9.92
O2 SO4 EA . -18.44 44.18 -10.67
O3 SO4 EA . -16.54 42.79 -10.27
O4 SO4 EA . -17.95 42.37 -12.15
O13 44E FA . -2.25 14.95 22.31
P 44E FA . -3.10 13.72 22.18
O14 44E FA . -2.63 12.90 21.00
O12 44E FA . -4.54 14.10 22.00
O11 44E FA . -2.94 12.83 23.56
C1 44E FA . -2.12 13.33 24.59
C2 44E FA . -2.76 13.07 25.95
O21 44E FA . -2.23 13.95 26.90
C21 44E FA . -2.65 13.71 28.21
O22 44E FA . -2.76 14.60 28.97
C3 44E FA . -2.49 11.63 26.37
O31 44E FA . -3.25 10.75 25.57
C31 44E FA . -3.39 9.47 26.12
O32 44E FA . -3.01 8.53 25.52
O13 44E GA . -13.42 11.08 21.52
P 44E GA . -13.30 9.62 21.13
O14 44E GA . -14.69 9.00 21.04
O12 44E GA . -12.60 9.49 19.80
O11 44E GA . -12.41 8.81 22.26
C1 44E GA . -11.44 7.89 21.81
C2 44E GA . -10.65 7.35 23.00
O21 44E GA . -9.83 6.30 22.58
C21 44E GA . -8.75 6.69 21.77
O22 44E GA . -8.19 7.71 22.01
C22 44E GA . -8.33 5.81 20.61
C23 44E GA . -6.96 6.26 20.10
C3 44E GA . -11.62 6.85 24.05
O31 44E GA . -11.96 5.53 23.73
C31 44E GA . -12.78 4.89 24.67
O32 44E GA . -13.67 4.20 24.31
C32 44E GA . -12.50 5.07 26.17
C33 44E GA . -12.48 3.71 26.86
C34 44E GA . -11.06 3.15 26.87
C35 44E GA . -10.97 1.91 27.77
C36 44E GA . -11.47 2.25 29.18
C4 44E GA . -6.43 5.21 19.11
C5 44E GA . -4.94 5.47 18.85
C6 44E GA . -4.29 4.18 18.32
C1 GOL HA . 28.94 6.99 -0.64
O1 GOL HA . 28.53 5.69 -0.95
C2 GOL HA . 29.34 7.00 0.86
O2 GOL HA . 30.63 6.51 1.06
C3 GOL HA . 29.20 8.48 1.29
O3 GOL HA . 27.84 8.74 1.38
C1 GOL IA . 27.98 7.47 28.16
O1 GOL IA . 27.11 8.03 27.23
C2 GOL IA . 27.62 5.97 28.31
O2 GOL IA . 28.01 5.23 27.21
C3 GOL IA . 28.32 5.51 29.61
O3 GOL IA . 27.54 5.97 30.66
S SO4 JA . 34.16 -8.21 15.08
O1 SO4 JA . 34.86 -6.92 15.16
O2 SO4 JA . 32.84 -8.08 15.67
O3 SO4 JA . 34.93 -9.21 15.81
O4 SO4 JA . 34.03 -8.60 13.68
S SO4 KA . 33.66 -4.14 1.53
O1 SO4 KA . 34.26 -3.75 0.26
O2 SO4 KA . 32.44 -3.38 1.75
O3 SO4 KA . 34.60 -3.88 2.62
O4 SO4 KA . 33.34 -5.57 1.50
S SO4 LA . 44.83 14.28 0.68
O1 SO4 LA . 45.19 15.61 1.13
O2 SO4 LA . 43.83 14.37 -0.39
O3 SO4 LA . 46.02 13.59 0.17
O4 SO4 LA . 44.27 13.52 1.79
O13 44E MA . 2.71 3.94 16.91
P 44E MA . 2.38 4.52 18.26
O14 44E MA . 3.57 5.27 18.79
O12 44E MA . 1.20 5.45 18.13
O11 44E MA . 2.01 3.28 19.29
C1 44E MA . 0.77 3.28 19.94
C2 44E MA . -0.28 2.65 19.03
O21 44E MA . -1.32 2.14 19.83
C21 44E MA . -0.98 0.98 20.53
O22 44E MA . -1.69 0.03 20.49
C3 44E MA . 0.33 1.51 18.21
O31 44E MA . -0.43 1.31 17.06
C31 44E MA . -0.79 -0.03 16.86
O32 44E MA . -0.49 -0.86 17.65
O13 44E NA . 9.55 1.29 27.54
P 44E NA . 8.52 2.40 27.55
O14 44E NA . 8.58 3.17 26.26
O12 44E NA . 8.78 3.34 28.71
O11 44E NA . 7.02 1.74 27.70
C1 44E NA . 6.01 2.54 28.23
C2 44E NA . 4.75 2.45 27.39
O21 44E NA . 3.89 3.46 27.82
C21 44E NA . 3.91 4.57 26.97
O22 44E NA . 3.87 5.67 27.40
C3 44E NA . 4.04 1.11 27.60
O31 44E NA . 2.74 1.18 27.11
C31 44E NA . 1.78 1.14 28.12
O32 44E NA . 1.34 0.11 28.48
#